data_9BKA
# 
_entry.id   9BKA 
# 
_audit_conform.dict_name       mmcif_pdbx.dic 
_audit_conform.dict_version    5.396 
_audit_conform.dict_location   http://mmcif.pdb.org/dictionaries/ascii/mmcif_pdbx.dic 
# 
loop_
_database_2.database_id 
_database_2.database_code 
_database_2.pdbx_database_accession 
_database_2.pdbx_DOI 
PDB   9BKA         pdb_00009bka 10.2210/pdb9bka/pdb 
WWPDB D_1000283583 ?            ?                   
# 
_pdbx_audit_revision_history.ordinal             1 
_pdbx_audit_revision_history.data_content_type   'Structure model' 
_pdbx_audit_revision_history.major_revision      1 
_pdbx_audit_revision_history.minor_revision      0 
_pdbx_audit_revision_history.revision_date       2024-09-04 
# 
_pdbx_audit_revision_details.ordinal             1 
_pdbx_audit_revision_details.revision_ordinal    1 
_pdbx_audit_revision_details.data_content_type   'Structure model' 
_pdbx_audit_revision_details.provider            repository 
_pdbx_audit_revision_details.type                'Initial release' 
_pdbx_audit_revision_details.description         ? 
_pdbx_audit_revision_details.details             ? 
# 
_pdbx_database_status.status_code                     REL 
_pdbx_database_status.status_code_sf                  REL 
_pdbx_database_status.status_code_mr                  ? 
_pdbx_database_status.entry_id                        9BKA 
_pdbx_database_status.recvd_initial_deposition_date   2024-04-26 
_pdbx_database_status.SG_entry                        N 
_pdbx_database_status.deposit_site                    RCSB 
_pdbx_database_status.process_site                    RCSB 
_pdbx_database_status.status_code_cs                  ? 
_pdbx_database_status.status_code_nmr_data            ? 
_pdbx_database_status.methods_development_category    ? 
_pdbx_database_status.pdb_format_compatible           Y 
# 
_pdbx_contact_author.id                 4 
_pdbx_contact_author.email              bcw@uga.edu 
_pdbx_contact_author.name_first         Bi-Cheng 
_pdbx_contact_author.name_last          Wang 
_pdbx_contact_author.name_mi            ? 
_pdbx_contact_author.role               'principal investigator/group leader' 
_pdbx_contact_author.identifier_ORCID   0000-0002-1575-4476 
# 
loop_
_audit_author.name 
_audit_author.pdbx_ordinal 
_audit_author.identifier_ORCID 
'Zhou, D.'   1 0000-0002-1949-1896 
'Chen, L.'   2 0000-0002-5163-4308 
'Rose, J.P.' 3 0000-0002-7341-2108 
'Wang, B.C.' 4 0000-0002-1575-4476 
# 
_citation.abstract                  ? 
_citation.abstract_id_CAS           ? 
_citation.book_id_ISBN              ? 
_citation.book_publisher            ? 
_citation.book_publisher_city       ? 
_citation.book_title                ? 
_citation.coordinate_linkage        ? 
_citation.country                   ? 
_citation.database_id_Medline       ? 
_citation.details                   ? 
_citation.id                        primary 
_citation.journal_abbrev            'To Be Published' 
_citation.journal_id_ASTM           ? 
_citation.journal_id_CSD            0353 
_citation.journal_id_ISSN           ? 
_citation.journal_full              ? 
_citation.journal_issue             ? 
_citation.journal_volume            ? 
_citation.language                  ? 
_citation.page_first                ? 
_citation.page_last                 ? 
_citation.title                     'Crystal structure of Rid family protein PSPTO3006' 
_citation.year                      ? 
_citation.database_id_CSD           ? 
_citation.pdbx_database_id_DOI      ? 
_citation.pdbx_database_id_PubMed   ? 
_citation.pdbx_database_id_patent   ? 
_citation.unpublished_flag          ? 
# 
loop_
_citation_author.citation_id 
_citation_author.name 
_citation_author.ordinal 
_citation_author.identifier_ORCID 
primary 'Zhou, D.'   1 0000-0002-1949-1896 
primary 'Chen, L.'   2 0000-0002-5163-4308 
primary 'Rose, J.P.' 3 0000-0002-7341-2108 
primary 'Wang, B.C.' 4 0000-0002-1575-4476 
# 
loop_
_entity.id 
_entity.type 
_entity.src_method 
_entity.pdbx_description 
_entity.formula_weight 
_entity.pdbx_number_of_molecules 
_entity.pdbx_ec 
_entity.pdbx_mutation 
_entity.pdbx_fragment 
_entity.details 
1 polymer man 'Rid family protein PSPTO3006' 15126.105 1   ? ? ? ? 
2 water   nat water                          18.015    106 ? ? ? ? 
# 
_entity_poly.entity_id                      1 
_entity_poly.type                           'polypeptide(L)' 
_entity_poly.nstd_linkage                   no 
_entity_poly.nstd_monomer                   no 
_entity_poly.pdbx_seq_one_letter_code       
;MSDSIQRTSVGDFPISQTVTVPASASLIFISGTLPDLADPHAPAGTPAAYGNTQVQTVSVFNKLRRILQQQDLDLGDIVQ
LRVFLVGAEETGGKLDFAGLQAGYTQFFGTPEQPLKPARTALQVVALPLPGALIEVEAVAARSA
;
_entity_poly.pdbx_seq_one_letter_code_can   
;MSDSIQRTSVGDFPISQTVTVPASASLIFISGTLPDLADPHAPAGTPAAYGNTQVQTVSVFNKLRRILQQQDLDLGDIVQ
LRVFLVGAEETGGKLDFAGLQAGYTQFFGTPEQPLKPARTALQVVALPLPGALIEVEAVAARSA
;
_entity_poly.pdbx_strand_id                 A 
_entity_poly.pdbx_target_identifier         ? 
# 
_pdbx_entity_nonpoly.entity_id   2 
_pdbx_entity_nonpoly.name        water 
_pdbx_entity_nonpoly.comp_id     HOH 
# 
loop_
_entity_poly_seq.entity_id 
_entity_poly_seq.num 
_entity_poly_seq.mon_id 
_entity_poly_seq.hetero 
1 1   MET n 
1 2   SER n 
1 3   ASP n 
1 4   SER n 
1 5   ILE n 
1 6   GLN n 
1 7   ARG n 
1 8   THR n 
1 9   SER n 
1 10  VAL n 
1 11  GLY n 
1 12  ASP n 
1 13  PHE n 
1 14  PRO n 
1 15  ILE n 
1 16  SER n 
1 17  GLN n 
1 18  THR n 
1 19  VAL n 
1 20  THR n 
1 21  VAL n 
1 22  PRO n 
1 23  ALA n 
1 24  SER n 
1 25  ALA n 
1 26  SER n 
1 27  LEU n 
1 28  ILE n 
1 29  PHE n 
1 30  ILE n 
1 31  SER n 
1 32  GLY n 
1 33  THR n 
1 34  LEU n 
1 35  PRO n 
1 36  ASP n 
1 37  LEU n 
1 38  ALA n 
1 39  ASP n 
1 40  PRO n 
1 41  HIS n 
1 42  ALA n 
1 43  PRO n 
1 44  ALA n 
1 45  GLY n 
1 46  THR n 
1 47  PRO n 
1 48  ALA n 
1 49  ALA n 
1 50  TYR n 
1 51  GLY n 
1 52  ASN n 
1 53  THR n 
1 54  GLN n 
1 55  VAL n 
1 56  GLN n 
1 57  THR n 
1 58  VAL n 
1 59  SER n 
1 60  VAL n 
1 61  PHE n 
1 62  ASN n 
1 63  LYS n 
1 64  LEU n 
1 65  ARG n 
1 66  ARG n 
1 67  ILE n 
1 68  LEU n 
1 69  GLN n 
1 70  GLN n 
1 71  GLN n 
1 72  ASP n 
1 73  LEU n 
1 74  ASP n 
1 75  LEU n 
1 76  GLY n 
1 77  ASP n 
1 78  ILE n 
1 79  VAL n 
1 80  GLN n 
1 81  LEU n 
1 82  ARG n 
1 83  VAL n 
1 84  PHE n 
1 85  LEU n 
1 86  VAL n 
1 87  GLY n 
1 88  ALA n 
1 89  GLU n 
1 90  GLU n 
1 91  THR n 
1 92  GLY n 
1 93  GLY n 
1 94  LYS n 
1 95  LEU n 
1 96  ASP n 
1 97  PHE n 
1 98  ALA n 
1 99  GLY n 
1 100 LEU n 
1 101 GLN n 
1 102 ALA n 
1 103 GLY n 
1 104 TYR n 
1 105 THR n 
1 106 GLN n 
1 107 PHE n 
1 108 PHE n 
1 109 GLY n 
1 110 THR n 
1 111 PRO n 
1 112 GLU n 
1 113 GLN n 
1 114 PRO n 
1 115 LEU n 
1 116 LYS n 
1 117 PRO n 
1 118 ALA n 
1 119 ARG n 
1 120 THR n 
1 121 ALA n 
1 122 LEU n 
1 123 GLN n 
1 124 VAL n 
1 125 VAL n 
1 126 ALA n 
1 127 LEU n 
1 128 PRO n 
1 129 LEU n 
1 130 PRO n 
1 131 GLY n 
1 132 ALA n 
1 133 LEU n 
1 134 ILE n 
1 135 GLU n 
1 136 VAL n 
1 137 GLU n 
1 138 ALA n 
1 139 VAL n 
1 140 ALA n 
1 141 ALA n 
1 142 ARG n 
1 143 SER n 
1 144 ALA n 
# 
_entity_src_gen.entity_id                          1 
_entity_src_gen.pdbx_src_id                        1 
_entity_src_gen.pdbx_alt_source_flag               sample 
_entity_src_gen.pdbx_seq_type                      'Biological sequence' 
_entity_src_gen.pdbx_beg_seq_num                   1 
_entity_src_gen.pdbx_end_seq_num                   144 
_entity_src_gen.gene_src_common_name               ? 
_entity_src_gen.gene_src_genus                     ? 
_entity_src_gen.pdbx_gene_src_gene                 PSPTO_3006 
_entity_src_gen.gene_src_species                   ? 
_entity_src_gen.gene_src_strain                    ? 
_entity_src_gen.gene_src_tissue                    ? 
_entity_src_gen.gene_src_tissue_fraction           ? 
_entity_src_gen.gene_src_details                   ? 
_entity_src_gen.pdbx_gene_src_fragment             ? 
_entity_src_gen.pdbx_gene_src_scientific_name      'Pseudomonas syringae pv. tomato' 
_entity_src_gen.pdbx_gene_src_ncbi_taxonomy_id     323 
_entity_src_gen.pdbx_gene_src_variant              ? 
_entity_src_gen.pdbx_gene_src_cell_line            ? 
_entity_src_gen.pdbx_gene_src_atcc                 ? 
_entity_src_gen.pdbx_gene_src_organ                ? 
_entity_src_gen.pdbx_gene_src_organelle            ? 
_entity_src_gen.pdbx_gene_src_cell                 ? 
_entity_src_gen.pdbx_gene_src_cellular_location    ? 
_entity_src_gen.host_org_common_name               ? 
_entity_src_gen.pdbx_host_org_scientific_name      'Escherichia coli BL21' 
_entity_src_gen.pdbx_host_org_ncbi_taxonomy_id     511693 
_entity_src_gen.host_org_genus                     ? 
_entity_src_gen.pdbx_host_org_gene                 ? 
_entity_src_gen.pdbx_host_org_organ                ? 
_entity_src_gen.host_org_species                   ? 
_entity_src_gen.pdbx_host_org_tissue               ? 
_entity_src_gen.pdbx_host_org_tissue_fraction      ? 
_entity_src_gen.pdbx_host_org_strain               ? 
_entity_src_gen.pdbx_host_org_variant              ? 
_entity_src_gen.pdbx_host_org_cell_line            ? 
_entity_src_gen.pdbx_host_org_atcc                 ? 
_entity_src_gen.pdbx_host_org_culture_collection   ? 
_entity_src_gen.pdbx_host_org_cell                 ? 
_entity_src_gen.pdbx_host_org_organelle            ? 
_entity_src_gen.pdbx_host_org_cellular_location    ? 
_entity_src_gen.pdbx_host_org_vector_type          ? 
_entity_src_gen.pdbx_host_org_vector               ? 
_entity_src_gen.host_org_details                   ? 
_entity_src_gen.expression_system_id               ? 
_entity_src_gen.plasmid_name                       ? 
_entity_src_gen.plasmid_details                    ? 
_entity_src_gen.pdbx_description                   ? 
# 
loop_
_chem_comp.id 
_chem_comp.type 
_chem_comp.mon_nstd_flag 
_chem_comp.name 
_chem_comp.pdbx_synonyms 
_chem_comp.formula 
_chem_comp.formula_weight 
ALA 'L-peptide linking' y ALANINE         ? 'C3 H7 N O2'     89.093  
ARG 'L-peptide linking' y ARGININE        ? 'C6 H15 N4 O2 1' 175.209 
ASN 'L-peptide linking' y ASPARAGINE      ? 'C4 H8 N2 O3'    132.118 
ASP 'L-peptide linking' y 'ASPARTIC ACID' ? 'C4 H7 N O4'     133.103 
GLN 'L-peptide linking' y GLUTAMINE       ? 'C5 H10 N2 O3'   146.144 
GLU 'L-peptide linking' y 'GLUTAMIC ACID' ? 'C5 H9 N O4'     147.129 
GLY 'peptide linking'   y GLYCINE         ? 'C2 H5 N O2'     75.067  
HIS 'L-peptide linking' y HISTIDINE       ? 'C6 H10 N3 O2 1' 156.162 
HOH non-polymer         . WATER           ? 'H2 O'           18.015  
ILE 'L-peptide linking' y ISOLEUCINE      ? 'C6 H13 N O2'    131.173 
LEU 'L-peptide linking' y LEUCINE         ? 'C6 H13 N O2'    131.173 
LYS 'L-peptide linking' y LYSINE          ? 'C6 H15 N2 O2 1' 147.195 
MET 'L-peptide linking' y METHIONINE      ? 'C5 H11 N O2 S'  149.211 
PHE 'L-peptide linking' y PHENYLALANINE   ? 'C9 H11 N O2'    165.189 
PRO 'L-peptide linking' y PROLINE         ? 'C5 H9 N O2'     115.130 
SER 'L-peptide linking' y SERINE          ? 'C3 H7 N O3'     105.093 
THR 'L-peptide linking' y THREONINE       ? 'C4 H9 N O3'     119.119 
TYR 'L-peptide linking' y TYROSINE        ? 'C9 H11 N O3'    181.189 
VAL 'L-peptide linking' y VALINE          ? 'C5 H11 N O2'    117.146 
# 
loop_
_pdbx_poly_seq_scheme.asym_id 
_pdbx_poly_seq_scheme.entity_id 
_pdbx_poly_seq_scheme.seq_id 
_pdbx_poly_seq_scheme.mon_id 
_pdbx_poly_seq_scheme.ndb_seq_num 
_pdbx_poly_seq_scheme.pdb_seq_num 
_pdbx_poly_seq_scheme.auth_seq_num 
_pdbx_poly_seq_scheme.pdb_mon_id 
_pdbx_poly_seq_scheme.auth_mon_id 
_pdbx_poly_seq_scheme.pdb_strand_id 
_pdbx_poly_seq_scheme.pdb_ins_code 
_pdbx_poly_seq_scheme.hetero 
A 1 1   MET 1   1   ?   ?   ?   A . n 
A 1 2   SER 2   2   ?   ?   ?   A . n 
A 1 3   ASP 3   3   ?   ?   ?   A . n 
A 1 4   SER 4   4   ?   ?   ?   A . n 
A 1 5   ILE 5   5   ?   ?   ?   A . n 
A 1 6   GLN 6   6   ?   ?   ?   A . n 
A 1 7   ARG 7   7   ?   ?   ?   A . n 
A 1 8   THR 8   8   ?   ?   ?   A . n 
A 1 9   SER 9   9   ?   ?   ?   A . n 
A 1 10  VAL 10  10  ?   ?   ?   A . n 
A 1 11  GLY 11  11  ?   ?   ?   A . n 
A 1 12  ASP 12  12  ?   ?   ?   A . n 
A 1 13  PHE 13  13  13  PHE PHE A . n 
A 1 14  PRO 14  14  14  PRO PRO A . n 
A 1 15  ILE 15  15  15  ILE ILE A . n 
A 1 16  SER 16  16  16  SER SER A . n 
A 1 17  GLN 17  17  17  GLN GLN A . n 
A 1 18  THR 18  18  18  THR THR A . n 
A 1 19  VAL 19  19  19  VAL VAL A . n 
A 1 20  THR 20  20  20  THR THR A . n 
A 1 21  VAL 21  21  21  VAL VAL A . n 
A 1 22  PRO 22  22  22  PRO PRO A . n 
A 1 23  ALA 23  23  23  ALA ALA A . n 
A 1 24  SER 24  24  24  SER SER A . n 
A 1 25  ALA 25  25  25  ALA ALA A . n 
A 1 26  SER 26  26  26  SER SER A . n 
A 1 27  LEU 27  27  27  LEU LEU A . n 
A 1 28  ILE 28  28  28  ILE ILE A . n 
A 1 29  PHE 29  29  29  PHE PHE A . n 
A 1 30  ILE 30  30  30  ILE ILE A . n 
A 1 31  SER 31  31  31  SER SER A . n 
A 1 32  GLY 32  32  32  GLY GLY A . n 
A 1 33  THR 33  33  33  THR THR A . n 
A 1 34  LEU 34  34  34  LEU LEU A . n 
A 1 35  PRO 35  35  35  PRO PRO A . n 
A 1 36  ASP 36  36  36  ASP ASP A . n 
A 1 37  LEU 37  37  37  LEU LEU A . n 
A 1 38  ALA 38  38  38  ALA ALA A . n 
A 1 39  ASP 39  39  39  ASP ASP A . n 
A 1 40  PRO 40  40  40  PRO PRO A . n 
A 1 41  HIS 41  41  41  HIS HIS A . n 
A 1 42  ALA 42  42  42  ALA ALA A . n 
A 1 43  PRO 43  43  43  PRO PRO A . n 
A 1 44  ALA 44  44  44  ALA ALA A . n 
A 1 45  GLY 45  45  45  GLY GLY A . n 
A 1 46  THR 46  46  46  THR THR A . n 
A 1 47  PRO 47  47  47  PRO PRO A . n 
A 1 48  ALA 48  48  48  ALA ALA A . n 
A 1 49  ALA 49  49  49  ALA ALA A . n 
A 1 50  TYR 50  50  50  TYR TYR A . n 
A 1 51  GLY 51  51  51  GLY GLY A . n 
A 1 52  ASN 52  52  52  ASN ASN A . n 
A 1 53  THR 53  53  53  THR THR A . n 
A 1 54  GLN 54  54  54  GLN GLN A . n 
A 1 55  VAL 55  55  55  VAL VAL A . n 
A 1 56  GLN 56  56  56  GLN GLN A . n 
A 1 57  THR 57  57  57  THR THR A . n 
A 1 58  VAL 58  58  58  VAL VAL A . n 
A 1 59  SER 59  59  59  SER SER A . n 
A 1 60  VAL 60  60  60  VAL VAL A . n 
A 1 61  PHE 61  61  61  PHE PHE A . n 
A 1 62  ASN 62  62  62  ASN ASN A . n 
A 1 63  LYS 63  63  63  LYS LYS A . n 
A 1 64  LEU 64  64  64  LEU LEU A . n 
A 1 65  ARG 65  65  65  ARG ARG A . n 
A 1 66  ARG 66  66  66  ARG ARG A . n 
A 1 67  ILE 67  67  67  ILE ILE A . n 
A 1 68  LEU 68  68  68  LEU LEU A . n 
A 1 69  GLN 69  69  69  GLN GLN A . n 
A 1 70  GLN 70  70  70  GLN GLN A . n 
A 1 71  GLN 71  71  71  GLN GLN A . n 
A 1 72  ASP 72  72  72  ASP ASP A . n 
A 1 73  LEU 73  73  73  LEU LEU A . n 
A 1 74  ASP 74  74  74  ASP ASP A . n 
A 1 75  LEU 75  75  75  LEU LEU A . n 
A 1 76  GLY 76  76  76  GLY GLY A . n 
A 1 77  ASP 77  77  77  ASP ASP A . n 
A 1 78  ILE 78  78  78  ILE ILE A . n 
A 1 79  VAL 79  79  79  VAL VAL A . n 
A 1 80  GLN 80  80  80  GLN GLN A . n 
A 1 81  LEU 81  81  81  LEU LEU A . n 
A 1 82  ARG 82  82  82  ARG ARG A . n 
A 1 83  VAL 83  83  83  VAL VAL A . n 
A 1 84  PHE 84  84  84  PHE PHE A . n 
A 1 85  LEU 85  85  85  LEU LEU A . n 
A 1 86  VAL 86  86  86  VAL VAL A . n 
A 1 87  GLY 87  87  87  GLY GLY A . n 
A 1 88  ALA 88  88  88  ALA ALA A . n 
A 1 89  GLU 89  89  89  GLU GLU A . n 
A 1 90  GLU 90  90  90  GLU GLU A . n 
A 1 91  THR 91  91  91  THR THR A . n 
A 1 92  GLY 92  92  92  GLY GLY A . n 
A 1 93  GLY 93  93  93  GLY GLY A . n 
A 1 94  LYS 94  94  94  LYS LYS A . n 
A 1 95  LEU 95  95  95  LEU LEU A . n 
A 1 96  ASP 96  96  96  ASP ASP A . n 
A 1 97  PHE 97  97  97  PHE PHE A . n 
A 1 98  ALA 98  98  98  ALA ALA A . n 
A 1 99  GLY 99  99  99  GLY GLY A . n 
A 1 100 LEU 100 100 100 LEU LEU A . n 
A 1 101 GLN 101 101 101 GLN GLN A . n 
A 1 102 ALA 102 102 102 ALA ALA A . n 
A 1 103 GLY 103 103 103 GLY GLY A . n 
A 1 104 TYR 104 104 104 TYR TYR A . n 
A 1 105 THR 105 105 105 THR THR A . n 
A 1 106 GLN 106 106 106 GLN GLN A . n 
A 1 107 PHE 107 107 107 PHE PHE A . n 
A 1 108 PHE 108 108 108 PHE PHE A . n 
A 1 109 GLY 109 109 109 GLY GLY A . n 
A 1 110 THR 110 110 110 THR THR A . n 
A 1 111 PRO 111 111 111 PRO PRO A . n 
A 1 112 GLU 112 112 112 GLU GLU A . n 
A 1 113 GLN 113 113 113 GLN GLN A . n 
A 1 114 PRO 114 114 114 PRO PRO A . n 
A 1 115 LEU 115 115 115 LEU LEU A . n 
A 1 116 LYS 116 116 116 LYS LYS A . n 
A 1 117 PRO 117 117 117 PRO PRO A . n 
A 1 118 ALA 118 118 118 ALA ALA A . n 
A 1 119 ARG 119 119 119 ARG ARG A . n 
A 1 120 THR 120 120 120 THR THR A . n 
A 1 121 ALA 121 121 121 ALA ALA A . n 
A 1 122 LEU 122 122 122 LEU LEU A . n 
A 1 123 GLN 123 123 123 GLN GLN A . n 
A 1 124 VAL 124 124 124 VAL VAL A . n 
A 1 125 VAL 125 125 125 VAL VAL A . n 
A 1 126 ALA 126 126 126 ALA ALA A . n 
A 1 127 LEU 127 127 127 LEU LEU A . n 
A 1 128 PRO 128 128 128 PRO PRO A . n 
A 1 129 LEU 129 129 129 LEU LEU A . n 
A 1 130 PRO 130 130 130 PRO PRO A . n 
A 1 131 GLY 131 131 131 GLY GLY A . n 
A 1 132 ALA 132 132 132 ALA ALA A . n 
A 1 133 LEU 133 133 133 LEU LEU A . n 
A 1 134 ILE 134 134 134 ILE ILE A . n 
A 1 135 GLU 135 135 135 GLU GLU A . n 
A 1 136 VAL 136 136 136 VAL VAL A . n 
A 1 137 GLU 137 137 137 GLU GLU A . n 
A 1 138 ALA 138 138 138 ALA ALA A . n 
A 1 139 VAL 139 139 139 VAL VAL A . n 
A 1 140 ALA 140 140 140 ALA ALA A . n 
A 1 141 ALA 141 141 141 ALA ALA A . n 
A 1 142 ARG 142 142 142 ARG ARG A . n 
A 1 143 SER 143 143 143 SER SER A . n 
A 1 144 ALA 144 144 144 ALA ALA A . n 
# 
loop_
_pdbx_nonpoly_scheme.asym_id 
_pdbx_nonpoly_scheme.entity_id 
_pdbx_nonpoly_scheme.mon_id 
_pdbx_nonpoly_scheme.ndb_seq_num 
_pdbx_nonpoly_scheme.pdb_seq_num 
_pdbx_nonpoly_scheme.auth_seq_num 
_pdbx_nonpoly_scheme.pdb_mon_id 
_pdbx_nonpoly_scheme.auth_mon_id 
_pdbx_nonpoly_scheme.pdb_strand_id 
_pdbx_nonpoly_scheme.pdb_ins_code 
B 2 HOH 1   201 200 HOH HOH A . 
B 2 HOH 2   202 19  HOH HOH A . 
B 2 HOH 3   203 1   HOH HOH A . 
B 2 HOH 4   204 3   HOH HOH A . 
B 2 HOH 5   205 72  HOH HOH A . 
B 2 HOH 6   206 85  HOH HOH A . 
B 2 HOH 7   207 25  HOH HOH A . 
B 2 HOH 8   208 210 HOH HOH A . 
B 2 HOH 9   209 81  HOH HOH A . 
B 2 HOH 10  210 221 HOH HOH A . 
B 2 HOH 11  211 77  HOH HOH A . 
B 2 HOH 12  212 21  HOH HOH A . 
B 2 HOH 13  213 232 HOH HOH A . 
B 2 HOH 14  214 17  HOH HOH A . 
B 2 HOH 15  215 60  HOH HOH A . 
B 2 HOH 16  216 16  HOH HOH A . 
B 2 HOH 17  217 8   HOH HOH A . 
B 2 HOH 18  218 5   HOH HOH A . 
B 2 HOH 19  219 26  HOH HOH A . 
B 2 HOH 20  220 50  HOH HOH A . 
B 2 HOH 21  221 2   HOH HOH A . 
B 2 HOH 22  222 47  HOH HOH A . 
B 2 HOH 23  223 10  HOH HOH A . 
B 2 HOH 24  224 31  HOH HOH A . 
B 2 HOH 25  225 78  HOH HOH A . 
B 2 HOH 26  226 83  HOH HOH A . 
B 2 HOH 27  227 175 HOH HOH A . 
B 2 HOH 28  228 75  HOH HOH A . 
B 2 HOH 29  229 42  HOH HOH A . 
B 2 HOH 30  230 87  HOH HOH A . 
B 2 HOH 31  231 143 HOH HOH A . 
B 2 HOH 32  232 90  HOH HOH A . 
B 2 HOH 33  233 41  HOH HOH A . 
B 2 HOH 34  234 9   HOH HOH A . 
B 2 HOH 35  235 205 HOH HOH A . 
B 2 HOH 36  236 14  HOH HOH A . 
B 2 HOH 37  237 4   HOH HOH A . 
B 2 HOH 38  238 15  HOH HOH A . 
B 2 HOH 39  239 40  HOH HOH A . 
B 2 HOH 40  240 30  HOH HOH A . 
B 2 HOH 41  241 13  HOH HOH A . 
B 2 HOH 42  242 23  HOH HOH A . 
B 2 HOH 43  243 37  HOH HOH A . 
B 2 HOH 44  244 35  HOH HOH A . 
B 2 HOH 45  245 57  HOH HOH A . 
B 2 HOH 46  246 6   HOH HOH A . 
B 2 HOH 47  247 29  HOH HOH A . 
B 2 HOH 48  248 28  HOH HOH A . 
B 2 HOH 49  249 18  HOH HOH A . 
B 2 HOH 50  250 39  HOH HOH A . 
B 2 HOH 51  251 209 HOH HOH A . 
B 2 HOH 52  252 12  HOH HOH A . 
B 2 HOH 53  253 52  HOH HOH A . 
B 2 HOH 54  254 192 HOH HOH A . 
B 2 HOH 55  255 144 HOH HOH A . 
B 2 HOH 56  256 54  HOH HOH A . 
B 2 HOH 57  257 32  HOH HOH A . 
B 2 HOH 58  258 20  HOH HOH A . 
B 2 HOH 59  259 121 HOH HOH A . 
B 2 HOH 60  260 38  HOH HOH A . 
B 2 HOH 61  261 164 HOH HOH A . 
B 2 HOH 62  262 7   HOH HOH A . 
B 2 HOH 63  263 36  HOH HOH A . 
B 2 HOH 64  264 27  HOH HOH A . 
B 2 HOH 65  265 22  HOH HOH A . 
B 2 HOH 66  266 49  HOH HOH A . 
B 2 HOH 67  267 218 HOH HOH A . 
B 2 HOH 68  268 61  HOH HOH A . 
B 2 HOH 69  269 153 HOH HOH A . 
B 2 HOH 70  270 112 HOH HOH A . 
B 2 HOH 71  271 48  HOH HOH A . 
B 2 HOH 72  272 160 HOH HOH A . 
B 2 HOH 73  273 82  HOH HOH A . 
B 2 HOH 74  274 91  HOH HOH A . 
B 2 HOH 75  275 86  HOH HOH A . 
B 2 HOH 76  276 147 HOH HOH A . 
B 2 HOH 77  277 43  HOH HOH A . 
B 2 HOH 78  278 248 HOH HOH A . 
B 2 HOH 79  279 149 HOH HOH A . 
B 2 HOH 80  280 89  HOH HOH A . 
B 2 HOH 81  281 226 HOH HOH A . 
B 2 HOH 82  282 242 HOH HOH A . 
B 2 HOH 83  283 207 HOH HOH A . 
B 2 HOH 84  284 11  HOH HOH A . 
B 2 HOH 85  285 65  HOH HOH A . 
B 2 HOH 86  286 129 HOH HOH A . 
B 2 HOH 87  287 24  HOH HOH A . 
B 2 HOH 88  288 45  HOH HOH A . 
B 2 HOH 89  289 159 HOH HOH A . 
B 2 HOH 90  290 74  HOH HOH A . 
B 2 HOH 91  291 66  HOH HOH A . 
B 2 HOH 92  292 44  HOH HOH A . 
B 2 HOH 93  293 67  HOH HOH A . 
B 2 HOH 94  294 127 HOH HOH A . 
B 2 HOH 95  295 151 HOH HOH A . 
B 2 HOH 96  296 141 HOH HOH A . 
B 2 HOH 97  297 233 HOH HOH A . 
B 2 HOH 98  298 63  HOH HOH A . 
B 2 HOH 99  299 59  HOH HOH A . 
B 2 HOH 100 300 229 HOH HOH A . 
B 2 HOH 101 301 118 HOH HOH A . 
B 2 HOH 102 302 34  HOH HOH A . 
B 2 HOH 103 303 69  HOH HOH A . 
B 2 HOH 104 304 161 HOH HOH A . 
B 2 HOH 105 305 185 HOH HOH A . 
B 2 HOH 106 306 64  HOH HOH A . 
# 
loop_
_software.citation_id 
_software.classification 
_software.compiler_name 
_software.compiler_version 
_software.contact_author 
_software.contact_author_email 
_software.date 
_software.description 
_software.dependencies 
_software.hardware 
_software.language 
_software.location 
_software.mods 
_software.name 
_software.os 
_software.os_version 
_software.type 
_software.version 
_software.pdbx_ordinal 
? refinement       ? ? ? ? ? ? ? ? ? ? ? PHENIX   ? ? ? 1.21_5207 1 
? 'data reduction' ? ? ? ? ? ? ? ? ? ? ? HKL-3000 ? ? ? .         2 
? 'data scaling'   ? ? ? ? ? ? ? ? ? ? ? HKL-3000 ? ? ? .         3 
? phasing          ? ? ? ? ? ? ? ? ? ? ? PHENIX   ? ? ? .         4 
# 
_cell.angle_alpha                  90.000 
_cell.angle_alpha_esd              ? 
_cell.angle_beta                   90.000 
_cell.angle_beta_esd               ? 
_cell.angle_gamma                  90.000 
_cell.angle_gamma_esd              ? 
_cell.entry_id                     9BKA 
_cell.details                      ? 
_cell.formula_units_Z              ? 
_cell.length_a                     71.307 
_cell.length_a_esd                 ? 
_cell.length_b                     71.307 
_cell.length_b_esd                 ? 
_cell.length_c                     71.307 
_cell.length_c_esd                 ? 
_cell.volume                       362573.865 
_cell.volume_esd                   ? 
_cell.Z_PDB                        12 
_cell.reciprocal_angle_alpha       ? 
_cell.reciprocal_angle_beta        ? 
_cell.reciprocal_angle_gamma       ? 
_cell.reciprocal_angle_alpha_esd   ? 
_cell.reciprocal_angle_beta_esd    ? 
_cell.reciprocal_angle_gamma_esd   ? 
_cell.reciprocal_length_a          ? 
_cell.reciprocal_length_b          ? 
_cell.reciprocal_length_c          ? 
_cell.reciprocal_length_a_esd      ? 
_cell.reciprocal_length_b_esd      ? 
_cell.reciprocal_length_c_esd      ? 
_cell.pdbx_unique_axis             ? 
_cell.pdbx_esd_method              ? 
# 
_symmetry.entry_id                         9BKA 
_symmetry.cell_setting                     ? 
_symmetry.Int_Tables_number                198 
_symmetry.space_group_name_Hall            'P 2ac 2ab 3' 
_symmetry.space_group_name_H-M             'P 21 3' 
_symmetry.pdbx_full_space_group_name_H-M   ? 
# 
_exptl.absorpt_coefficient_mu     ? 
_exptl.absorpt_correction_T_max   ? 
_exptl.absorpt_correction_T_min   ? 
_exptl.absorpt_correction_type    ? 
_exptl.absorpt_process_details    ? 
_exptl.entry_id                   9BKA 
_exptl.crystals_number            1 
_exptl.details                    ? 
_exptl.method                     'X-RAY DIFFRACTION' 
_exptl.method_details             ? 
# 
_exptl_crystal.colour                       ? 
_exptl_crystal.density_diffrn               ? 
_exptl_crystal.density_Matthews             2.00 
_exptl_crystal.density_method               ? 
_exptl_crystal.density_percent_sol          38.42 
_exptl_crystal.description                  ? 
_exptl_crystal.F_000                        ? 
_exptl_crystal.id                           1 
_exptl_crystal.preparation                  ? 
_exptl_crystal.size_max                     ? 
_exptl_crystal.size_mid                     ? 
_exptl_crystal.size_min                     ? 
_exptl_crystal.size_rad                     ? 
_exptl_crystal.colour_lustre                ? 
_exptl_crystal.colour_modifier              ? 
_exptl_crystal.colour_primary               ? 
_exptl_crystal.density_meas                 ? 
_exptl_crystal.density_meas_esd             ? 
_exptl_crystal.density_meas_gt              ? 
_exptl_crystal.density_meas_lt              ? 
_exptl_crystal.density_meas_temp            ? 
_exptl_crystal.density_meas_temp_esd        ? 
_exptl_crystal.density_meas_temp_gt         ? 
_exptl_crystal.density_meas_temp_lt         ? 
_exptl_crystal.pdbx_crystal_image_url       ? 
_exptl_crystal.pdbx_crystal_image_format    ? 
_exptl_crystal.pdbx_mosaicity               ? 
_exptl_crystal.pdbx_mosaicity_esd           ? 
_exptl_crystal.pdbx_mosaic_method           ? 
_exptl_crystal.pdbx_mosaic_block_size       ? 
_exptl_crystal.pdbx_mosaic_block_size_esd   ? 
# 
_exptl_crystal_grow.apparatus       ? 
_exptl_crystal_grow.atmosphere      ? 
_exptl_crystal_grow.crystal_id      1 
_exptl_crystal_grow.details         ? 
_exptl_crystal_grow.method          'VAPOR DIFFUSION, HANGING DROP' 
_exptl_crystal_grow.method_ref      ? 
_exptl_crystal_grow.pH              ? 
_exptl_crystal_grow.pressure        ? 
_exptl_crystal_grow.pressure_esd    ? 
_exptl_crystal_grow.seeding         ? 
_exptl_crystal_grow.seeding_ref     ? 
_exptl_crystal_grow.temp_details    ? 
_exptl_crystal_grow.temp_esd        ? 
_exptl_crystal_grow.time            ? 
_exptl_crystal_grow.pdbx_details    
'0.8 M Potassium sodium tartrate tetrahydrate,0.1 M Tris pH 8.5,0.5% w/v Polyethylene glycol monomethyl ether 5,000' 
_exptl_crystal_grow.pdbx_pH_range   ? 
_exptl_crystal_grow.temp            298 
# 
_diffrn.ambient_environment              ? 
_diffrn.ambient_temp                     100 
_diffrn.ambient_temp_details             ? 
_diffrn.ambient_temp_esd                 ? 
_diffrn.crystal_id                       1 
_diffrn.crystal_support                  ? 
_diffrn.crystal_treatment                ? 
_diffrn.details                          ? 
_diffrn.id                               1 
_diffrn.ambient_pressure                 ? 
_diffrn.ambient_pressure_esd             ? 
_diffrn.ambient_pressure_gt              ? 
_diffrn.ambient_pressure_lt              ? 
_diffrn.ambient_temp_gt                  ? 
_diffrn.ambient_temp_lt                  ? 
_diffrn.pdbx_serial_crystal_experiment   N 
# 
_diffrn_detector.details                      ? 
_diffrn_detector.detector                     PIXEL 
_diffrn_detector.diffrn_id                    1 
_diffrn_detector.type                         'DECTRIS PILATUS 200K' 
_diffrn_detector.area_resol_mean              ? 
_diffrn_detector.dtime                        ? 
_diffrn_detector.pdbx_frames_total            ? 
_diffrn_detector.pdbx_collection_time_total   ? 
_diffrn_detector.pdbx_collection_date         2019-04-23 
_diffrn_detector.pdbx_frequency               ? 
_diffrn_detector.id                           ? 
_diffrn_detector.number_of_axes               ? 
# 
_diffrn_radiation.collimation                      ? 
_diffrn_radiation.diffrn_id                        1 
_diffrn_radiation.filter_edge                      ? 
_diffrn_radiation.inhomogeneity                    ? 
_diffrn_radiation.monochromator                    ? 
_diffrn_radiation.polarisn_norm                    ? 
_diffrn_radiation.polarisn_ratio                   ? 
_diffrn_radiation.probe                            ? 
_diffrn_radiation.type                             ? 
_diffrn_radiation.xray_symbol                      ? 
_diffrn_radiation.wavelength_id                    1 
_diffrn_radiation.pdbx_monochromatic_or_laue_m_l   M 
_diffrn_radiation.pdbx_wavelength_list             ? 
_diffrn_radiation.pdbx_wavelength                  ? 
_diffrn_radiation.pdbx_diffrn_protocol             'SINGLE WAVELENGTH' 
_diffrn_radiation.pdbx_analyzer                    ? 
_diffrn_radiation.pdbx_scattering_type             x-ray 
# 
_diffrn_radiation_wavelength.id           1 
_diffrn_radiation_wavelength.wavelength   1.5418 
_diffrn_radiation_wavelength.wt           1.0 
# 
_diffrn_source.current                     ? 
_diffrn_source.details                     ? 
_diffrn_source.diffrn_id                   1 
_diffrn_source.power                       ? 
_diffrn_source.size                        ? 
_diffrn_source.source                      'ROTATING ANODE' 
_diffrn_source.target                      ? 
_diffrn_source.type                        'RIGAKU MICROMAX-002' 
_diffrn_source.voltage                     ? 
_diffrn_source.take-off_angle              ? 
_diffrn_source.pdbx_wavelength_list        1.5418 
_diffrn_source.pdbx_wavelength             ? 
_diffrn_source.pdbx_synchrotron_beamline   ? 
_diffrn_source.pdbx_synchrotron_site       ? 
# 
_reflns.B_iso_Wilson_estimate                          18.13 
_reflns.entry_id                                       9BKA 
_reflns.data_reduction_details                         ? 
_reflns.data_reduction_method                          ? 
_reflns.d_resolution_high                              1.86 
_reflns.d_resolution_low                               50 
_reflns.details                                        ? 
_reflns.limit_h_max                                    ? 
_reflns.limit_h_min                                    ? 
_reflns.limit_k_max                                    ? 
_reflns.limit_k_min                                    ? 
_reflns.limit_l_max                                    ? 
_reflns.limit_l_min                                    ? 
_reflns.number_all                                     ? 
_reflns.number_obs                                     10209 
_reflns.observed_criterion                             ? 
_reflns.observed_criterion_F_max                       ? 
_reflns.observed_criterion_F_min                       ? 
_reflns.observed_criterion_I_max                       ? 
_reflns.observed_criterion_I_min                       ? 
_reflns.observed_criterion_sigma_F                     ? 
_reflns.observed_criterion_sigma_I                     ? 
_reflns.percent_possible_obs                           98.1 
_reflns.R_free_details                                 ? 
_reflns.Rmerge_F_all                                   ? 
_reflns.Rmerge_F_obs                                   ? 
_reflns.Friedel_coverage                               ? 
_reflns.number_gt                                      ? 
_reflns.threshold_expression                           ? 
_reflns.pdbx_redundancy                                11.8 
_reflns.pdbx_netI_over_av_sigmaI                       ? 
_reflns.pdbx_netI_over_sigmaI                          31.79 
_reflns.pdbx_res_netI_over_av_sigmaI_2                 ? 
_reflns.pdbx_res_netI_over_sigmaI_2                    ? 
_reflns.pdbx_chi_squared                               ? 
_reflns.pdbx_scaling_rejects                           ? 
_reflns.pdbx_d_res_high_opt                            ? 
_reflns.pdbx_d_res_low_opt                             ? 
_reflns.pdbx_d_res_opt_method                          ? 
_reflns.phase_calculation_details                      ? 
_reflns.pdbx_Rrim_I_all                                ? 
_reflns.pdbx_Rpim_I_all                                ? 
_reflns.pdbx_d_opt                                     ? 
_reflns.pdbx_number_measured_all                       ? 
_reflns.pdbx_diffrn_id                                 1 
_reflns.pdbx_ordinal                                   1 
_reflns.pdbx_CC_half                                   ? 
_reflns.pdbx_CC_star                                   ? 
_reflns.pdbx_R_split                                   ? 
_reflns.pdbx_Rmerge_I_obs                              0.069 
_reflns.pdbx_Rmerge_I_all                              ? 
_reflns.pdbx_Rsym_value                                ? 
_reflns.pdbx_CC_split_method                           ? 
_reflns.pdbx_aniso_diffraction_limit_axis_1_ortho[1]   ? 
_reflns.pdbx_aniso_diffraction_limit_axis_1_ortho[2]   ? 
_reflns.pdbx_aniso_diffraction_limit_axis_1_ortho[3]   ? 
_reflns.pdbx_aniso_diffraction_limit_axis_2_ortho[1]   ? 
_reflns.pdbx_aniso_diffraction_limit_axis_2_ortho[2]   ? 
_reflns.pdbx_aniso_diffraction_limit_axis_2_ortho[3]   ? 
_reflns.pdbx_aniso_diffraction_limit_axis_3_ortho[1]   ? 
_reflns.pdbx_aniso_diffraction_limit_axis_3_ortho[2]   ? 
_reflns.pdbx_aniso_diffraction_limit_axis_3_ortho[3]   ? 
_reflns.pdbx_aniso_diffraction_limit_1                 ? 
_reflns.pdbx_aniso_diffraction_limit_2                 ? 
_reflns.pdbx_aniso_diffraction_limit_3                 ? 
_reflns.pdbx_aniso_B_tensor_eigenvector_1_ortho[1]     ? 
_reflns.pdbx_aniso_B_tensor_eigenvector_1_ortho[2]     ? 
_reflns.pdbx_aniso_B_tensor_eigenvector_1_ortho[3]     ? 
_reflns.pdbx_aniso_B_tensor_eigenvector_2_ortho[1]     ? 
_reflns.pdbx_aniso_B_tensor_eigenvector_2_ortho[2]     ? 
_reflns.pdbx_aniso_B_tensor_eigenvector_2_ortho[3]     ? 
_reflns.pdbx_aniso_B_tensor_eigenvector_3_ortho[1]     ? 
_reflns.pdbx_aniso_B_tensor_eigenvector_3_ortho[2]     ? 
_reflns.pdbx_aniso_B_tensor_eigenvector_3_ortho[3]     ? 
_reflns.pdbx_aniso_B_tensor_eigenvalue_1               ? 
_reflns.pdbx_aniso_B_tensor_eigenvalue_2               ? 
_reflns.pdbx_aniso_B_tensor_eigenvalue_3               ? 
_reflns.pdbx_orthogonalization_convention              ? 
_reflns.pdbx_percent_possible_ellipsoidal              ? 
_reflns.pdbx_percent_possible_spherical                ? 
_reflns.pdbx_percent_possible_ellipsoidal_anomalous    ? 
_reflns.pdbx_percent_possible_spherical_anomalous      ? 
_reflns.pdbx_redundancy_anomalous                      ? 
_reflns.pdbx_CC_half_anomalous                         ? 
_reflns.pdbx_absDiff_over_sigma_anomalous              ? 
_reflns.pdbx_percent_possible_anomalous                ? 
_reflns.pdbx_observed_signal_threshold                 ? 
_reflns.pdbx_signal_type                               ? 
_reflns.pdbx_signal_details                            ? 
_reflns.pdbx_signal_software_id                        ? 
# 
_reflns_shell.d_res_high                                    1.86 
_reflns_shell.d_res_low                                     1.89 
_reflns_shell.meanI_over_sigI_all                           ? 
_reflns_shell.meanI_over_sigI_obs                           2.23 
_reflns_shell.number_measured_all                           ? 
_reflns_shell.number_measured_obs                           ? 
_reflns_shell.number_possible                               ? 
_reflns_shell.number_unique_all                             ? 
_reflns_shell.number_unique_obs                             384 
_reflns_shell.percent_possible_obs                          ? 
_reflns_shell.Rmerge_F_all                                  ? 
_reflns_shell.Rmerge_F_obs                                  ? 
_reflns_shell.meanI_over_sigI_gt                            ? 
_reflns_shell.meanI_over_uI_all                             ? 
_reflns_shell.meanI_over_uI_gt                              ? 
_reflns_shell.number_measured_gt                            ? 
_reflns_shell.number_unique_gt                              ? 
_reflns_shell.percent_possible_gt                           ? 
_reflns_shell.Rmerge_F_gt                                   ? 
_reflns_shell.Rmerge_I_gt                                   ? 
_reflns_shell.pdbx_redundancy                               ? 
_reflns_shell.pdbx_chi_squared                              ? 
_reflns_shell.pdbx_netI_over_sigmaI_all                     ? 
_reflns_shell.pdbx_netI_over_sigmaI_obs                     ? 
_reflns_shell.pdbx_Rrim_I_all                               ? 
_reflns_shell.pdbx_Rpim_I_all                               ? 
_reflns_shell.pdbx_rejects                                  ? 
_reflns_shell.pdbx_ordinal                                  1 
_reflns_shell.pdbx_diffrn_id                                1 
_reflns_shell.pdbx_CC_half                                  ? 
_reflns_shell.pdbx_CC_star                                  ? 
_reflns_shell.pdbx_R_split                                  ? 
_reflns_shell.percent_possible_all                          ? 
_reflns_shell.Rmerge_I_all                                  ? 
_reflns_shell.Rmerge_I_obs                                  0.316 
_reflns_shell.pdbx_Rsym_value                               ? 
_reflns_shell.pdbx_percent_possible_ellipsoidal             ? 
_reflns_shell.pdbx_percent_possible_spherical               ? 
_reflns_shell.pdbx_percent_possible_ellipsoidal_anomalous   ? 
_reflns_shell.pdbx_percent_possible_spherical_anomalous     ? 
_reflns_shell.pdbx_redundancy_anomalous                     ? 
_reflns_shell.pdbx_CC_half_anomalous                        ? 
_reflns_shell.pdbx_absDiff_over_sigma_anomalous             ? 
_reflns_shell.pdbx_percent_possible_anomalous               ? 
# 
_refine.aniso_B[1][1]                            ? 
_refine.aniso_B[1][2]                            ? 
_refine.aniso_B[1][3]                            ? 
_refine.aniso_B[2][2]                            ? 
_refine.aniso_B[2][3]                            ? 
_refine.aniso_B[3][3]                            ? 
_refine.B_iso_max                                ? 
_refine.B_iso_mean                               20.56 
_refine.B_iso_min                                ? 
_refine.correlation_coeff_Fo_to_Fc               ? 
_refine.correlation_coeff_Fo_to_Fc_free          ? 
_refine.details                                  ? 
_refine.diff_density_max                         ? 
_refine.diff_density_max_esd                     ? 
_refine.diff_density_min                         ? 
_refine.diff_density_min_esd                     ? 
_refine.diff_density_rms                         ? 
_refine.diff_density_rms_esd                     ? 
_refine.entry_id                                 9BKA 
_refine.pdbx_refine_id                           'X-RAY DIFFRACTION' 
_refine.ls_abs_structure_details                 ? 
_refine.ls_abs_structure_Flack                   ? 
_refine.ls_abs_structure_Flack_esd               ? 
_refine.ls_abs_structure_Rogers                  ? 
_refine.ls_abs_structure_Rogers_esd              ? 
_refine.ls_d_res_high                            1.86 
_refine.ls_d_res_low                             41.17 
_refine.ls_extinction_coef                       ? 
_refine.ls_extinction_coef_esd                   ? 
_refine.ls_extinction_expression                 ? 
_refine.ls_extinction_method                     ? 
_refine.ls_goodness_of_fit_all                   ? 
_refine.ls_goodness_of_fit_all_esd               ? 
_refine.ls_goodness_of_fit_obs                   ? 
_refine.ls_goodness_of_fit_obs_esd               ? 
_refine.ls_hydrogen_treatment                    ? 
_refine.ls_matrix_type                           ? 
_refine.ls_number_constraints                    ? 
_refine.ls_number_parameters                     ? 
_refine.ls_number_reflns_all                     ? 
_refine.ls_number_reflns_obs                     9809 
_refine.ls_number_reflns_R_free                  980 
_refine.ls_number_reflns_R_work                  8829 
_refine.ls_number_restraints                     ? 
_refine.ls_percent_reflns_obs                    94.37 
_refine.ls_percent_reflns_R_free                 9.99 
_refine.ls_R_factor_all                          ? 
_refine.ls_R_factor_obs                          0.1743 
_refine.ls_R_factor_R_free                       0.1984 
_refine.ls_R_factor_R_free_error                 ? 
_refine.ls_R_factor_R_free_error_details         ? 
_refine.ls_R_factor_R_work                       0.1716 
_refine.ls_R_Fsqd_factor_obs                     ? 
_refine.ls_R_I_factor_obs                        ? 
_refine.ls_redundancy_reflns_all                 ? 
_refine.ls_redundancy_reflns_obs                 ? 
_refine.ls_restrained_S_all                      ? 
_refine.ls_restrained_S_obs                      ? 
_refine.ls_shift_over_esd_max                    ? 
_refine.ls_shift_over_esd_mean                   ? 
_refine.ls_structure_factor_coef                 ? 
_refine.ls_weighting_details                     ? 
_refine.ls_weighting_scheme                      ? 
_refine.ls_wR_factor_all                         ? 
_refine.ls_wR_factor_obs                         ? 
_refine.ls_wR_factor_R_free                      ? 
_refine.ls_wR_factor_R_work                      ? 
_refine.occupancy_max                            ? 
_refine.occupancy_min                            ? 
_refine.solvent_model_details                    'FLAT BULK SOLVENT MODEL' 
_refine.solvent_model_param_bsol                 ? 
_refine.solvent_model_param_ksol                 ? 
_refine.pdbx_R_complete                          ? 
_refine.ls_R_factor_gt                           ? 
_refine.ls_goodness_of_fit_gt                    ? 
_refine.ls_goodness_of_fit_ref                   ? 
_refine.ls_shift_over_su_max                     ? 
_refine.ls_shift_over_su_max_lt                  ? 
_refine.ls_shift_over_su_mean                    ? 
_refine.ls_shift_over_su_mean_lt                 ? 
_refine.pdbx_ls_sigma_I                          ? 
_refine.pdbx_ls_sigma_F                          0.33 
_refine.pdbx_ls_sigma_Fsqd                       ? 
_refine.pdbx_data_cutoff_high_absF               ? 
_refine.pdbx_data_cutoff_high_rms_absF           ? 
_refine.pdbx_data_cutoff_low_absF                ? 
_refine.pdbx_isotropic_thermal_model             ? 
_refine.pdbx_ls_cross_valid_method               'FREE R-VALUE' 
_refine.pdbx_method_to_determine_struct          'MOLECULAR REPLACEMENT' 
_refine.pdbx_starting_model                      ? 
_refine.pdbx_stereochemistry_target_values       'GeoStd + Monomer Library + CDL v1.2' 
_refine.pdbx_R_Free_selection_details            ? 
_refine.pdbx_stereochem_target_val_spec_case     ? 
_refine.pdbx_overall_ESU_R                       ? 
_refine.pdbx_overall_ESU_R_Free                  ? 
_refine.pdbx_solvent_vdw_probe_radii             1.1000 
_refine.pdbx_solvent_ion_probe_radii             ? 
_refine.pdbx_solvent_shrinkage_radii             0.9000 
_refine.pdbx_real_space_R                        ? 
_refine.pdbx_density_correlation                 ? 
_refine.pdbx_pd_number_of_powder_patterns        ? 
_refine.pdbx_pd_number_of_points                 ? 
_refine.pdbx_pd_meas_number_of_points            ? 
_refine.pdbx_pd_proc_ls_prof_R_factor            ? 
_refine.pdbx_pd_proc_ls_prof_wR_factor           ? 
_refine.pdbx_pd_Marquardt_correlation_coeff      ? 
_refine.pdbx_pd_Fsqrd_R_factor                   ? 
_refine.pdbx_pd_ls_matrix_band_width             ? 
_refine.pdbx_overall_phase_error                 20.3723 
_refine.pdbx_overall_SU_R_free_Cruickshank_DPI   ? 
_refine.pdbx_overall_SU_R_free_Blow_DPI          ? 
_refine.pdbx_overall_SU_R_Blow_DPI               ? 
_refine.pdbx_TLS_residual_ADP_flag               ? 
_refine.pdbx_diffrn_id                           1 
_refine.overall_SU_B                             ? 
_refine.overall_SU_ML                            0.1705 
_refine.overall_SU_R_Cruickshank_DPI             ? 
_refine.overall_SU_R_free                        ? 
_refine.overall_FOM_free_R_set                   ? 
_refine.overall_FOM_work_R_set                   ? 
_refine.pdbx_average_fsc_overall                 ? 
_refine.pdbx_average_fsc_work                    ? 
_refine.pdbx_average_fsc_free                    ? 
# 
_refine_hist.pdbx_refine_id                   'X-RAY DIFFRACTION' 
_refine_hist.cycle_id                         LAST 
_refine_hist.details                          ? 
_refine_hist.d_res_high                       1.86 
_refine_hist.d_res_low                        41.17 
_refine_hist.number_atoms_solvent             106 
_refine_hist.number_atoms_total               1084 
_refine_hist.number_reflns_all                ? 
_refine_hist.number_reflns_obs                ? 
_refine_hist.number_reflns_R_free             ? 
_refine_hist.number_reflns_R_work             ? 
_refine_hist.R_factor_all                     ? 
_refine_hist.R_factor_obs                     ? 
_refine_hist.R_factor_R_free                  ? 
_refine_hist.R_factor_R_work                  ? 
_refine_hist.pdbx_number_residues_total       ? 
_refine_hist.pdbx_B_iso_mean_ligand           ? 
_refine_hist.pdbx_B_iso_mean_solvent          ? 
_refine_hist.pdbx_number_atoms_protein        978 
_refine_hist.pdbx_number_atoms_nucleic_acid   0 
_refine_hist.pdbx_number_atoms_ligand         0 
_refine_hist.pdbx_number_atoms_lipid          ? 
_refine_hist.pdbx_number_atoms_carb           ? 
_refine_hist.pdbx_pseudo_atom_details         ? 
# 
loop_
_refine_ls_restr.pdbx_refine_id 
_refine_ls_restr.criterion 
_refine_ls_restr.dev_ideal 
_refine_ls_restr.dev_ideal_target 
_refine_ls_restr.number 
_refine_ls_restr.rejects 
_refine_ls_restr.type 
_refine_ls_restr.weight 
_refine_ls_restr.pdbx_restraint_function 
'X-RAY DIFFRACTION' ? 0.0065  ? 998  ? f_bond_d           ? ? 
'X-RAY DIFFRACTION' ? 0.8410  ? 1366 ? f_angle_d          ? ? 
'X-RAY DIFFRACTION' ? 0.0545  ? 165  ? f_chiral_restr     ? ? 
'X-RAY DIFFRACTION' ? 0.0072  ? 181  ? f_plane_restr      ? ? 
'X-RAY DIFFRACTION' ? 14.0359 ? 359  ? f_dihedral_angle_d ? ? 
# 
loop_
_refine_ls_shell.pdbx_refine_id 
_refine_ls_shell.d_res_high 
_refine_ls_shell.d_res_low 
_refine_ls_shell.number_reflns_all 
_refine_ls_shell.number_reflns_obs 
_refine_ls_shell.number_reflns_R_free 
_refine_ls_shell.number_reflns_R_work 
_refine_ls_shell.percent_reflns_obs 
_refine_ls_shell.percent_reflns_R_free 
_refine_ls_shell.R_factor_all 
_refine_ls_shell.R_factor_obs 
_refine_ls_shell.R_factor_R_free_error 
_refine_ls_shell.R_factor_R_work 
_refine_ls_shell.redundancy_reflns_all 
_refine_ls_shell.redundancy_reflns_obs 
_refine_ls_shell.wR_factor_all 
_refine_ls_shell.wR_factor_obs 
_refine_ls_shell.wR_factor_R_free 
_refine_ls_shell.wR_factor_R_work 
_refine_ls_shell.pdbx_R_complete 
_refine_ls_shell.pdbx_total_number_of_bins_used 
_refine_ls_shell.pdbx_phase_error 
_refine_ls_shell.pdbx_fsc_work 
_refine_ls_shell.pdbx_fsc_free 
_refine_ls_shell.R_factor_R_free 
'X-RAY DIFFRACTION' 1.86 1.96  . . 108 985  74.61 . . . . 0.1941 . . . . . . . . . . . 0.2133 
'X-RAY DIFFRACTION' 1.96 2.08  . . 138 1245 95.31 . . . . 0.1702 . . . . . . . . . . . 0.2227 
'X-RAY DIFFRACTION' 2.08 2.24  . . 142 1295 97.96 . . . . 0.1693 . . . . . . . . . . . 0.2263 
'X-RAY DIFFRACTION' 2.24 2.47  . . 145 1296 97.89 . . . . 0.1720 . . . . . . . . . . . 0.2168 
'X-RAY DIFFRACTION' 2.47 2.83  . . 143 1293 97.55 . . . . 0.1753 . . . . . . . . . . . 0.2283 
'X-RAY DIFFRACTION' 2.83 3.56  . . 148 1319 98.19 . . . . 0.1736 . . . . . . . . . . . 0.1853 
'X-RAY DIFFRACTION' 3.56 41.17 . . 156 1396 99.42 . . . . 0.1660 . . . . . . . . . . . 0.1726 
# 
_struct.entry_id                     9BKA 
_struct.title                        'Crystal structure of Rid family protein PSPTO3006' 
_struct.pdbx_model_details           ? 
_struct.pdbx_formula_weight          ? 
_struct.pdbx_formula_weight_method   ? 
_struct.pdbx_model_type_details      ? 
_struct.pdbx_CASP_flag               N 
# 
_struct_keywords.entry_id        9BKA 
_struct_keywords.text            'Rid family protein, deamination, stress, Hydrolase, Deaminase AmnE' 
_struct_keywords.pdbx_keywords   HYDROLASE 
# 
loop_
_struct_asym.id 
_struct_asym.pdbx_blank_PDB_chainid_flag 
_struct_asym.pdbx_modified 
_struct_asym.entity_id 
_struct_asym.details 
A N N 1 ? 
B N N 2 ? 
# 
_struct_ref.id                         1 
_struct_ref.db_name                    UNP 
_struct_ref.db_code                    Q880Z0_PSESM 
_struct_ref.pdbx_db_accession          Q880Z0 
_struct_ref.pdbx_db_isoform            ? 
_struct_ref.entity_id                  1 
_struct_ref.pdbx_seq_one_letter_code   
;MSDSIQRTSVGDFPISQTVTVPASASLIFISGTLPDLADPHAPAGTPAAYGNTQVQTVSVFNKLRRILQQQDLDLGDIVQ
LRVFLVGAEETGGKLDFAGLQAGYTQFFGTPEQPLKPARTALQVVALPLPGALIEVEAVAARSA
;
_struct_ref.pdbx_align_begin           1 
# 
_struct_ref_seq.align_id                      1 
_struct_ref_seq.ref_id                        1 
_struct_ref_seq.pdbx_PDB_id_code              9BKA 
_struct_ref_seq.pdbx_strand_id                A 
_struct_ref_seq.seq_align_beg                 1 
_struct_ref_seq.pdbx_seq_align_beg_ins_code   ? 
_struct_ref_seq.seq_align_end                 144 
_struct_ref_seq.pdbx_seq_align_end_ins_code   ? 
_struct_ref_seq.pdbx_db_accession             Q880Z0 
_struct_ref_seq.db_align_beg                  1 
_struct_ref_seq.pdbx_db_align_beg_ins_code    ? 
_struct_ref_seq.db_align_end                  144 
_struct_ref_seq.pdbx_db_align_end_ins_code    ? 
_struct_ref_seq.pdbx_auth_seq_align_beg       1 
_struct_ref_seq.pdbx_auth_seq_align_end       144 
# 
_pdbx_struct_assembly.id                   1 
_pdbx_struct_assembly.details              author_and_software_defined_assembly 
_pdbx_struct_assembly.method_details       PISA 
_pdbx_struct_assembly.oligomeric_details   trimeric 
_pdbx_struct_assembly.oligomeric_count     3 
# 
loop_
_pdbx_struct_assembly_prop.biol_id 
_pdbx_struct_assembly_prop.type 
_pdbx_struct_assembly_prop.value 
_pdbx_struct_assembly_prop.details 
1 'ABSA (A^2)' 5570  ? 
1 MORE         -31   ? 
1 'SSA (A^2)'  15540 ? 
# 
_pdbx_struct_assembly_gen.assembly_id       1 
_pdbx_struct_assembly_gen.oper_expression   1,2,3 
_pdbx_struct_assembly_gen.asym_id_list      A,B 
# 
loop_
_pdbx_struct_oper_list.id 
_pdbx_struct_oper_list.type 
_pdbx_struct_oper_list.name 
_pdbx_struct_oper_list.symmetry_operation 
_pdbx_struct_oper_list.matrix[1][1] 
_pdbx_struct_oper_list.matrix[1][2] 
_pdbx_struct_oper_list.matrix[1][3] 
_pdbx_struct_oper_list.vector[1] 
_pdbx_struct_oper_list.matrix[2][1] 
_pdbx_struct_oper_list.matrix[2][2] 
_pdbx_struct_oper_list.matrix[2][3] 
_pdbx_struct_oper_list.vector[2] 
_pdbx_struct_oper_list.matrix[3][1] 
_pdbx_struct_oper_list.matrix[3][2] 
_pdbx_struct_oper_list.matrix[3][3] 
_pdbx_struct_oper_list.vector[3] 
1 'identity operation'         1_555  x,y,z           1.0000000000  0.0000000000  0.0000000000 0.0000000000   0.0000000000  1.0000000000  0.0000000000  0.0000000000   0.0000000000 0.0000000000  1.0000000000 0.0000000000  
2 'crystal symmetry operation' 6_445  z-1/2,-x-1/2,-y -0.4239843147 0.6782388465  0.6001911095 -11.6963497942 -0.9055037284 -0.3301359571 -0.2665956635 -19.8752384549 0.0173291311 -0.6565076671 0.7541202718 -4.4350475486 
3 'crystal symmetry operation' 12_455 -y-1/2,-z,x+1/2 -0.4239843147 -0.9055037284 0.0173291311 -22.8793158550 0.6782388465  -0.3301359571 -0.6565076671 -1.5402547954  0.6001911095 -0.2665956635 0.7541202718 5.0659520405 
# 
loop_
_struct_conf.conf_type_id 
_struct_conf.id 
_struct_conf.pdbx_PDB_helix_id 
_struct_conf.beg_label_comp_id 
_struct_conf.beg_label_asym_id 
_struct_conf.beg_label_seq_id 
_struct_conf.pdbx_beg_PDB_ins_code 
_struct_conf.end_label_comp_id 
_struct_conf.end_label_asym_id 
_struct_conf.end_label_seq_id 
_struct_conf.pdbx_end_PDB_ins_code 
_struct_conf.beg_auth_comp_id 
_struct_conf.beg_auth_asym_id 
_struct_conf.beg_auth_seq_id 
_struct_conf.end_auth_comp_id 
_struct_conf.end_auth_asym_id 
_struct_conf.end_auth_seq_id 
_struct_conf.pdbx_PDB_helix_class 
_struct_conf.details 
_struct_conf.pdbx_PDB_helix_length 
HELX_P HELX_P1 AA1 THR A 46 ? GLY A 51  ? THR A 46 GLY A 51  1 ? 6  
HELX_P HELX_P2 AA2 ASN A 52 ? GLN A 71  ? ASN A 52 GLN A 71  1 ? 20 
HELX_P HELX_P3 AA3 ASP A 74 ? GLY A 76  ? ASP A 74 GLY A 76  5 ? 3  
HELX_P HELX_P4 AA4 ALA A 88 ? GLY A 92  ? ALA A 88 GLY A 92  5 ? 5  
HELX_P HELX_P5 AA5 ASP A 96 ? THR A 105 ? ASP A 96 THR A 105 1 ? 10 
# 
_struct_conf_type.id          HELX_P 
_struct_conf_type.criteria    ? 
_struct_conf_type.reference   ? 
# 
_struct_sheet.id               AA1 
_struct_sheet.type             ? 
_struct_sheet.number_strands   4 
_struct_sheet.details          ? 
# 
loop_
_struct_sheet_order.sheet_id 
_struct_sheet_order.range_id_1 
_struct_sheet_order.range_id_2 
_struct_sheet_order.offset 
_struct_sheet_order.sense 
AA1 1 2 ? anti-parallel 
AA1 2 3 ? anti-parallel 
AA1 3 4 ? parallel      
# 
loop_
_struct_sheet_range.sheet_id 
_struct_sheet_range.id 
_struct_sheet_range.beg_label_comp_id 
_struct_sheet_range.beg_label_asym_id 
_struct_sheet_range.beg_label_seq_id 
_struct_sheet_range.pdbx_beg_PDB_ins_code 
_struct_sheet_range.end_label_comp_id 
_struct_sheet_range.end_label_asym_id 
_struct_sheet_range.end_label_seq_id 
_struct_sheet_range.pdbx_end_PDB_ins_code 
_struct_sheet_range.beg_auth_comp_id 
_struct_sheet_range.beg_auth_asym_id 
_struct_sheet_range.beg_auth_seq_id 
_struct_sheet_range.end_auth_comp_id 
_struct_sheet_range.end_auth_asym_id 
_struct_sheet_range.end_auth_seq_id 
AA1 1 SER A 26  ? THR A 33  ? SER A 26  THR A 33  
AA1 2 ILE A 134 ? ARG A 142 ? ILE A 134 ARG A 142 
AA1 3 ILE A 78  ? LEU A 85  ? ILE A 78  LEU A 85  
AA1 4 ALA A 118 ? GLN A 123 ? ALA A 118 GLN A 123 
# 
loop_
_pdbx_struct_sheet_hbond.sheet_id 
_pdbx_struct_sheet_hbond.range_id_1 
_pdbx_struct_sheet_hbond.range_id_2 
_pdbx_struct_sheet_hbond.range_1_label_atom_id 
_pdbx_struct_sheet_hbond.range_1_label_comp_id 
_pdbx_struct_sheet_hbond.range_1_label_asym_id 
_pdbx_struct_sheet_hbond.range_1_label_seq_id 
_pdbx_struct_sheet_hbond.range_1_PDB_ins_code 
_pdbx_struct_sheet_hbond.range_1_auth_atom_id 
_pdbx_struct_sheet_hbond.range_1_auth_comp_id 
_pdbx_struct_sheet_hbond.range_1_auth_asym_id 
_pdbx_struct_sheet_hbond.range_1_auth_seq_id 
_pdbx_struct_sheet_hbond.range_2_label_atom_id 
_pdbx_struct_sheet_hbond.range_2_label_comp_id 
_pdbx_struct_sheet_hbond.range_2_label_asym_id 
_pdbx_struct_sheet_hbond.range_2_label_seq_id 
_pdbx_struct_sheet_hbond.range_2_PDB_ins_code 
_pdbx_struct_sheet_hbond.range_2_auth_atom_id 
_pdbx_struct_sheet_hbond.range_2_auth_comp_id 
_pdbx_struct_sheet_hbond.range_2_auth_asym_id 
_pdbx_struct_sheet_hbond.range_2_auth_seq_id 
AA1 1 2 N THR A 33  ? N THR A 33  O VAL A 136 ? O VAL A 136 
AA1 2 3 O VAL A 139 ? O VAL A 139 N VAL A 79  ? N VAL A 79  
AA1 3 4 N VAL A 83  ? N VAL A 83  O THR A 120 ? O THR A 120 
# 
loop_
_pdbx_validate_close_contact.id 
_pdbx_validate_close_contact.PDB_model_num 
_pdbx_validate_close_contact.auth_atom_id_1 
_pdbx_validate_close_contact.auth_asym_id_1 
_pdbx_validate_close_contact.auth_comp_id_1 
_pdbx_validate_close_contact.auth_seq_id_1 
_pdbx_validate_close_contact.PDB_ins_code_1 
_pdbx_validate_close_contact.label_alt_id_1 
_pdbx_validate_close_contact.auth_atom_id_2 
_pdbx_validate_close_contact.auth_asym_id_2 
_pdbx_validate_close_contact.auth_comp_id_2 
_pdbx_validate_close_contact.auth_seq_id_2 
_pdbx_validate_close_contact.PDB_ins_code_2 
_pdbx_validate_close_contact.label_alt_id_2 
_pdbx_validate_close_contact.dist 
1  1 O A HOH 291 ? ? O A HOH 296 ? ? 1.54 
2  1 O A HOH 280 ? ? O A HOH 293 ? ? 1.70 
3  1 O A HOH 287 ? ? O A HOH 288 ? ? 1.78 
4  1 O A HOH 234 ? ? O A HOH 251 ? ? 1.83 
5  1 O A HOH 234 ? ? O A HOH 283 ? ? 2.01 
6  1 O A HOH 269 ? ? O A HOH 289 ? ? 2.02 
7  1 O A HOH 273 ? ? O A HOH 292 ? ? 2.09 
8  1 O A HOH 270 ? ? O A HOH 301 ? ? 2.10 
9  1 O A HOH 236 ? ? O A HOH 283 ? ? 2.15 
10 1 O A HOH 235 ? ? O A HOH 282 ? ? 2.15 
# 
loop_
_pdbx_validate_symm_contact.id 
_pdbx_validate_symm_contact.PDB_model_num 
_pdbx_validate_symm_contact.auth_atom_id_1 
_pdbx_validate_symm_contact.auth_asym_id_1 
_pdbx_validate_symm_contact.auth_comp_id_1 
_pdbx_validate_symm_contact.auth_seq_id_1 
_pdbx_validate_symm_contact.PDB_ins_code_1 
_pdbx_validate_symm_contact.label_alt_id_1 
_pdbx_validate_symm_contact.site_symmetry_1 
_pdbx_validate_symm_contact.auth_atom_id_2 
_pdbx_validate_symm_contact.auth_asym_id_2 
_pdbx_validate_symm_contact.auth_comp_id_2 
_pdbx_validate_symm_contact.auth_seq_id_2 
_pdbx_validate_symm_contact.PDB_ins_code_2 
_pdbx_validate_symm_contact.label_alt_id_2 
_pdbx_validate_symm_contact.site_symmetry_2 
_pdbx_validate_symm_contact.dist 
1 1 O A HOH 256 ? ? 1_555 O A HOH 302 ? ? 6_445  1.85 
2 1 O A HOH 254 ? ? 1_555 O A HOH 268 ? ? 3_555  2.01 
3 1 O A HOH 206 ? ? 1_555 O A HOH 260 ? ? 10_545 2.17 
# 
_pdbx_validate_torsion.id              1 
_pdbx_validate_torsion.PDB_model_num   1 
_pdbx_validate_torsion.auth_comp_id    PRO 
_pdbx_validate_torsion.auth_asym_id    A 
_pdbx_validate_torsion.auth_seq_id     14 
_pdbx_validate_torsion.PDB_ins_code    ? 
_pdbx_validate_torsion.label_alt_id    ? 
_pdbx_validate_torsion.phi             -80.61 
_pdbx_validate_torsion.psi             31.34 
# 
loop_
_pdbx_struct_special_symmetry.id 
_pdbx_struct_special_symmetry.PDB_model_num 
_pdbx_struct_special_symmetry.auth_asym_id 
_pdbx_struct_special_symmetry.auth_comp_id 
_pdbx_struct_special_symmetry.auth_seq_id 
_pdbx_struct_special_symmetry.PDB_ins_code 
_pdbx_struct_special_symmetry.label_asym_id 
_pdbx_struct_special_symmetry.label_comp_id 
_pdbx_struct_special_symmetry.label_seq_id 
1 1 A HOH 203 ? B HOH . 
2 1 A HOH 295 ? B HOH . 
# 
loop_
_space_group_symop.id 
_space_group_symop.operation_xyz 
1  x,y,z           
2  z,x,y           
3  y,z,x           
4  -y+1/2,-z,x+1/2 
5  z+1/2,-x+1/2,-y 
6  -y,z+1/2,-x+1/2 
7  -z+1/2,-x,y+1/2 
8  -z,x+1/2,-y+1/2 
9  y+1/2,-z+1/2,-x 
10 x+1/2,-y+1/2,-z 
11 -x,y+1/2,-z+1/2 
12 -x+1/2,-y,z+1/2 
# 
loop_
_pdbx_unobs_or_zero_occ_residues.id 
_pdbx_unobs_or_zero_occ_residues.PDB_model_num 
_pdbx_unobs_or_zero_occ_residues.polymer_flag 
_pdbx_unobs_or_zero_occ_residues.occupancy_flag 
_pdbx_unobs_or_zero_occ_residues.auth_asym_id 
_pdbx_unobs_or_zero_occ_residues.auth_comp_id 
_pdbx_unobs_or_zero_occ_residues.auth_seq_id 
_pdbx_unobs_or_zero_occ_residues.PDB_ins_code 
_pdbx_unobs_or_zero_occ_residues.label_asym_id 
_pdbx_unobs_or_zero_occ_residues.label_comp_id 
_pdbx_unobs_or_zero_occ_residues.label_seq_id 
1  1 Y 1 A MET 1  ? A MET 1  
2  1 Y 1 A SER 2  ? A SER 2  
3  1 Y 1 A ASP 3  ? A ASP 3  
4  1 Y 1 A SER 4  ? A SER 4  
5  1 Y 1 A ILE 5  ? A ILE 5  
6  1 Y 1 A GLN 6  ? A GLN 6  
7  1 Y 1 A ARG 7  ? A ARG 7  
8  1 Y 1 A THR 8  ? A THR 8  
9  1 Y 1 A SER 9  ? A SER 9  
10 1 Y 1 A VAL 10 ? A VAL 10 
11 1 Y 1 A GLY 11 ? A GLY 11 
12 1 Y 1 A ASP 12 ? A ASP 12 
# 
loop_
_chem_comp_atom.comp_id 
_chem_comp_atom.atom_id 
_chem_comp_atom.type_symbol 
_chem_comp_atom.pdbx_aromatic_flag 
_chem_comp_atom.pdbx_stereo_config 
_chem_comp_atom.pdbx_ordinal 
ALA N    N N N 1   
ALA CA   C N S 2   
ALA C    C N N 3   
ALA O    O N N 4   
ALA CB   C N N 5   
ALA OXT  O N N 6   
ALA H    H N N 7   
ALA H2   H N N 8   
ALA HA   H N N 9   
ALA HB1  H N N 10  
ALA HB2  H N N 11  
ALA HB3  H N N 12  
ALA HXT  H N N 13  
ARG N    N N N 14  
ARG CA   C N S 15  
ARG C    C N N 16  
ARG O    O N N 17  
ARG CB   C N N 18  
ARG CG   C N N 19  
ARG CD   C N N 20  
ARG NE   N N N 21  
ARG CZ   C N N 22  
ARG NH1  N N N 23  
ARG NH2  N N N 24  
ARG OXT  O N N 25  
ARG H    H N N 26  
ARG H2   H N N 27  
ARG HA   H N N 28  
ARG HB2  H N N 29  
ARG HB3  H N N 30  
ARG HG2  H N N 31  
ARG HG3  H N N 32  
ARG HD2  H N N 33  
ARG HD3  H N N 34  
ARG HE   H N N 35  
ARG HH11 H N N 36  
ARG HH12 H N N 37  
ARG HH21 H N N 38  
ARG HH22 H N N 39  
ARG HXT  H N N 40  
ASN N    N N N 41  
ASN CA   C N S 42  
ASN C    C N N 43  
ASN O    O N N 44  
ASN CB   C N N 45  
ASN CG   C N N 46  
ASN OD1  O N N 47  
ASN ND2  N N N 48  
ASN OXT  O N N 49  
ASN H    H N N 50  
ASN H2   H N N 51  
ASN HA   H N N 52  
ASN HB2  H N N 53  
ASN HB3  H N N 54  
ASN HD21 H N N 55  
ASN HD22 H N N 56  
ASN HXT  H N N 57  
ASP N    N N N 58  
ASP CA   C N S 59  
ASP C    C N N 60  
ASP O    O N N 61  
ASP CB   C N N 62  
ASP CG   C N N 63  
ASP OD1  O N N 64  
ASP OD2  O N N 65  
ASP OXT  O N N 66  
ASP H    H N N 67  
ASP H2   H N N 68  
ASP HA   H N N 69  
ASP HB2  H N N 70  
ASP HB3  H N N 71  
ASP HD2  H N N 72  
ASP HXT  H N N 73  
GLN N    N N N 74  
GLN CA   C N S 75  
GLN C    C N N 76  
GLN O    O N N 77  
GLN CB   C N N 78  
GLN CG   C N N 79  
GLN CD   C N N 80  
GLN OE1  O N N 81  
GLN NE2  N N N 82  
GLN OXT  O N N 83  
GLN H    H N N 84  
GLN H2   H N N 85  
GLN HA   H N N 86  
GLN HB2  H N N 87  
GLN HB3  H N N 88  
GLN HG2  H N N 89  
GLN HG3  H N N 90  
GLN HE21 H N N 91  
GLN HE22 H N N 92  
GLN HXT  H N N 93  
GLU N    N N N 94  
GLU CA   C N S 95  
GLU C    C N N 96  
GLU O    O N N 97  
GLU CB   C N N 98  
GLU CG   C N N 99  
GLU CD   C N N 100 
GLU OE1  O N N 101 
GLU OE2  O N N 102 
GLU OXT  O N N 103 
GLU H    H N N 104 
GLU H2   H N N 105 
GLU HA   H N N 106 
GLU HB2  H N N 107 
GLU HB3  H N N 108 
GLU HG2  H N N 109 
GLU HG3  H N N 110 
GLU HE2  H N N 111 
GLU HXT  H N N 112 
GLY N    N N N 113 
GLY CA   C N N 114 
GLY C    C N N 115 
GLY O    O N N 116 
GLY OXT  O N N 117 
GLY H    H N N 118 
GLY H2   H N N 119 
GLY HA2  H N N 120 
GLY HA3  H N N 121 
GLY HXT  H N N 122 
HIS N    N N N 123 
HIS CA   C N S 124 
HIS C    C N N 125 
HIS O    O N N 126 
HIS CB   C N N 127 
HIS CG   C Y N 128 
HIS ND1  N Y N 129 
HIS CD2  C Y N 130 
HIS CE1  C Y N 131 
HIS NE2  N Y N 132 
HIS OXT  O N N 133 
HIS H    H N N 134 
HIS H2   H N N 135 
HIS HA   H N N 136 
HIS HB2  H N N 137 
HIS HB3  H N N 138 
HIS HD1  H N N 139 
HIS HD2  H N N 140 
HIS HE1  H N N 141 
HIS HE2  H N N 142 
HIS HXT  H N N 143 
HOH O    O N N 144 
HOH H1   H N N 145 
HOH H2   H N N 146 
ILE N    N N N 147 
ILE CA   C N S 148 
ILE C    C N N 149 
ILE O    O N N 150 
ILE CB   C N S 151 
ILE CG1  C N N 152 
ILE CG2  C N N 153 
ILE CD1  C N N 154 
ILE OXT  O N N 155 
ILE H    H N N 156 
ILE H2   H N N 157 
ILE HA   H N N 158 
ILE HB   H N N 159 
ILE HG12 H N N 160 
ILE HG13 H N N 161 
ILE HG21 H N N 162 
ILE HG22 H N N 163 
ILE HG23 H N N 164 
ILE HD11 H N N 165 
ILE HD12 H N N 166 
ILE HD13 H N N 167 
ILE HXT  H N N 168 
LEU N    N N N 169 
LEU CA   C N S 170 
LEU C    C N N 171 
LEU O    O N N 172 
LEU CB   C N N 173 
LEU CG   C N N 174 
LEU CD1  C N N 175 
LEU CD2  C N N 176 
LEU OXT  O N N 177 
LEU H    H N N 178 
LEU H2   H N N 179 
LEU HA   H N N 180 
LEU HB2  H N N 181 
LEU HB3  H N N 182 
LEU HG   H N N 183 
LEU HD11 H N N 184 
LEU HD12 H N N 185 
LEU HD13 H N N 186 
LEU HD21 H N N 187 
LEU HD22 H N N 188 
LEU HD23 H N N 189 
LEU HXT  H N N 190 
LYS N    N N N 191 
LYS CA   C N S 192 
LYS C    C N N 193 
LYS O    O N N 194 
LYS CB   C N N 195 
LYS CG   C N N 196 
LYS CD   C N N 197 
LYS CE   C N N 198 
LYS NZ   N N N 199 
LYS OXT  O N N 200 
LYS H    H N N 201 
LYS H2   H N N 202 
LYS HA   H N N 203 
LYS HB2  H N N 204 
LYS HB3  H N N 205 
LYS HG2  H N N 206 
LYS HG3  H N N 207 
LYS HD2  H N N 208 
LYS HD3  H N N 209 
LYS HE2  H N N 210 
LYS HE3  H N N 211 
LYS HZ1  H N N 212 
LYS HZ2  H N N 213 
LYS HZ3  H N N 214 
LYS HXT  H N N 215 
MET N    N N N 216 
MET CA   C N S 217 
MET C    C N N 218 
MET O    O N N 219 
MET CB   C N N 220 
MET CG   C N N 221 
MET SD   S N N 222 
MET CE   C N N 223 
MET OXT  O N N 224 
MET H    H N N 225 
MET H2   H N N 226 
MET HA   H N N 227 
MET HB2  H N N 228 
MET HB3  H N N 229 
MET HG2  H N N 230 
MET HG3  H N N 231 
MET HE1  H N N 232 
MET HE2  H N N 233 
MET HE3  H N N 234 
MET HXT  H N N 235 
PHE N    N N N 236 
PHE CA   C N S 237 
PHE C    C N N 238 
PHE O    O N N 239 
PHE CB   C N N 240 
PHE CG   C Y N 241 
PHE CD1  C Y N 242 
PHE CD2  C Y N 243 
PHE CE1  C Y N 244 
PHE CE2  C Y N 245 
PHE CZ   C Y N 246 
PHE OXT  O N N 247 
PHE H    H N N 248 
PHE H2   H N N 249 
PHE HA   H N N 250 
PHE HB2  H N N 251 
PHE HB3  H N N 252 
PHE HD1  H N N 253 
PHE HD2  H N N 254 
PHE HE1  H N N 255 
PHE HE2  H N N 256 
PHE HZ   H N N 257 
PHE HXT  H N N 258 
PRO N    N N N 259 
PRO CA   C N S 260 
PRO C    C N N 261 
PRO O    O N N 262 
PRO CB   C N N 263 
PRO CG   C N N 264 
PRO CD   C N N 265 
PRO OXT  O N N 266 
PRO H    H N N 267 
PRO HA   H N N 268 
PRO HB2  H N N 269 
PRO HB3  H N N 270 
PRO HG2  H N N 271 
PRO HG3  H N N 272 
PRO HD2  H N N 273 
PRO HD3  H N N 274 
PRO HXT  H N N 275 
SER N    N N N 276 
SER CA   C N S 277 
SER C    C N N 278 
SER O    O N N 279 
SER CB   C N N 280 
SER OG   O N N 281 
SER OXT  O N N 282 
SER H    H N N 283 
SER H2   H N N 284 
SER HA   H N N 285 
SER HB2  H N N 286 
SER HB3  H N N 287 
SER HG   H N N 288 
SER HXT  H N N 289 
THR N    N N N 290 
THR CA   C N S 291 
THR C    C N N 292 
THR O    O N N 293 
THR CB   C N R 294 
THR OG1  O N N 295 
THR CG2  C N N 296 
THR OXT  O N N 297 
THR H    H N N 298 
THR H2   H N N 299 
THR HA   H N N 300 
THR HB   H N N 301 
THR HG1  H N N 302 
THR HG21 H N N 303 
THR HG22 H N N 304 
THR HG23 H N N 305 
THR HXT  H N N 306 
TYR N    N N N 307 
TYR CA   C N S 308 
TYR C    C N N 309 
TYR O    O N N 310 
TYR CB   C N N 311 
TYR CG   C Y N 312 
TYR CD1  C Y N 313 
TYR CD2  C Y N 314 
TYR CE1  C Y N 315 
TYR CE2  C Y N 316 
TYR CZ   C Y N 317 
TYR OH   O N N 318 
TYR OXT  O N N 319 
TYR H    H N N 320 
TYR H2   H N N 321 
TYR HA   H N N 322 
TYR HB2  H N N 323 
TYR HB3  H N N 324 
TYR HD1  H N N 325 
TYR HD2  H N N 326 
TYR HE1  H N N 327 
TYR HE2  H N N 328 
TYR HH   H N N 329 
TYR HXT  H N N 330 
VAL N    N N N 331 
VAL CA   C N S 332 
VAL C    C N N 333 
VAL O    O N N 334 
VAL CB   C N N 335 
VAL CG1  C N N 336 
VAL CG2  C N N 337 
VAL OXT  O N N 338 
VAL H    H N N 339 
VAL H2   H N N 340 
VAL HA   H N N 341 
VAL HB   H N N 342 
VAL HG11 H N N 343 
VAL HG12 H N N 344 
VAL HG13 H N N 345 
VAL HG21 H N N 346 
VAL HG22 H N N 347 
VAL HG23 H N N 348 
VAL HXT  H N N 349 
# 
loop_
_chem_comp_bond.comp_id 
_chem_comp_bond.atom_id_1 
_chem_comp_bond.atom_id_2 
_chem_comp_bond.value_order 
_chem_comp_bond.pdbx_aromatic_flag 
_chem_comp_bond.pdbx_stereo_config 
_chem_comp_bond.pdbx_ordinal 
ALA N   CA   sing N N 1   
ALA N   H    sing N N 2   
ALA N   H2   sing N N 3   
ALA CA  C    sing N N 4   
ALA CA  CB   sing N N 5   
ALA CA  HA   sing N N 6   
ALA C   O    doub N N 7   
ALA C   OXT  sing N N 8   
ALA CB  HB1  sing N N 9   
ALA CB  HB2  sing N N 10  
ALA CB  HB3  sing N N 11  
ALA OXT HXT  sing N N 12  
ARG N   CA   sing N N 13  
ARG N   H    sing N N 14  
ARG N   H2   sing N N 15  
ARG CA  C    sing N N 16  
ARG CA  CB   sing N N 17  
ARG CA  HA   sing N N 18  
ARG C   O    doub N N 19  
ARG C   OXT  sing N N 20  
ARG CB  CG   sing N N 21  
ARG CB  HB2  sing N N 22  
ARG CB  HB3  sing N N 23  
ARG CG  CD   sing N N 24  
ARG CG  HG2  sing N N 25  
ARG CG  HG3  sing N N 26  
ARG CD  NE   sing N N 27  
ARG CD  HD2  sing N N 28  
ARG CD  HD3  sing N N 29  
ARG NE  CZ   sing N N 30  
ARG NE  HE   sing N N 31  
ARG CZ  NH1  sing N N 32  
ARG CZ  NH2  doub N N 33  
ARG NH1 HH11 sing N N 34  
ARG NH1 HH12 sing N N 35  
ARG NH2 HH21 sing N N 36  
ARG NH2 HH22 sing N N 37  
ARG OXT HXT  sing N N 38  
ASN N   CA   sing N N 39  
ASN N   H    sing N N 40  
ASN N   H2   sing N N 41  
ASN CA  C    sing N N 42  
ASN CA  CB   sing N N 43  
ASN CA  HA   sing N N 44  
ASN C   O    doub N N 45  
ASN C   OXT  sing N N 46  
ASN CB  CG   sing N N 47  
ASN CB  HB2  sing N N 48  
ASN CB  HB3  sing N N 49  
ASN CG  OD1  doub N N 50  
ASN CG  ND2  sing N N 51  
ASN ND2 HD21 sing N N 52  
ASN ND2 HD22 sing N N 53  
ASN OXT HXT  sing N N 54  
ASP N   CA   sing N N 55  
ASP N   H    sing N N 56  
ASP N   H2   sing N N 57  
ASP CA  C    sing N N 58  
ASP CA  CB   sing N N 59  
ASP CA  HA   sing N N 60  
ASP C   O    doub N N 61  
ASP C   OXT  sing N N 62  
ASP CB  CG   sing N N 63  
ASP CB  HB2  sing N N 64  
ASP CB  HB3  sing N N 65  
ASP CG  OD1  doub N N 66  
ASP CG  OD2  sing N N 67  
ASP OD2 HD2  sing N N 68  
ASP OXT HXT  sing N N 69  
GLN N   CA   sing N N 70  
GLN N   H    sing N N 71  
GLN N   H2   sing N N 72  
GLN CA  C    sing N N 73  
GLN CA  CB   sing N N 74  
GLN CA  HA   sing N N 75  
GLN C   O    doub N N 76  
GLN C   OXT  sing N N 77  
GLN CB  CG   sing N N 78  
GLN CB  HB2  sing N N 79  
GLN CB  HB3  sing N N 80  
GLN CG  CD   sing N N 81  
GLN CG  HG2  sing N N 82  
GLN CG  HG3  sing N N 83  
GLN CD  OE1  doub N N 84  
GLN CD  NE2  sing N N 85  
GLN NE2 HE21 sing N N 86  
GLN NE2 HE22 sing N N 87  
GLN OXT HXT  sing N N 88  
GLU N   CA   sing N N 89  
GLU N   H    sing N N 90  
GLU N   H2   sing N N 91  
GLU CA  C    sing N N 92  
GLU CA  CB   sing N N 93  
GLU CA  HA   sing N N 94  
GLU C   O    doub N N 95  
GLU C   OXT  sing N N 96  
GLU CB  CG   sing N N 97  
GLU CB  HB2  sing N N 98  
GLU CB  HB3  sing N N 99  
GLU CG  CD   sing N N 100 
GLU CG  HG2  sing N N 101 
GLU CG  HG3  sing N N 102 
GLU CD  OE1  doub N N 103 
GLU CD  OE2  sing N N 104 
GLU OE2 HE2  sing N N 105 
GLU OXT HXT  sing N N 106 
GLY N   CA   sing N N 107 
GLY N   H    sing N N 108 
GLY N   H2   sing N N 109 
GLY CA  C    sing N N 110 
GLY CA  HA2  sing N N 111 
GLY CA  HA3  sing N N 112 
GLY C   O    doub N N 113 
GLY C   OXT  sing N N 114 
GLY OXT HXT  sing N N 115 
HIS N   CA   sing N N 116 
HIS N   H    sing N N 117 
HIS N   H2   sing N N 118 
HIS CA  C    sing N N 119 
HIS CA  CB   sing N N 120 
HIS CA  HA   sing N N 121 
HIS C   O    doub N N 122 
HIS C   OXT  sing N N 123 
HIS CB  CG   sing N N 124 
HIS CB  HB2  sing N N 125 
HIS CB  HB3  sing N N 126 
HIS CG  ND1  sing Y N 127 
HIS CG  CD2  doub Y N 128 
HIS ND1 CE1  doub Y N 129 
HIS ND1 HD1  sing N N 130 
HIS CD2 NE2  sing Y N 131 
HIS CD2 HD2  sing N N 132 
HIS CE1 NE2  sing Y N 133 
HIS CE1 HE1  sing N N 134 
HIS NE2 HE2  sing N N 135 
HIS OXT HXT  sing N N 136 
HOH O   H1   sing N N 137 
HOH O   H2   sing N N 138 
ILE N   CA   sing N N 139 
ILE N   H    sing N N 140 
ILE N   H2   sing N N 141 
ILE CA  C    sing N N 142 
ILE CA  CB   sing N N 143 
ILE CA  HA   sing N N 144 
ILE C   O    doub N N 145 
ILE C   OXT  sing N N 146 
ILE CB  CG1  sing N N 147 
ILE CB  CG2  sing N N 148 
ILE CB  HB   sing N N 149 
ILE CG1 CD1  sing N N 150 
ILE CG1 HG12 sing N N 151 
ILE CG1 HG13 sing N N 152 
ILE CG2 HG21 sing N N 153 
ILE CG2 HG22 sing N N 154 
ILE CG2 HG23 sing N N 155 
ILE CD1 HD11 sing N N 156 
ILE CD1 HD12 sing N N 157 
ILE CD1 HD13 sing N N 158 
ILE OXT HXT  sing N N 159 
LEU N   CA   sing N N 160 
LEU N   H    sing N N 161 
LEU N   H2   sing N N 162 
LEU CA  C    sing N N 163 
LEU CA  CB   sing N N 164 
LEU CA  HA   sing N N 165 
LEU C   O    doub N N 166 
LEU C   OXT  sing N N 167 
LEU CB  CG   sing N N 168 
LEU CB  HB2  sing N N 169 
LEU CB  HB3  sing N N 170 
LEU CG  CD1  sing N N 171 
LEU CG  CD2  sing N N 172 
LEU CG  HG   sing N N 173 
LEU CD1 HD11 sing N N 174 
LEU CD1 HD12 sing N N 175 
LEU CD1 HD13 sing N N 176 
LEU CD2 HD21 sing N N 177 
LEU CD2 HD22 sing N N 178 
LEU CD2 HD23 sing N N 179 
LEU OXT HXT  sing N N 180 
LYS N   CA   sing N N 181 
LYS N   H    sing N N 182 
LYS N   H2   sing N N 183 
LYS CA  C    sing N N 184 
LYS CA  CB   sing N N 185 
LYS CA  HA   sing N N 186 
LYS C   O    doub N N 187 
LYS C   OXT  sing N N 188 
LYS CB  CG   sing N N 189 
LYS CB  HB2  sing N N 190 
LYS CB  HB3  sing N N 191 
LYS CG  CD   sing N N 192 
LYS CG  HG2  sing N N 193 
LYS CG  HG3  sing N N 194 
LYS CD  CE   sing N N 195 
LYS CD  HD2  sing N N 196 
LYS CD  HD3  sing N N 197 
LYS CE  NZ   sing N N 198 
LYS CE  HE2  sing N N 199 
LYS CE  HE3  sing N N 200 
LYS NZ  HZ1  sing N N 201 
LYS NZ  HZ2  sing N N 202 
LYS NZ  HZ3  sing N N 203 
LYS OXT HXT  sing N N 204 
MET N   CA   sing N N 205 
MET N   H    sing N N 206 
MET N   H2   sing N N 207 
MET CA  C    sing N N 208 
MET CA  CB   sing N N 209 
MET CA  HA   sing N N 210 
MET C   O    doub N N 211 
MET C   OXT  sing N N 212 
MET CB  CG   sing N N 213 
MET CB  HB2  sing N N 214 
MET CB  HB3  sing N N 215 
MET CG  SD   sing N N 216 
MET CG  HG2  sing N N 217 
MET CG  HG3  sing N N 218 
MET SD  CE   sing N N 219 
MET CE  HE1  sing N N 220 
MET CE  HE2  sing N N 221 
MET CE  HE3  sing N N 222 
MET OXT HXT  sing N N 223 
PHE N   CA   sing N N 224 
PHE N   H    sing N N 225 
PHE N   H2   sing N N 226 
PHE CA  C    sing N N 227 
PHE CA  CB   sing N N 228 
PHE CA  HA   sing N N 229 
PHE C   O    doub N N 230 
PHE C   OXT  sing N N 231 
PHE CB  CG   sing N N 232 
PHE CB  HB2  sing N N 233 
PHE CB  HB3  sing N N 234 
PHE CG  CD1  doub Y N 235 
PHE CG  CD2  sing Y N 236 
PHE CD1 CE1  sing Y N 237 
PHE CD1 HD1  sing N N 238 
PHE CD2 CE2  doub Y N 239 
PHE CD2 HD2  sing N N 240 
PHE CE1 CZ   doub Y N 241 
PHE CE1 HE1  sing N N 242 
PHE CE2 CZ   sing Y N 243 
PHE CE2 HE2  sing N N 244 
PHE CZ  HZ   sing N N 245 
PHE OXT HXT  sing N N 246 
PRO N   CA   sing N N 247 
PRO N   CD   sing N N 248 
PRO N   H    sing N N 249 
PRO CA  C    sing N N 250 
PRO CA  CB   sing N N 251 
PRO CA  HA   sing N N 252 
PRO C   O    doub N N 253 
PRO C   OXT  sing N N 254 
PRO CB  CG   sing N N 255 
PRO CB  HB2  sing N N 256 
PRO CB  HB3  sing N N 257 
PRO CG  CD   sing N N 258 
PRO CG  HG2  sing N N 259 
PRO CG  HG3  sing N N 260 
PRO CD  HD2  sing N N 261 
PRO CD  HD3  sing N N 262 
PRO OXT HXT  sing N N 263 
SER N   CA   sing N N 264 
SER N   H    sing N N 265 
SER N   H2   sing N N 266 
SER CA  C    sing N N 267 
SER CA  CB   sing N N 268 
SER CA  HA   sing N N 269 
SER C   O    doub N N 270 
SER C   OXT  sing N N 271 
SER CB  OG   sing N N 272 
SER CB  HB2  sing N N 273 
SER CB  HB3  sing N N 274 
SER OG  HG   sing N N 275 
SER OXT HXT  sing N N 276 
THR N   CA   sing N N 277 
THR N   H    sing N N 278 
THR N   H2   sing N N 279 
THR CA  C    sing N N 280 
THR CA  CB   sing N N 281 
THR CA  HA   sing N N 282 
THR C   O    doub N N 283 
THR C   OXT  sing N N 284 
THR CB  OG1  sing N N 285 
THR CB  CG2  sing N N 286 
THR CB  HB   sing N N 287 
THR OG1 HG1  sing N N 288 
THR CG2 HG21 sing N N 289 
THR CG2 HG22 sing N N 290 
THR CG2 HG23 sing N N 291 
THR OXT HXT  sing N N 292 
TYR N   CA   sing N N 293 
TYR N   H    sing N N 294 
TYR N   H2   sing N N 295 
TYR CA  C    sing N N 296 
TYR CA  CB   sing N N 297 
TYR CA  HA   sing N N 298 
TYR C   O    doub N N 299 
TYR C   OXT  sing N N 300 
TYR CB  CG   sing N N 301 
TYR CB  HB2  sing N N 302 
TYR CB  HB3  sing N N 303 
TYR CG  CD1  doub Y N 304 
TYR CG  CD2  sing Y N 305 
TYR CD1 CE1  sing Y N 306 
TYR CD1 HD1  sing N N 307 
TYR CD2 CE2  doub Y N 308 
TYR CD2 HD2  sing N N 309 
TYR CE1 CZ   doub Y N 310 
TYR CE1 HE1  sing N N 311 
TYR CE2 CZ   sing Y N 312 
TYR CE2 HE2  sing N N 313 
TYR CZ  OH   sing N N 314 
TYR OH  HH   sing N N 315 
TYR OXT HXT  sing N N 316 
VAL N   CA   sing N N 317 
VAL N   H    sing N N 318 
VAL N   H2   sing N N 319 
VAL CA  C    sing N N 320 
VAL CA  CB   sing N N 321 
VAL CA  HA   sing N N 322 
VAL C   O    doub N N 323 
VAL C   OXT  sing N N 324 
VAL CB  CG1  sing N N 325 
VAL CB  CG2  sing N N 326 
VAL CB  HB   sing N N 327 
VAL CG1 HG11 sing N N 328 
VAL CG1 HG12 sing N N 329 
VAL CG1 HG13 sing N N 330 
VAL CG2 HG21 sing N N 331 
VAL CG2 HG22 sing N N 332 
VAL CG2 HG23 sing N N 333 
VAL OXT HXT  sing N N 334 
# 
_pdbx_audit_support.funding_organization   'Not funded' 
_pdbx_audit_support.country                ? 
_pdbx_audit_support.grant_number           ? 
_pdbx_audit_support.ordinal                1 
# 
_pdbx_initial_refinement_model.id               1 
_pdbx_initial_refinement_model.entity_id_list   ? 
_pdbx_initial_refinement_model.type             'in silico model' 
_pdbx_initial_refinement_model.source_name      AlphaFold 
_pdbx_initial_refinement_model.accession_code   ? 
_pdbx_initial_refinement_model.details          ? 
# 
_space_group.name_H-M_alt     'P 21 3' 
_space_group.name_Hall        'P 2ac 2ab 3' 
_space_group.IT_number        198 
_space_group.crystal_system   cubic 
_space_group.id               1 
# 
_atom_sites.entry_id                    9BKA 
_atom_sites.Cartn_transf_matrix[1][1]   ? 
_atom_sites.Cartn_transf_matrix[1][2]   ? 
_atom_sites.Cartn_transf_matrix[1][3]   ? 
_atom_sites.Cartn_transf_matrix[2][1]   ? 
_atom_sites.Cartn_transf_matrix[2][2]   ? 
_atom_sites.Cartn_transf_matrix[2][3]   ? 
_atom_sites.Cartn_transf_matrix[3][1]   ? 
_atom_sites.Cartn_transf_matrix[3][2]   ? 
_atom_sites.Cartn_transf_matrix[3][3]   ? 
_atom_sites.Cartn_transf_vector[1]      ? 
_atom_sites.Cartn_transf_vector[2]      ? 
_atom_sites.Cartn_transf_vector[3]      ? 
_atom_sites.Cartn_transform_axes        ? 
_atom_sites.fract_transf_matrix[1][1]   0.01292575 
_atom_sites.fract_transf_matrix[1][2]   -0.00078669 
_atom_sites.fract_transf_matrix[1][3]   0.00538317 
_atom_sites.fract_transf_matrix[2][1]   0.00278295 
_atom_sites.fract_transf_matrix[2][2]   0.01287973 
_atom_sites.fract_transf_matrix[2][3]   -0.00480002 
_atom_sites.fract_transf_matrix[3][1]   -0.00467468 
_atom_sites.fract_transf_matrix[3][2]   0.00549237 
_atom_sites.fract_transf_matrix[3][3]   0.01202721 
_atom_sites.fract_transf_vector[1]      -0.111668 
_atom_sites.fract_transf_vector[2]      -0.121087 
_atom_sites.fract_transf_vector[3]      0.228913 
_atom_sites.solution_primary            ? 
_atom_sites.solution_secondary          ? 
_atom_sites.solution_hydrogens          ? 
_atom_sites.special_details             ? 
# 
loop_
_atom_type.symbol 
_atom_type.scat_dispersion_real 
_atom_type.scat_dispersion_imag 
_atom_type.scat_Cromer_Mann_a1 
_atom_type.scat_Cromer_Mann_a2 
_atom_type.scat_Cromer_Mann_a3 
_atom_type.scat_Cromer_Mann_a4 
_atom_type.scat_Cromer_Mann_b1 
_atom_type.scat_Cromer_Mann_b2 
_atom_type.scat_Cromer_Mann_b3 
_atom_type.scat_Cromer_Mann_b4 
_atom_type.scat_Cromer_Mann_c 
_atom_type.scat_source 
_atom_type.scat_dispersion_source 
C ? ? 3.54356 2.42580 ? ? 25.62398 1.50364 ? ? 0.0 
;2-Gaussian fit: Grosse-Kunstleve RW, Sauter NK, Adams PD: Newsletter of the IUCr Commission on Crystallographic Computing 2004, 3, 22-31.
;
? 
N ? ? 4.01032 2.96436 ? ? 19.97189 1.75589 ? ? 0.0 
;2-Gaussian fit: Grosse-Kunstleve RW, Sauter NK, Adams PD: Newsletter of the IUCr Commission on Crystallographic Computing 2004, 3, 22-31.
;
? 
O ? ? 4.49882 3.47563 ? ? 15.80542 1.70748 ? ? 0.0 
;2-Gaussian fit: Grosse-Kunstleve RW, Sauter NK, Adams PD: Newsletter of the IUCr Commission on Crystallographic Computing 2004, 3, 22-31.
;
? 
# 
loop_
_atom_site.group_PDB 
_atom_site.id 
_atom_site.type_symbol 
_atom_site.label_atom_id 
_atom_site.label_alt_id 
_atom_site.label_comp_id 
_atom_site.label_asym_id 
_atom_site.label_entity_id 
_atom_site.label_seq_id 
_atom_site.pdbx_PDB_ins_code 
_atom_site.Cartn_x 
_atom_site.Cartn_y 
_atom_site.Cartn_z 
_atom_site.occupancy 
_atom_site.B_iso_or_equiv 
_atom_site.pdbx_formal_charge 
_atom_site.auth_seq_id 
_atom_site.auth_comp_id 
_atom_site.auth_asym_id 
_atom_site.auth_atom_id 
_atom_site.pdbx_PDB_model_num 
ATOM   1    N N   . PHE A 1 13  ? -8.97971  14.20950  5.22992   1.000 83.26903 ? 13  PHE A N   1 
ATOM   2    C CA  . PHE A 1 13  ? -8.30983  12.91389  5.21446   1.000 68.81219 ? 13  PHE A CA  1 
ATOM   3    C C   . PHE A 1 13  ? -7.58420  12.74729  3.88393   1.000 55.15810 ? 13  PHE A C   1 
ATOM   4    O O   . PHE A 1 13  ? -7.98797  13.33344  2.87787   1.000 51.55903 ? 13  PHE A O   1 
ATOM   5    C CB  . PHE A 1 13  ? -9.32004  11.77897  5.43966   1.000 66.24210 ? 13  PHE A CB  1 
ATOM   6    C CG  . PHE A 1 13  ? -8.76322  10.60771  6.21049   1.000 66.60117 ? 13  PHE A CG  1 
ATOM   7    C CD1 . PHE A 1 13  ? -8.28044  10.77722  7.50328   1.000 69.77510 ? 13  PHE A CD1 1 
ATOM   8    C CD2 . PHE A 1 13  ? -8.72632  9.33808   5.64618   1.000 58.42740 ? 13  PHE A CD2 1 
ATOM   9    C CE1 . PHE A 1 13  ? -7.76733  9.70390   8.21851   1.000 64.24636 ? 13  PHE A CE1 1 
ATOM   10   C CE2 . PHE A 1 13  ? -8.21501  8.25900   6.35538   1.000 52.10177 ? 13  PHE A CE2 1 
ATOM   11   C CZ  . PHE A 1 13  ? -7.73389  8.44377   7.64253   1.000 56.34686 ? 13  PHE A CZ  1 
ATOM   12   N N   . PRO A 1 14  ? -6.50627  11.96062  3.86841   1.000 50.94135 ? 14  PRO A N   1 
ATOM   13   C CA  . PRO A 1 14  ? -5.77305  11.76403  2.61112   1.000 48.45802 ? 14  PRO A CA  1 
ATOM   14   C C   . PRO A 1 14  ? -6.40849  10.73509  1.68449   1.000 35.73473 ? 14  PRO A C   1 
ATOM   15   O O   . PRO A 1 14  ? -5.68514  10.07078  0.94250   1.000 30.53106 ? 14  PRO A O   1 
ATOM   16   C CB  . PRO A 1 14  ? -4.39252  11.29898  3.09061   1.000 46.87090 ? 14  PRO A CB  1 
ATOM   17   C CG  . PRO A 1 14  ? -4.69476  10.56489  4.36071   1.000 50.22099 ? 14  PRO A CG  1 
ATOM   18   C CD  . PRO A 1 14  ? -5.81591  11.33164  5.01084   1.000 52.08621 ? 14  PRO A CD  1 
ATOM   19   N N   . ILE A 1 15  ? -7.73971  10.58712  1.69765   1.000 31.94184 ? 15  ILE A N   1 
ATOM   20   C CA  . ILE A 1 15  ? -8.42497  9.63174   0.83153   1.000 26.04941 ? 15  ILE A CA  1 
ATOM   21   C C   . ILE A 1 15  ? -9.64712  10.29246  0.20224   1.000 26.83233 ? 15  ILE A C   1 
ATOM   22   O O   . ILE A 1 15  ? -10.19954 11.26334  0.72424   1.000 28.00626 ? 15  ILE A O   1 
ATOM   23   C CB  . ILE A 1 15  ? -8.84826  8.33995   1.57986   1.000 29.17186 ? 15  ILE A CB  1 
ATOM   24   C CG1 . ILE A 1 15  ? -10.14557 8.54687   2.36920   1.000 32.36873 ? 15  ILE A CG1 1 
ATOM   25   C CG2 . ILE A 1 15  ? -7.73675  7.84844   2.51943   1.000 30.99895 ? 15  ILE A CG2 1 
ATOM   26   C CD1 . ILE A 1 15  ? -10.60157 7.28923   3.11025   1.000 30.43057 ? 15  ILE A CD1 1 
ATOM   27   N N   . SER A 1 16  ? -10.07104 9.75371   -0.93913  1.000 20.25229 ? 16  SER A N   1 
ATOM   28   C CA  . SER A 1 16  ? -11.31467 10.19089  -1.55831  1.000 21.27743 ? 16  SER A CA  1 
ATOM   29   C C   . SER A 1 16  ? -12.46646 9.33340   -1.04827  1.000 22.11206 ? 16  SER A C   1 
ATOM   30   O O   . SER A 1 16  ? -12.37607 8.10011   -1.02473  1.000 18.24511 ? 16  SER A O   1 
ATOM   31   C CB  . SER A 1 16  ? -11.23713 10.11188  -3.08078  1.000 21.35350 ? 16  SER A CB  1 
ATOM   32   O OG  . SER A 1 16  ? -10.40791 11.12871  -3.60734  1.000 22.47333 ? 16  SER A OG  1 
ATOM   33   N N   . GLN A 1 17  ? -13.55028 9.99042   -0.64254  1.000 21.84484 ? 17  GLN A N   1 
ATOM   34   C CA  . GLN A 1 17  ? -14.74015 9.25557   -0.23131  1.000 20.33325 ? 17  GLN A CA  1 
ATOM   35   C C   . GLN A 1 17  ? -15.26584 8.38976   -1.36982  1.000 17.86580 ? 17  GLN A C   1 
ATOM   36   O O   . GLN A 1 17  ? -15.62114 7.22178   -1.16166  1.000 16.20169 ? 17  GLN A O   1 
ATOM   37   C CB  . GLN A 1 17  ? -15.79323 10.24904  0.25321   1.000 22.31656 ? 17  GLN A CB  1 
ATOM   38   C CG  . GLN A 1 17  ? -17.13610 9.68060   0.62043   1.000 24.93911 ? 17  GLN A CG  1 
ATOM   39   C CD  . GLN A 1 17  ? -18.15483 10.79969  0.79886   1.000 31.31382 ? 17  GLN A CD  1 
ATOM   40   O OE1 . GLN A 1 17  ? -18.52158 11.14209  1.92095   1.000 37.28849 ? 17  GLN A OE1 1 
ATOM   41   N NE2 . GLN A 1 17  ? -18.59091 11.39451  -0.31486  1.000 34.77667 ? 17  GLN A NE2 1 
ATOM   42   N N   . THR A 1 18  ? -15.31257 8.93425   -2.58414  1.000 18.67777 ? 18  THR A N   1 
ATOM   43   C CA  . THR A 1 18  ? -15.65631 8.15014   -3.75963  1.000 16.60084 ? 18  THR A CA  1 
ATOM   44   C C   . THR A 1 18  ? -14.72795 8.53424   -4.90007  1.000 17.72911 ? 18  THR A C   1 
ATOM   45   O O   . THR A 1 18  ? -14.21350 9.65233   -4.95018  1.000 17.86100 ? 18  THR A O   1 
ATOM   46   C CB  . THR A 1 18  ? -17.11344 8.34627   -4.21905  1.000 18.00264 ? 18  THR A CB  1 
ATOM   47   O OG1 . THR A 1 18  ? -17.27143 9.65654   -4.78619  1.000 18.88323 ? 18  THR A OG1 1 
ATOM   48   C CG2 . THR A 1 18  ? -18.08048 8.17447   -3.07098  1.000 19.46009 ? 18  THR A CG2 1 
ATOM   49   N N   . VAL A 1 19  ? -14.52977 7.59784   -5.82235  1.000 19.04535 ? 19  VAL A N   1 
ATOM   50   C CA  . VAL A 1 19  ? -13.80594 7.84250   -7.06688  1.000 20.29683 ? 19  VAL A CA  1 
ATOM   51   C C   . VAL A 1 19  ? -14.64610 7.28618   -8.20378  1.000 18.42796 ? 19  VAL A C   1 
ATOM   52   O O   . VAL A 1 19  ? -14.99128 6.09689   -8.20214  1.000 15.98627 ? 19  VAL A O   1 
ATOM   53   C CB  . VAL A 1 19  ? -12.40871 7.20580   -7.06737  1.000 16.35597 ? 19  VAL A CB  1 
ATOM   54   C CG1 . VAL A 1 19  ? -11.72810 7.40588   -8.42516  1.000 18.06103 ? 19  VAL A CG1 1 
ATOM   55   C CG2 . VAL A 1 19  ? -11.55253 7.78057   -5.93917  1.000 15.10349 ? 19  VAL A CG2 1 
ATOM   56   N N   . THR A 1 20  ? -14.97816 8.13908   -9.17486  1.000 19.66547 ? 20  THR A N   1 
ATOM   57   C CA  . THR A 1 20  ? -15.75206 7.72400   -10.33599 1.000 16.65703 ? 20  THR A CA  1 
ATOM   58   C C   . THR A 1 20  ? -14.81985 7.46181   -11.51126 1.000 23.07112 ? 20  THR A C   1 
ATOM   59   O O   . THR A 1 20  ? -13.92606 8.26590   -11.79819 1.000 22.44823 ? 20  THR A O   1 
ATOM   60   C CB  . THR A 1 20  ? -16.79730 8.77817   -10.70851 1.000 21.60878 ? 20  THR A CB  1 
ATOM   61   O OG1 . THR A 1 20  ? -17.69344 8.95564   -9.60755  1.000 22.06622 ? 20  THR A OG1 1 
ATOM   62   C CG2 . THR A 1 20  ? -17.58759 8.32748   -11.92928 1.000 22.83012 ? 20  THR A CG2 1 
ATOM   63   N N   . VAL A 1 21  ? -15.03591 6.34201   -12.18518 1.000 19.13794 ? 21  VAL A N   1 
ATOM   64   C CA  . VAL A 1 21  ? -14.24960 5.90601   -13.33350 1.000 19.23910 ? 21  VAL A CA  1 
ATOM   65   C C   . VAL A 1 21  ? -15.14333 5.94999   -14.56772 1.000 22.40232 ? 21  VAL A C   1 
ATOM   66   O O   . VAL A 1 21  ? -16.17874 5.27187   -14.59501 1.000 22.33309 ? 21  VAL A O   1 
ATOM   67   C CB  . VAL A 1 21  ? -13.68943 4.49151   -13.13000 1.000 20.96969 ? 21  VAL A CB  1 
ATOM   68   C CG1 . VAL A 1 21  ? -12.88533 4.05837   -14.36190 1.000 21.49645 ? 21  VAL A CG1 1 
ATOM   69   C CG2 . VAL A 1 21  ? -12.85207 4.43972   -11.86636 1.000 20.16582 ? 21  VAL A CG2 1 
ATOM   70   N N   . PRO A 1 22  ? -14.77480 6.69258   -15.61163 1.000 27.62066 ? 22  PRO A N   1 
ATOM   71   C CA  . PRO A 1 22  ? -15.59948 6.71352   -16.82493 1.000 24.73613 ? 22  PRO A CA  1 
ATOM   72   C C   . PRO A 1 22  ? -15.65037 5.34370   -17.48179 1.000 22.58059 ? 22  PRO A C   1 
ATOM   73   O O   . PRO A 1 22  ? -14.70074 4.55918   -17.40850 1.000 19.60539 ? 22  PRO A O   1 
ATOM   74   C CB  . PRO A 1 22  ? -14.89534 7.74382   -17.71865 1.000 28.10518 ? 22  PRO A CB  1 
ATOM   75   C CG  . PRO A 1 22  ? -13.50945 7.84940   -17.17845 1.000 31.38903 ? 22  PRO A CG  1 
ATOM   76   C CD  . PRO A 1 22  ? -13.61333 7.59300   -15.70547 1.000 23.92852 ? 22  PRO A CD  1 
ATOM   77   N N   . ALA A 1 23  ? -16.78019 5.06080   -18.13946 1.000 24.94713 ? 23  ALA A N   1 
ATOM   78   C CA  . ALA A 1 23  ? -16.96177 3.76335   -18.78932 1.000 23.59609 ? 23  ALA A CA  1 
ATOM   79   C C   . ALA A 1 23  ? -15.96166 3.52861   -19.91462 1.000 21.92685 ? 23  ALA A C   1 
ATOM   80   O O   . ALA A 1 23  ? -15.72096 2.37485   -20.28707 1.000 22.93671 ? 23  ALA A O   1 
ATOM   81   C CB  . ALA A 1 23  ? -18.38521 3.63665   -19.33661 1.000 24.69314 ? 23  ALA A CB  1 
ATOM   82   N N   . SER A 1 24  ? -15.37968 4.59194   -20.46350 1.000 26.60040 ? 24  SER A N   1 
ATOM   83   C CA  . SER A 1 24  ? -14.39943 4.50653   -21.53879 1.000 28.45706 ? 24  SER A CA  1 
ATOM   84   C C   . SER A 1 24  ? -13.00146 4.15007   -21.04844 1.000 25.23024 ? 24  SER A C   1 
ATOM   85   O O   . SER A 1 24  ? -12.10522 3.95768   -21.87700 1.000 25.90959 ? 24  SER A O   1 
ATOM   86   C CB  . SER A 1 24  ? -14.34310 5.83936   -22.28856 1.000 26.50512 ? 24  SER A CB  1 
ATOM   87   O OG  . SER A 1 24  ? -13.76351 6.84726   -21.46988 1.000 27.78139 ? 24  SER A OG  1 
ATOM   88   N N   . ALA A 1 25  ? -12.78764 4.07940   -19.73423 1.000 24.96886 ? 25  ALA A N   1 
ATOM   89   C CA  . ALA A 1 25  ? -11.47952 3.77551   -19.17226 1.000 25.46808 ? 25  ALA A CA  1 
ATOM   90   C C   . ALA A 1 25  ? -11.34116 2.27652   -18.93747 1.000 23.85127 ? 25  ALA A C   1 
ATOM   91   O O   . ALA A 1 25  ? -12.31188 1.60030   -18.58600 1.000 24.33777 ? 25  ALA A O   1 
ATOM   92   C CB  . ALA A 1 25  ? -11.26545 4.53319   -17.86076 1.000 24.43955 ? 25  ALA A CB  1 
ATOM   93   N N   . SER A 1 26  ? -10.13380 1.76005   -19.15016 1.000 21.82363 ? 26  SER A N   1 
ATOM   94   C CA  . SER A 1 26  ? -9.83402  0.36573   -18.86834 1.000 22.21818 ? 26  SER A CA  1 
ATOM   95   C C   . SER A 1 26  ? -9.39591  0.21200   -17.41773 1.000 24.72816 ? 26  SER A C   1 
ATOM   96   O O   . SER A 1 26  ? -8.73185  1.08821   -16.85942 1.000 20.86125 ? 26  SER A O   1 
ATOM   97   C CB  . SER A 1 26  ? -8.73649  -0.15544  -19.79151 1.000 25.85334 ? 26  SER A CB  1 
ATOM   98   O OG  . SER A 1 26  ? -9.20007  -0.20443  -21.12660 1.000 36.51014 ? 26  SER A OG  1 
ATOM   99   N N   . LEU A 1 27  ? -9.76529  -0.90488  -16.80788 1.000 21.55458 ? 27  LEU A N   1 
ATOM   100  C CA  . LEU A 1 27  ? -9.37599  -1.17795  -15.43178 1.000 18.50493 ? 27  LEU A CA  1 
ATOM   101  C C   . LEU A 1 27  ? -8.17096  -2.10620  -15.41697 1.000 19.15157 ? 27  LEU A C   1 
ATOM   102  O O   . LEU A 1 27  ? -8.05690  -3.00360  -16.25884 1.000 21.01299 ? 27  LEU A O   1 
ATOM   103  C CB  . LEU A 1 27  ? -10.52746 -1.80640  -14.64851 1.000 22.00935 ? 27  LEU A CB  1 
ATOM   104  C CG  . LEU A 1 27  ? -11.74543 -0.92126  -14.39751 1.000 28.49534 ? 27  LEU A CG  1 
ATOM   105  C CD1 . LEU A 1 27  ? -12.81258 -1.70295  -13.64698 1.000 26.13417 ? 27  LEU A CD1 1 
ATOM   106  C CD2 . LEU A 1 27  ? -11.31955 0.32162   -13.61981 1.000 25.26092 ? 27  LEU A CD2 1 
ATOM   107  N N   . ILE A 1 28  ? -7.27496  -1.88416  -14.45618 1.000 17.96685 ? 28  ILE A N   1 
ATOM   108  C CA  . ILE A 1 28  ? -6.13433  -2.75673  -14.19727 1.000 14.19397 ? 28  ILE A CA  1 
ATOM   109  C C   . ILE A 1 28  ? -6.24937  -3.22015  -12.74856 1.000 20.10894 ? 28  ILE A C   1 
ATOM   110  O O   . ILE A 1 28  ? -6.20477  -2.40037  -11.81827 1.000 15.32112 ? 28  ILE A O   1 
ATOM   111  C CB  . ILE A 1 28  ? -4.77757  -2.06568  -14.43309 1.000 15.07902 ? 28  ILE A CB  1 
ATOM   112  C CG1 . ILE A 1 28  ? -4.68650  -1.45917  -15.83307 1.000 21.32412 ? 28  ILE A CG1 1 
ATOM   113  C CG2 . ILE A 1 28  ? -3.63330  -3.03842  -14.19941 1.000 17.14397 ? 28  ILE A CG2 1 
ATOM   114  C CD1 . ILE A 1 28  ? -5.27344  -0.05346  -15.92483 1.000 23.30911 ? 28  ILE A CD1 1 
ATOM   115  N N   . PHE A 1 29  ? -6.41010  -4.52297  -12.56144 1.000 14.98022 ? 29  PHE A N   1 
ATOM   116  C CA  . PHE A 1 29  ? -6.47969  -5.11691  -11.23363 1.000 15.33038 ? 29  PHE A CA  1 
ATOM   117  C C   . PHE A 1 29  ? -5.08008  -5.56728  -10.83024 1.000 15.06927 ? 29  PHE A C   1 
ATOM   118  O O   . PHE A 1 29  ? -4.38203  -6.19920  -11.62277 1.000 14.73514 ? 29  PHE A O   1 
ATOM   119  C CB  . PHE A 1 29  ? -7.46167  -6.29688  -11.23228 1.000 17.35741 ? 29  PHE A CB  1 
ATOM   120  C CG  . PHE A 1 29  ? -8.90291  -5.89050  -11.45548 1.000 17.96322 ? 29  PHE A CG  1 
ATOM   121  C CD1 . PHE A 1 29  ? -9.41998  -5.77629  -12.73757 1.000 23.39486 ? 29  PHE A CD1 1 
ATOM   122  C CD2 . PHE A 1 29  ? -9.72875  -5.60434  -10.37670 1.000 17.12368 ? 29  PHE A CD2 1 
ATOM   123  C CE1 . PHE A 1 29  ? -10.74948 -5.38300  -12.94303 1.000 21.64487 ? 29  PHE A CE1 1 
ATOM   124  C CE2 . PHE A 1 29  ? -11.05208 -5.20900  -10.56639 1.000 20.74946 ? 29  PHE A CE2 1 
ATOM   125  C CZ  . PHE A 1 29  ? -11.56568 -5.09843  -11.85341 1.000 19.70493 ? 29  PHE A CZ  1 
ATOM   126  N N   . ILE A 1 30  ? -4.66652  -5.25087  -9.60395  1.000 16.44710 ? 30  ILE A N   1 
ATOM   127  C CA  . ILE A 1 30  ? -3.31999  -5.55838  -9.13934  1.000 13.50320 ? 30  ILE A CA  1 
ATOM   128  C C   . ILE A 1 30  ? -3.41438  -6.52287  -7.96736  1.000 14.77199 ? 30  ILE A C   1 
ATOM   129  O O   . ILE A 1 30  ? -4.16623  -6.28436  -7.01012  1.000 13.50138 ? 30  ILE A O   1 
ATOM   130  C CB  . ILE A 1 30  ? -2.55975  -4.28142  -8.74132  1.000 13.24178 ? 30  ILE A CB  1 
ATOM   131  C CG1 . ILE A 1 30  ? -2.67425  -3.24792  -9.86533  1.000 13.16466 ? 30  ILE A CG1 1 
ATOM   132  C CG2 . ILE A 1 30  ? -1.10397  -4.61022  -8.38890  1.000 11.99231 ? 30  ILE A CG2 1 
ATOM   133  C CD1 . ILE A 1 30  ? -2.08756  -1.87801  -9.53226  1.000 20.13781 ? 30  ILE A CD1 1 
ATOM   134  N N   . SER A 1 31  ? -2.65156  -7.60545  -8.04827  1.000 12.26986 ? 31  SER A N   1 
ATOM   135  C CA  . SER A 1 31  ? -2.61280  -8.59770  -6.98931  1.000 11.77458 ? 31  SER A CA  1 
ATOM   136  C C   . SER A 1 31  ? -2.10650  -7.98226  -5.69330  1.000 12.48845 ? 31  SER A C   1 
ATOM   137  O O   . SER A 1 31  ? -1.42383  -6.95492  -5.68809  1.000 9.69295  ? 31  SER A O   1 
ATOM   138  C CB  . SER A 1 31  ? -1.70392  -9.75905  -7.38011  1.000 14.21620 ? 31  SER A CB  1 
ATOM   139  O OG  . SER A 1 31  ? -2.32640  -10.55382 -8.35974  1.000 16.15781 ? 31  SER A OG  1 
ATOM   140  N N   . GLY A 1 32  ? -2.44027  -8.64586  -4.58511  1.000 12.51354 ? 32  GLY A N   1 
ATOM   141  C CA  . GLY A 1 32  ? -1.96004  -8.25141  -3.27894  1.000 14.63318 ? 32  GLY A CA  1 
ATOM   142  C C   . GLY A 1 32  ? -0.45569  -8.08354  -3.27344  1.000 14.01443 ? 32  GLY A C   1 
ATOM   143  O O   . GLY A 1 32  ? 0.28400   -8.95715  -3.73852  1.000 13.86558 ? 32  GLY A O   1 
ATOM   144  N N   . THR A 1 33  ? 0.00933   -6.95400  -2.75842  1.000 9.85780  ? 33  THR A N   1 
ATOM   145  C CA  . THR A 1 33  ? 1.40959   -6.58555  -2.85310  1.000 16.33388 ? 33  THR A CA  1 
ATOM   146  C C   . THR A 1 33  ? 2.00344   -6.48312  -1.45404  1.000 12.46496 ? 33  THR A C   1 
ATOM   147  O O   . THR A 1 33  ? 1.44886   -5.81670  -0.57470  1.000 13.23313 ? 33  THR A O   1 
ATOM   148  C CB  . THR A 1 33  ? 1.55080   -5.28607  -3.64370  1.000 16.70013 ? 33  THR A CB  1 
ATOM   149  O OG1 . THR A 1 33  ? 1.09036   -5.50816  -4.98064  1.000 17.83182 ? 33  THR A OG1 1 
ATOM   150  C CG2 . THR A 1 33  ? 2.97225   -4.86537  -3.70356  1.000 16.14742 ? 33  THR A CG2 1 
ATOM   151  N N   . LEU A 1 34  ? 3.10303   -7.17825  -1.25150  1.000 13.96530 ? 34  LEU A N   1 
ATOM   152  C CA  . LEU A 1 34  ? 3.80245   -7.29428  0.01037   1.000 15.95485 ? 34  LEU A CA  1 
ATOM   153  C C   . LEU A 1 34  ? 5.13412   -6.54300  -0.05386  1.000 15.74741 ? 34  LEU A C   1 
ATOM   154  O O   . LEU A 1 34  ? 5.66718   -6.30838  -1.14392  1.000 13.71871 ? 34  LEU A O   1 
ATOM   155  C CB  . LEU A 1 34  ? 4.02980   -8.78350  0.31419   1.000 10.86517 ? 34  LEU A CB  1 
ATOM   156  C CG  . LEU A 1 34  ? 2.77379   -9.57939  0.64944   1.000 14.36078 ? 34  LEU A CG  1 
ATOM   157  C CD1 . LEU A 1 34  ? 3.00784   -11.05709 0.36323   1.000 19.56024 ? 34  LEU A CD1 1 
ATOM   158  C CD2 . LEU A 1 34  ? 2.39533   -9.36756  2.11567   1.000 13.90321 ? 34  LEU A CD2 1 
ATOM   159  N N   . PRO A 1 35  ? 5.69677   -6.13656  1.08820   1.000 15.10294 ? 35  PRO A N   1 
ATOM   160  C CA  . PRO A 1 35  ? 6.90090   -5.30212  1.05039   1.000 16.53285 ? 35  PRO A CA  1 
ATOM   161  C C   . PRO A 1 35  ? 8.10916   -6.07713  0.55342   1.000 18.10522 ? 35  PRO A C   1 
ATOM   162  O O   . PRO A 1 35  ? 8.15959   -7.30783  0.59184   1.000 16.61388 ? 35  PRO A O   1 
ATOM   163  C CB  . PRO A 1 35  ? 7.09148   -4.87370  2.51156   1.000 16.06367 ? 35  PRO A CB  1 
ATOM   164  C CG  . PRO A 1 35  ? 6.43970   -5.96025  3.28722   1.000 15.18160 ? 35  PRO A CG  1 
ATOM   165  C CD  . PRO A 1 35  ? 5.23895   -6.35922  2.47113   1.000 16.62744 ? 35  PRO A CD  1 
ATOM   166  N N   . ASP A 1 36  ? 9.08545   -5.31916  0.07242   1.000 19.67773 ? 36  ASP A N   1 
ATOM   167  C CA  . ASP A 1 36  ? 10.38416  -5.86562  -0.29053  1.000 24.18437 ? 36  ASP A CA  1 
ATOM   168  C C   . ASP A 1 36  ? 11.25736  -5.97478  0.94268   1.000 22.26579 ? 36  ASP A C   1 
ATOM   169  O O   . ASP A 1 36  ? 11.06859  -5.25592  1.92763   1.000 18.37444 ? 36  ASP A O   1 
ATOM   170  C CB  . ASP A 1 36  ? 11.08874  -4.97376  -1.31653  1.000 20.24722 ? 36  ASP A CB  1 
ATOM   171  C CG  . ASP A 1 36  ? 10.51031  -5.11536  -2.69550  1.000 26.58779 ? 36  ASP A CG  1 
ATOM   172  O OD1 . ASP A 1 36  ? 10.24291  -6.26293  -3.11010  1.000 22.80539 ? 36  ASP A OD1 1 
ATOM   173  O OD2 . ASP A 1 36  ? 10.31354  -4.07545  -3.35899  1.000 28.72152 ? 36  ASP A OD2 1 
ATOM   174  N N   . LEU A 1 37  ? 12.23360  -6.87034  0.87263   1.000 21.69926 ? 37  LEU A N   1 
ATOM   175  C CA  . LEU A 1 37  ? 13.23334  -6.95486  1.92520   1.000 19.81474 ? 37  LEU A CA  1 
ATOM   176  C C   . LEU A 1 37  ? 13.91879  -5.60911  2.10654   1.000 23.16584 ? 37  LEU A C   1 
ATOM   177  O O   . LEU A 1 37  ? 14.34530  -4.97698  1.13327   1.000 24.32181 ? 37  LEU A O   1 
ATOM   178  C CB  . LEU A 1 37  ? 14.25633  -8.03154  1.57481   1.000 28.13772 ? 37  LEU A CB  1 
ATOM   179  C CG  . LEU A 1 37  ? 15.53142  -8.09454  2.41006   1.000 23.23551 ? 37  LEU A CG  1 
ATOM   180  C CD1 . LEU A 1 37  ? 15.21516  -8.51920  3.82604   1.000 25.57011 ? 37  LEU A CD1 1 
ATOM   181  C CD2 . LEU A 1 37  ? 16.51519  -9.06091  1.76152   1.000 28.74111 ? 37  LEU A CD2 1 
ATOM   182  N N   . ALA A 1 38  ? 14.00080  -5.15712  3.35623   1.000 22.23113 ? 38  ALA A N   1 
ATOM   183  C CA  . ALA A 1 38  ? 14.66129  -3.90403  3.68554   1.000 19.60676 ? 38  ALA A CA  1 
ATOM   184  C C   . ALA A 1 38  ? 16.03940  -4.10329  4.29600   1.000 25.68134 ? 38  ALA A C   1 
ATOM   185  O O   . ALA A 1 38  ? 16.93935  -3.28905  4.04757   1.000 20.89140 ? 38  ALA A O   1 
ATOM   186  C CB  . ALA A 1 38  ? 13.79977  -3.08625  4.65279   1.000 20.34386 ? 38  ALA A CB  1 
ATOM   187  N N   . ASP A 1 39  ? 16.23133  -5.17965  5.05809   1.000 18.52736 ? 39  ASP A N   1 
ATOM   188  C CA  . ASP A 1 39  ? 17.47057  -5.41952  5.79536   1.000 20.86118 ? 39  ASP A CA  1 
ATOM   189  C C   . ASP A 1 39  ? 17.98586  -6.81899  5.48184   1.000 18.86679 ? 39  ASP A C   1 
ATOM   190  O O   . ASP A 1 39  ? 17.51713  -7.80674  6.07651   1.000 15.80099 ? 39  ASP A O   1 
ATOM   191  C CB  . ASP A 1 39  ? 17.24411  -5.25129  7.29269   1.000 23.99264 ? 39  ASP A CB  1 
ATOM   192  C CG  . ASP A 1 39  ? 18.51880  -5.42565  8.10391   1.000 23.24022 ? 39  ASP A CG  1 
ATOM   193  O OD1 . ASP A 1 39  ? 19.56730  -5.75523  7.51412   1.000 17.05070 ? 39  ASP A OD1 1 
ATOM   194  O OD2 . ASP A 1 39  ? 18.46492  -5.23071  9.33154   1.000 19.45108 ? 39  ASP A OD2 1 
ATOM   195  N N   . PRO A 1 40  ? 18.96367  -6.94841  4.57948   1.000 19.10571 ? 40  PRO A N   1 
ATOM   196  C CA  . PRO A 1 40  ? 19.45212  -8.28161  4.21544   1.000 21.61070 ? 40  PRO A CA  1 
ATOM   197  C C   . PRO A 1 40  ? 20.29961  -8.92740  5.29826   1.000 18.28297 ? 40  PRO A C   1 
ATOM   198  O O   . PRO A 1 40  ? 20.69208  -10.08497 5.14213   1.000 18.35904 ? 40  PRO A O   1 
ATOM   199  C CB  . PRO A 1 40  ? 20.27102  -8.01236  2.94477   1.000 21.25774 ? 40  PRO A CB  1 
ATOM   200  C CG  . PRO A 1 40  ? 20.79076  -6.64512  3.15079   1.000 22.27004 ? 40  PRO A CG  1 
ATOM   201  C CD  . PRO A 1 40  ? 19.69168  -5.88550  3.86873   1.000 22.88812 ? 40  PRO A CD  1 
ATOM   202  N N   . HIS A 1 41  ? 20.59140  -8.22304  6.38877   1.000 15.31838 ? 41  HIS A N   1 
ATOM   203  C CA  . HIS A 1 41  ? 21.25392  -8.84271  7.52674   1.000 18.91519 ? 41  HIS A CA  1 
ATOM   204  C C   . HIS A 1 41  ? 20.27808  -9.48119  8.50088   1.000 20.33584 ? 41  HIS A C   1 
ATOM   205  O O   . HIS A 1 41  ? 20.70010  -10.29266 9.32490   1.000 17.62166 ? 41  HIS A O   1 
ATOM   206  C CB  . HIS A 1 41  ? 22.08823  -7.81340  8.30126   1.000 19.75359 ? 41  HIS A CB  1 
ATOM   207  C CG  . HIS A 1 41  ? 23.12712  -7.12387  7.47388   1.000 17.05409 ? 41  HIS A CG  1 
ATOM   208  N ND1 . HIS A 1 41  ? 24.45194  -7.49868  7.48441   1.000 16.14411 ? 41  HIS A ND1 1 
ATOM   209  C CD2 . HIS A 1 41  ? 23.03472  -6.08132  6.61340   1.000 19.02849 ? 41  HIS A CD2 1 
ATOM   210  C CE1 . HIS A 1 41  ? 25.13510  -6.71019  6.67265   1.000 18.46304 ? 41  HIS A CE1 1 
ATOM   211  N NE2 . HIS A 1 41  ? 24.29731  -5.84904  6.12213   1.000 16.13400 ? 41  HIS A NE2 1 
ATOM   212  N N   . ALA A 1 42  ? 18.98867  -9.10689  8.44862   1.000 18.28770 ? 42  ALA A N   1 
ATOM   213  C CA  . ALA A 1 42  ? 18.03137  -9.58070  9.43325   1.000 18.62360 ? 42  ALA A CA  1 
ATOM   214  C C   . ALA A 1 42  ? 17.66179  -11.04610 9.18429   1.000 18.59477 ? 42  ALA A C   1 
ATOM   215  O O   . ALA A 1 42  ? 17.73413  -11.52934 8.05423   1.000 15.61958 ? 42  ALA A O   1 
ATOM   216  C CB  . ALA A 1 42  ? 16.77722  -8.71395  9.39987   1.000 18.43071 ? 42  ALA A CB  1 
ATOM   217  N N   . PRO A 1 43  ? 17.25599  -11.76964 10.22672  1.000 17.90553 ? 43  PRO A N   1 
ATOM   218  C CA  . PRO A 1 43  ? 16.84083  -13.16569 10.03444  1.000 19.16049 ? 43  PRO A CA  1 
ATOM   219  C C   . PRO A 1 43  ? 15.62094  -13.27636 9.12248   1.000 21.07873 ? 43  PRO A C   1 
ATOM   220  O O   . PRO A 1 43  ? 14.73095  -12.42052 9.12680   1.000 16.90275 ? 43  PRO A O   1 
ATOM   221  C CB  . PRO A 1 43  ? 16.54120  -13.65183 11.46043  1.000 22.69422 ? 43  PRO A CB  1 
ATOM   222  C CG  . PRO A 1 43  ? 16.45345  -12.40642 12.31393  1.000 26.12231 ? 43  PRO A CG  1 
ATOM   223  C CD  . PRO A 1 43  ? 17.27594  -11.36391 11.64808  1.000 20.30208 ? 43  PRO A CD  1 
ATOM   224  N N   . ALA A 1 44  ? 15.59867  -14.34498 8.32556   1.000 22.19153 ? 44  ALA A N   1 
ATOM   225  C CA  . ALA A 1 44  ? 14.55449  -14.51832 7.32307   1.000 24.16399 ? 44  ALA A CA  1 
ATOM   226  C C   . ALA A 1 44  ? 13.17413  -14.53480 7.97207   1.000 21.38062 ? 44  ALA A C   1 
ATOM   227  O O   . ALA A 1 44  ? 12.99291  -15.08252 9.06224   1.000 21.17060 ? 44  ALA A O   1 
ATOM   228  C CB  . ALA A 1 44  ? 14.78141  -15.82057 6.55224   1.000 25.37281 ? 44  ALA A CB  1 
ATOM   229  N N   . GLY A 1 45  ? 12.20429  -13.90385 7.30712   1.000 19.69719 ? 45  GLY A N   1 
ATOM   230  C CA  . GLY A 1 45  ? 10.82027  -14.00524 7.72592   1.000 20.46849 ? 45  GLY A CA  1 
ATOM   231  C C   . GLY A 1 45  ? 10.44486  -13.24400 8.97737   1.000 19.60040 ? 45  GLY A C   1 
ATOM   232  O O   . GLY A 1 45  ? 9.34426   -13.44824 9.49683   1.000 19.27701 ? 45  GLY A O   1 
ATOM   233  N N   . THR A 1 46  ? 11.33301  -12.36443 9.49101   1.000 18.61582 ? 46  THR A N   1 
ATOM   234  C CA  . THR A 1 46  ? 11.08251  -11.54065 10.66019  1.000 17.79959 ? 46  THR A CA  1 
ATOM   235  C C   . THR A 1 46  ? 10.60526  -10.14777 10.25086  1.000 18.23361 ? 46  THR A C   1 
ATOM   236  O O   . THR A 1 46  ? 10.94080  -9.65621  9.16158   1.000 18.03946 ? 46  THR A O   1 
ATOM   237  C CB  . THR A 1 46  ? 12.35035  -11.40903 11.52244  1.000 17.69389 ? 46  THR A CB  1 
ATOM   238  O OG1 . THR A 1 46  ? 13.40008  -10.78612 10.76341  1.000 16.23663 ? 46  THR A OG1 1 
ATOM   239  C CG2 . THR A 1 46  ? 12.81539  -12.78047 12.00974  1.000 18.27356 ? 46  THR A CG2 1 
ATOM   240  N N   . PRO A 1 47  ? 9.80908   -9.48428  11.09280  1.000 18.08181 ? 47  PRO A N   1 
ATOM   241  C CA  . PRO A 1 47  ? 9.48509   -8.07984  10.81065  1.000 15.31120 ? 47  PRO A CA  1 
ATOM   242  C C   . PRO A 1 47  ? 10.72793  -7.22526  10.62079  1.000 16.66304 ? 47  PRO A C   1 
ATOM   243  O O   . PRO A 1 47  ? 10.71421  -6.31839  9.78707   1.000 18.05963 ? 47  PRO A O   1 
ATOM   244  C CB  . PRO A 1 47  ? 8.66809   -7.65036  12.03827  1.000 21.02510 ? 47  PRO A CB  1 
ATOM   245  C CG  . PRO A 1 47  ? 8.07360   -8.92548  12.57029  1.000 17.71607 ? 47  PRO A CG  1 
ATOM   246  C CD  . PRO A 1 47  ? 9.10786   -9.99740  12.28816  1.000 18.65771 ? 47  PRO A CD  1 
ATOM   247  N N   . ALA A 1 48  ? 11.82631  -7.52288  11.32754  1.000 16.28454 ? 48  ALA A N   1 
ATOM   248  C CA  . ALA A 1 48  ? 13.05323  -6.74080  11.15671  1.000 20.77284 ? 48  ALA A CA  1 
ATOM   249  C C   . ALA A 1 48  ? 13.57320  -6.78743  9.72117   1.000 19.99752 ? 48  ALA A C   1 
ATOM   250  O O   . ALA A 1 48  ? 14.23561  -5.84343  9.26581   1.000 20.83306 ? 48  ALA A O   1 
ATOM   251  C CB  . ALA A 1 48  ? 14.13633  -7.23076  12.12126  1.000 21.81770 ? 48  ALA A CB  1 
ATOM   252  N N   . ALA A 1 49  ? 13.28450  -7.86342  8.99026   1.000 17.46205 ? 49  ALA A N   1 
ATOM   253  C CA  . ALA A 1 49  ? 13.74219  -7.95182  7.60604   1.000 17.83098 ? 49  ALA A CA  1 
ATOM   254  C C   . ALA A 1 49  ? 13.05437  -6.92345  6.71989   1.000 16.13672 ? 49  ALA A C   1 
ATOM   255  O O   . ALA A 1 49  ? 13.59502  -6.54161  5.67161   1.000 17.25392 ? 49  ALA A O   1 
ATOM   256  C CB  . ALA A 1 49  ? 13.49294  -9.35414  7.05615   1.000 18.66168 ? 49  ALA A CB  1 
ATOM   257  N N   . TYR A 1 50  ? 11.85569  -6.48474  7.11115   1.000 16.92697 ? 50  TYR A N   1 
ATOM   258  C CA  . TYR A 1 50  ? 11.02881  -5.62022  6.28249   1.000 16.12979 ? 50  TYR A CA  1 
ATOM   259  C C   . TYR A 1 50  ? 10.80575  -4.23162  6.86315   1.000 16.60577 ? 50  TYR A C   1 
ATOM   260  O O   . TYR A 1 50  ? 10.52906  -3.30756  6.09248   1.000 15.65665 ? 50  TYR A O   1 
ATOM   261  C CB  . TYR A 1 50  ? 9.66086   -6.28315  6.02360   1.000 17.44430 ? 50  TYR A CB  1 
ATOM   262  C CG  . TYR A 1 50  ? 9.79696   -7.60173  5.30306   1.000 18.20614 ? 50  TYR A CG  1 
ATOM   263  C CD1 . TYR A 1 50  ? 10.00043  -7.64532  3.92489   1.000 19.14165 ? 50  TYR A CD1 1 
ATOM   264  C CD2 . TYR A 1 50  ? 9.76234   -8.80285  6.00239   1.000 16.69900 ? 50  TYR A CD2 1 
ATOM   265  C CE1 . TYR A 1 50  ? 10.15332  -8.84961  3.27203   1.000 20.90570 ? 50  TYR A CE1 1 
ATOM   266  C CE2 . TYR A 1 50  ? 9.92076   -10.01540 5.35021   1.000 19.50307 ? 50  TYR A CE2 1 
ATOM   267  C CZ  . TYR A 1 50  ? 10.10970  -10.03039 3.99083   1.000 20.90440 ? 50  TYR A CZ  1 
ATOM   268  O OH  . TYR A 1 50  ? 10.26205  -11.23772 3.33085   1.000 23.83940 ? 50  TYR A OH  1 
ATOM   269  N N   . GLY A 1 51  ? 10.91106  -4.06463  8.17817   1.000 16.61805 ? 51  GLY A N   1 
ATOM   270  C CA  . GLY A 1 51  ? 10.72601  -2.78489  8.84075   1.000 16.11004 ? 51  GLY A CA  1 
ATOM   271  C C   . GLY A 1 51  ? 9.47041   -2.76384  9.70224   1.000 16.96667 ? 51  GLY A C   1 
ATOM   272  O O   . GLY A 1 51  ? 8.67005   -3.69794  9.71572   1.000 15.36575 ? 51  GLY A O   1 
ATOM   273  N N   . ASN A 1 52  ? 9.29381   -1.65794  10.43935  1.000 15.76256 ? 52  ASN A N   1 
ATOM   274  C CA  . ASN A 1 52  ? 8.02606   -1.47496  11.14298  1.000 15.02947 ? 52  ASN A CA  1 
ATOM   275  C C   . ASN A 1 52  ? 6.92826   -1.14584  10.13020  1.000 13.06590 ? 52  ASN A C   1 
ATOM   276  O O   . ASN A 1 52  ? 7.14769   -1.14761  8.91528   1.000 13.97636 ? 52  ASN A O   1 
ATOM   277  C CB  . ASN A 1 52  ? 8.14192   -0.40940  12.24131  1.000 14.91855 ? 52  ASN A CB  1 
ATOM   278  C CG  . ASN A 1 52  ? 8.51046   0.96383   11.71110  1.000 20.10745 ? 52  ASN A CG  1 
ATOM   279  O OD1 . ASN A 1 52  ? 8.35509   1.25541   10.52600  1.000 15.04439 ? 52  ASN A OD1 1 
ATOM   280  N ND2 . ASN A 1 52  ? 8.99736   1.83323   12.60849  1.000 19.28470 ? 52  ASN A ND2 1 
ATOM   281  N N   . THR A 1 53  ? 5.72159   -0.85496  10.62685  1.000 13.25272 ? 53  THR A N   1 
ATOM   282  C CA  . THR A 1 53  ? 4.60059   -0.68451  9.70333   1.000 11.90523 ? 53  THR A CA  1 
ATOM   283  C C   . THR A 1 53  ? 4.86024   0.46504   8.73192   1.000 12.55456 ? 53  THR A C   1 
ATOM   284  O O   . THR A 1 53  ? 4.58897   0.34669   7.53464   1.000 12.78472 ? 53  THR A O   1 
ATOM   285  C CB  . THR A 1 53  ? 3.29373   -0.47960  10.47618  1.000 12.91624 ? 53  THR A CB  1 
ATOM   286  O OG1 . THR A 1 53  ? 3.01286   -1.65541  11.25723  1.000 14.04823 ? 53  THR A OG1 1 
ATOM   287  C CG2 . THR A 1 53  ? 2.12289   -0.23101  9.51266   1.000 11.25085 ? 53  THR A CG2 1 
ATOM   288  N N   . GLN A 1 54  ? 5.43594   1.56539   9.21730   1.000 12.91011 ? 54  GLN A N   1 
ATOM   289  C CA  . GLN A 1 54  ? 5.72097   2.70319   8.34646   1.000 11.83007 ? 54  GLN A CA  1 
ATOM   290  C C   . GLN A 1 54  ? 6.68729   2.32595   7.22860   1.000 11.12916 ? 54  GLN A C   1 
ATOM   291  O O   . GLN A 1 54  ? 6.44677   2.63329   6.05782   1.000 12.55084 ? 54  GLN A O   1 
ATOM   292  C CB  . GLN A 1 54  ? 6.28898   3.86308   9.17198   1.000 15.09079 ? 54  GLN A CB  1 
ATOM   293  C CG  . GLN A 1 54  ? 6.60321   5.10669   8.34573   1.000 13.88400 ? 54  GLN A CG  1 
ATOM   294  C CD  . GLN A 1 54  ? 7.07319   6.26278   9.20853   1.000 19.92502 ? 54  GLN A CD  1 
ATOM   295  O OE1 . GLN A 1 54  ? 6.70108   6.36758   10.37666  1.000 18.40087 ? 54  GLN A OE1 1 
ATOM   296  N NE2 . GLN A 1 54  ? 7.90485   7.12916   8.64128   1.000 18.53991 ? 54  GLN A NE2 1 
ATOM   297  N N   . VAL A 1 55  ? 7.79341   1.66688   7.57393   1.000 11.89968 ? 55  VAL A N   1 
ATOM   298  C CA  . VAL A 1 55  ? 8.79911   1.31477   6.57078   1.000 11.45634 ? 55  VAL A CA  1 
ATOM   299  C C   . VAL A 1 55  ? 8.23804   0.31816   5.55786   1.000 13.15698 ? 55  VAL A C   1 
ATOM   300  O O   . VAL A 1 55  ? 8.47875   0.43156   4.34384   1.000 12.99373 ? 55  VAL A O   1 
ATOM   301  C CB  . VAL A 1 55  ? 10.06384  0.76870   7.25836   1.000 15.49549 ? 55  VAL A CB  1 
ATOM   302  C CG1 . VAL A 1 55  ? 10.99676  0.16903   6.21607   1.000 16.08068 ? 55  VAL A CG1 1 
ATOM   303  C CG2 . VAL A 1 55  ? 10.76701  1.87524   8.02407   1.000 18.06983 ? 55  VAL A CG2 1 
ATOM   304  N N   . GLN A 1 56  ? 7.47497   -0.66519  6.03219   1.000 14.22319 ? 56  GLN A N   1 
ATOM   305  C CA  . GLN A 1 56  ? 6.87039   -1.62965  5.12071   1.000 12.87990 ? 56  GLN A CA  1 
ATOM   306  C C   . GLN A 1 56  ? 5.85303   -0.96088  4.20883   1.000 12.93857 ? 56  GLN A C   1 
ATOM   307  O O   . GLN A 1 56  ? 5.72263   -1.33141  3.03558   1.000 12.74524 ? 56  GLN A O   1 
ATOM   308  C CB  . GLN A 1 56  ? 6.21469   -2.75373  5.91299   1.000 11.10149 ? 56  GLN A CB  1 
ATOM   309  C CG  . GLN A 1 56  ? 7.19530   -3.60919  6.71360   1.000 12.79806 ? 56  GLN A CG  1 
ATOM   310  C CD  . GLN A 1 56  ? 6.58938   -4.92768  7.11378   1.000 13.74640 ? 56  GLN A CD  1 
ATOM   311  O OE1 . GLN A 1 56  ? 5.66709   -5.43057  6.44843   1.000 11.19543 ? 56  GLN A OE1 1 
ATOM   312  N NE2 . GLN A 1 56  ? 7.07165   -5.49595  8.21449   1.000 11.71237 ? 56  GLN A NE2 1 
ATOM   313  N N   . THR A 1 57  ? 5.10759   0.00498   4.74391   1.000 9.05296  ? 57  THR A N   1 
ATOM   314  C CA  . THR A 1 57  ? 4.15985   0.76983   3.94382   1.000 12.40584 ? 57  THR A CA  1 
ATOM   315  C C   . THR A 1 57  ? 4.88141   1.52649   2.82995   1.000 13.75418 ? 57  THR A C   1 
ATOM   316  O O   . THR A 1 57  ? 4.45173   1.52326   1.66094   1.000 11.12805 ? 57  THR A O   1 
ATOM   317  C CB  . THR A 1 57  ? 3.38466   1.73083   4.85697   1.000 10.31670 ? 57  THR A CB  1 
ATOM   318  O OG1 . THR A 1 57  ? 2.56334   0.98531   5.78027   1.000 13.21608 ? 57  THR A OG1 1 
ATOM   319  C CG2 . THR A 1 57  ? 2.52853   2.69149   4.04426   1.000 13.52594 ? 57  THR A CG2 1 
ATOM   320  N N   . VAL A 1 58  ? 5.98829   2.18253   3.17784   1.000 11.21108 ? 58  VAL A N   1 
ATOM   321  C CA  . VAL A 1 58  ? 6.77743   2.86028   2.15197   1.000 13.66343 ? 58  VAL A CA  1 
ATOM   322  C C   . VAL A 1 58  ? 7.21823   1.86161   1.08638   1.000 14.50830 ? 58  VAL A C   1 
ATOM   323  O O   . VAL A 1 58  ? 7.11403   2.12815   -0.11952  1.000 16.82755 ? 58  VAL A O   1 
ATOM   324  C CB  . VAL A 1 58  ? 7.97248   3.59777   2.78641   1.000 12.60909 ? 58  VAL A CB  1 
ATOM   325  C CG1 . VAL A 1 58  ? 8.89263   4.12206   1.71184   1.000 13.94090 ? 58  VAL A CG1 1 
ATOM   326  C CG2 . VAL A 1 58  ? 7.46489   4.75653   3.64334   1.000 12.46277 ? 58  VAL A CG2 1 
ATOM   327  N N   . SER A 1 59  ? 7.67351   0.68052   1.51408   1.000 13.11842 ? 59  SER A N   1 
ATOM   328  C CA  . SER A 1 59  ? 8.17349   -0.30794  0.56192   1.000 15.47194 ? 59  SER A CA  1 
ATOM   329  C C   . SER A 1 59  ? 7.07346   -0.78163  -0.37482  1.000 17.16016 ? 59  SER A C   1 
ATOM   330  O O   . SER A 1 59  ? 7.28510   -0.88459  -1.59408  1.000 15.75255 ? 59  SER A O   1 
ATOM   331  C CB  . SER A 1 59  ? 8.79240   -1.49519  1.30801   1.000 17.95355 ? 59  SER A CB  1 
ATOM   332  O OG  . SER A 1 59  ? 9.27480   -2.49051  0.40890   1.000 19.05188 ? 59  SER A OG  1 
ATOM   333  N N   . VAL A 1 60  ? 5.88432   -1.05725  0.17340   1.000 11.30794 ? 60  VAL A N   1 
ATOM   334  C CA  . VAL A 1 60  ? 4.78293   -1.55558  -0.64733  1.000 11.95317 ? 60  VAL A CA  1 
ATOM   335  C C   . VAL A 1 60  ? 4.37078   -0.51225  -1.66978  1.000 13.86448 ? 60  VAL A C   1 
ATOM   336  O O   . VAL A 1 60  ? 4.08626   -0.83773  -2.82388  1.000 14.96035 ? 60  VAL A O   1 
ATOM   337  C CB  . VAL A 1 60  ? 3.59038   -1.97758  0.24197   1.000 15.09079 ? 60  VAL A CB  1 
ATOM   338  C CG1 . VAL A 1 60  ? 2.33368   -2.16761  -0.60579  1.000 18.51910 ? 60  VAL A CG1 1 
ATOM   339  C CG2 . VAL A 1 60  ? 3.90618   -3.26195  0.95377   1.000 16.62419 ? 60  VAL A CG2 1 
ATOM   340  N N   . PHE A 1 61  ? 4.32609   0.75999   -1.27186  1.000 13.27878 ? 61  PHE A N   1 
ATOM   341  C CA  . PHE A 1 61  ? 3.89013   1.74196   -2.25953  1.000 14.92609 ? 61  PHE A CA  1 
ATOM   342  C C   . PHE A 1 61  ? 4.97638   2.03641   -3.29370  1.000 15.39945 ? 61  PHE A C   1 
ATOM   343  O O   . PHE A 1 61  ? 4.64472   2.27732   -4.46068  1.000 14.31870 ? 61  PHE A O   1 
ATOM   344  C CB  . PHE A 1 61  ? 3.38393   3.00430   -1.56636  1.000 14.13915 ? 61  PHE A CB  1 
ATOM   345  C CG  . PHE A 1 61  ? 2.03265   2.80627   -0.92048  1.000 16.35877 ? 61  PHE A CG  1 
ATOM   346  C CD1 . PHE A 1 61  ? 0.95185   2.39582   -1.68760  1.000 14.74727 ? 61  PHE A CD1 1 
ATOM   347  C CD2 . PHE A 1 61  ? 1.85890   2.97928   0.44325   1.000 19.12925 ? 61  PHE A CD2 1 
ATOM   348  C CE1 . PHE A 1 61  ? -0.29023  2.16518   -1.11153  1.000 17.52268 ? 61  PHE A CE1 1 
ATOM   349  C CE2 . PHE A 1 61  ? 0.61591   2.75867   1.03216   1.000 14.85147 ? 61  PHE A CE2 1 
ATOM   350  C CZ  . PHE A 1 61  ? -0.45529  2.34520   0.25402   1.000 13.92099 ? 61  PHE A CZ  1 
ATOM   351  N N   . ASN A 1 62  ? 6.26014   1.96803   -2.91094  1.000 15.74910 ? 62  ASN A N   1 
ATOM   352  C CA  . ASN A 1 62  ? 7.33731   1.99485   -3.90715  1.000 17.83353 ? 62  ASN A CA  1 
ATOM   353  C C   . ASN A 1 62  ? 7.14949   0.87841   -4.93569  1.000 20.43324 ? 62  ASN A C   1 
ATOM   354  O O   . ASN A 1 62  ? 7.23430   1.09488   -6.15966  1.000 19.56431 ? 62  ASN A O   1 
ATOM   355  C CB  . ASN A 1 62  ? 8.70524   1.84333   -3.22323  1.000 17.62109 ? 62  ASN A CB  1 
ATOM   356  C CG  . ASN A 1 62  ? 9.23070   3.14070   -2.60712  1.000 21.39546 ? 62  ASN A CG  1 
ATOM   357  O OD1 . ASN A 1 62  ? 8.76470   4.23338   -2.90909  1.000 27.56977 ? 62  ASN A OD1 1 
ATOM   358  N ND2 . ASN A 1 62  ? 10.23353  3.01205   -1.76137  1.000 24.10533 ? 62  ASN A ND2 1 
ATOM   359  N N   . LYS A 1 63  ? 6.88242   -0.32767  -4.44504  1.000 16.48366 ? 63  LYS A N   1 
ATOM   360  C CA  . LYS A 1 63  ? 6.70218   -1.48436  -5.31262  1.000 19.16140 ? 63  LYS A CA  1 
ATOM   361  C C   . LYS A 1 63  ? 5.48392   -1.33208  -6.21256  1.000 19.66477 ? 63  LYS A C   1 
ATOM   362  O O   . LYS A 1 63  ? 5.54258   -1.65904  -7.40202  1.000 17.34047 ? 63  LYS A O   1 
ATOM   363  C CB  . LYS A 1 63  ? 6.58435   -2.74007  -4.45398  1.000 16.66895 ? 63  LYS A CB  1 
ATOM   364  C CG  . LYS A 1 63  ? 6.54410   -4.02173  -5.25856  1.000 21.25025 ? 63  LYS A CG  1 
ATOM   365  C CD  . LYS A 1 63  ? 6.19990   -5.22246  -4.39317  1.000 24.01547 ? 63  LYS A CD  1 
ATOM   366  C CE  . LYS A 1 63  ? 7.39087   -5.91113  -3.84943  1.000 27.34321 ? 63  LYS A CE  1 
ATOM   367  N NZ  . LYS A 1 63  ? 7.04571   -7.25285  -3.31496  1.000 23.14334 ? 63  LYS A NZ  1 
ATOM   368  N N   . LEU A 1 64  ? 4.36268   -0.85846  -5.66017  1.000 19.67978 ? 64  LEU A N   1 
ATOM   369  C CA  . LEU A 1 64  ? 3.18329   -0.59605  -6.47844  1.000 18.26712 ? 64  LEU A CA  1 
ATOM   370  C C   . LEU A 1 64  ? 3.48719   0.41999   -7.56970  1.000 19.30159 ? 64  LEU A C   1 
ATOM   371  O O   . LEU A 1 64  ? 3.01919   0.27904   -8.70666  1.000 18.19627 ? 64  LEU A O   1 
ATOM   372  C CB  . LEU A 1 64  ? 2.03609   -0.08923  -5.60712  1.000 19.25216 ? 64  LEU A CB  1 
ATOM   373  C CG  . LEU A 1 64  ? 1.11248   -1.13408  -5.00495  1.000 22.66127 ? 64  LEU A CG  1 
ATOM   374  C CD1 . LEU A 1 64  ? 0.02334   -0.41554  -4.20833  1.000 20.89245 ? 64  LEU A CD1 1 
ATOM   375  C CD2 . LEU A 1 64  ? 0.50371   -1.99476  -6.10611  1.000 18.77837 ? 64  LEU A CD2 1 
ATOM   376  N N   . ARG A 1 65  ? 4.23773   1.47167   -7.23094  1.000 18.14364 ? 65  ARG A N   1 
ATOM   377  C CA  . ARG A 1 65  ? 4.65391   2.43238   -8.24723  1.000 21.31657 ? 65  ARG A CA  1 
ATOM   378  C C   . ARG A 1 65  ? 5.40924   1.73855   -9.37042  1.000 20.89905 ? 65  ARG A C   1 
ATOM   379  O O   . ARG A 1 65  ? 5.16770   2.01378   -10.55194 1.000 18.86719 ? 65  ARG A O   1 
ATOM   380  C CB  . ARG A 1 65  ? 5.51464   3.53984   -7.62855  1.000 20.26313 ? 65  ARG A CB  1 
ATOM   381  C CG  . ARG A 1 65  ? 5.94562   4.61790   -8.63392  1.000 28.80269 ? 65  ARG A CG  1 
ATOM   382  C CD  . ARG A 1 65  ? 6.09995   5.97955   -7.96869  1.000 27.25828 ? 65  ARG A CD  1 
ATOM   383  N NE  . ARG A 1 65  ? 7.25572   5.96465   -7.07887  1.000 42.07737 ? 65  ARG A NE  1 
ATOM   384  C CZ  . ARG A 1 65  ? 7.53267   6.88116   -6.15666  1.000 41.02239 ? 65  ARG A CZ  1 
ATOM   385  N NH1 . ARG A 1 65  ? 6.76230   7.94005   -5.98508  1.000 42.58098 ? 65  ARG A NH1 1 
ATOM   386  N NH2 . ARG A 1 65  ? 8.60584   6.72214   -5.37694  1.000 39.97126 ? 65  ARG A NH2 1 
ATOM   387  N N   . ARG A 1 66  ? 6.34541   0.84819   -9.01880  1.000 20.56275 ? 66  ARG A N   1 
ATOM   388  C CA  . ARG A 1 66  ? 7.11852   0.15448   -10.05366 1.000 22.55098 ? 66  ARG A CA  1 
ATOM   389  C C   . ARG A 1 66  ? 6.22558   -0.73638  -10.91503 1.000 24.81793 ? 66  ARG A C   1 
ATOM   390  O O   . ARG A 1 66  ? 6.38287   -0.79298  -12.14915 1.000 21.82115 ? 66  ARG A O   1 
ATOM   391  C CB  . ARG A 1 66  ? 8.24300   -0.66843  -9.42229  1.000 20.74515 ? 66  ARG A CB  1 
ATOM   392  C CG  . ARG A 1 66  ? 9.29020   0.17354   -8.69808  1.000 24.58089 ? 66  ARG A CG  1 
ATOM   393  C CD  . ARG A 1 66  ? 10.55568  -0.62305  -8.38594  1.000 27.46989 ? 66  ARG A CD  1 
ATOM   394  N NE  . ARG A 1 66  ? 10.27726  -1.90945  -7.75146  1.000 26.89329 ? 66  ARG A NE  1 
ATOM   395  C CZ  . ARG A 1 66  ? 10.15727  -2.09580  -6.44263  1.000 24.23030 ? 66  ARG A CZ  1 
ATOM   396  N NH1 . ARG A 1 66  ? 10.24689  -1.08929  -5.58950  1.000 25.96670 ? 66  ARG A NH1 1 
ATOM   397  N NH2 . ARG A 1 66  ? 9.93659   -3.32285  -5.97942  1.000 23.26295 ? 66  ARG A NH2 1 
ATOM   398  N N   . ILE A 1 67  ? 5.27282   -1.43082  -10.28002 1.000 18.81453 ? 67  ILE A N   1 
ATOM   399  C CA  . ILE A 1 67  ? 4.33676   -2.27982  -11.01735 1.000 19.91480 ? 67  ILE A CA  1 
ATOM   400  C C   . ILE A 1 67  ? 3.56159   -1.44709  -12.02890 1.000 21.72968 ? 67  ILE A C   1 
ATOM   401  O O   . ILE A 1 67  ? 3.41204   -1.82745  -13.19766 1.000 19.90760 ? 67  ILE A O   1 
ATOM   402  C CB  . ILE A 1 67  ? 3.38761   -3.00935  -10.04614 1.000 16.08095 ? 67  ILE A CB  1 
ATOM   403  C CG1 . ILE A 1 67  ? 4.15129   -4.03856  -9.21269  1.000 18.43875 ? 67  ILE A CG1 1 
ATOM   404  C CG2 . ILE A 1 67  ? 2.25890   -3.67507  -10.82237 1.000 17.46190 ? 67  ILE A CG2 1 
ATOM   405  C CD1 . ILE A 1 67  ? 3.34764   -4.63189  -8.05767  1.000 20.85811 ? 67  ILE A CD1 1 
ATOM   406  N N   . LEU A 1 68  ? 3.08018   -0.27962  -11.59697 1.000 17.78378 ? 68  LEU A N   1 
ATOM   407  C CA  . LEU A 1 68  ? 2.28059   0.55495   -12.48709 1.000 22.57977 ? 68  LEU A CA  1 
ATOM   408  C C   . LEU A 1 68  ? 3.12861   1.14964   -13.60076 1.000 21.13182 ? 68  LEU A C   1 
ATOM   409  O O   . LEU A 1 68  ? 2.69489   1.19809   -14.75750 1.000 24.48184 ? 68  LEU A O   1 
ATOM   410  C CB  . LEU A 1 68  ? 1.58762   1.65699   -11.68911 1.000 18.69751 ? 68  LEU A CB  1 
ATOM   411  C CG  . LEU A 1 68  ? 0.46855   1.08642   -10.82174 1.000 16.59149 ? 68  LEU A CG  1 
ATOM   412  C CD1 . LEU A 1 68  ? 0.13857   2.05762   -9.67726  1.000 19.93655 ? 68  LEU A CD1 1 
ATOM   413  C CD2 . LEU A 1 68  ? -0.75565  0.80796   -11.68000 1.000 22.27191 ? 68  LEU A CD2 1 
ATOM   414  N N   . GLN A 1 69  ? 4.32603   1.62876   -13.26459 1.000 22.51702 ? 69  GLN A N   1 
ATOM   415  C CA  . GLN A 1 69  ? 5.21145   2.20787   -14.26886 1.000 24.14683 ? 69  GLN A CA  1 
ATOM   416  C C   . GLN A 1 69  ? 5.56113   1.19832   -15.35081 1.000 25.09065 ? 69  GLN A C   1 
ATOM   417  O O   . GLN A 1 69  ? 5.70129   1.56979   -16.52267 1.000 29.61992 ? 69  GLN A O   1 
ATOM   418  C CB  . GLN A 1 69  ? 6.47453   2.73808   -13.59693 1.000 21.52267 ? 69  GLN A CB  1 
ATOM   419  C CG  . GLN A 1 69  ? 6.25898   3.98482   -12.76797 1.000 24.29411 ? 69  GLN A CG  1 
ATOM   420  C CD  . GLN A 1 69  ? 7.50143   4.38666   -12.00609 1.000 31.22130 ? 69  GLN A CD  1 
ATOM   421  O OE1 . GLN A 1 69  ? 8.41755   3.58549   -11.82908 1.000 33.17930 ? 69  GLN A OE1 1 
ATOM   422  N NE2 . GLN A 1 69  ? 7.54250   5.63555   -11.55204 1.000 32.11798 ? 69  GLN A NE2 1 
ATOM   423  N N   . GLN A 1 70  ? 5.68462   -0.07962  -14.98487 1.000 24.02798 ? 70  GLN A N   1 
ATOM   424  C CA  . GLN A 1 70  ? 5.81739   -1.12831  -15.98945 1.000 26.71781 ? 70  GLN A CA  1 
ATOM   425  C C   . GLN A 1 70  ? 4.63840   -1.16748  -16.95601 1.000 33.16378 ? 70  GLN A C   1 
ATOM   426  O O   . GLN A 1 70  ? 4.78972   -1.66185  -18.07764 1.000 33.89552 ? 70  GLN A O   1 
ATOM   427  C CB  . GLN A 1 70  ? 5.96788   -2.49312  -15.31398 1.000 31.72475 ? 70  GLN A CB  1 
ATOM   428  C CG  . GLN A 1 70  ? 7.27572   -2.67851  -14.56054 1.000 31.08562 ? 70  GLN A CG  1 
ATOM   429  C CD  . GLN A 1 70  ? 7.35744   -4.02024  -13.86891 1.000 37.94065 ? 70  GLN A CD  1 
ATOM   430  O OE1 . GLN A 1 70  ? 8.19561   -4.23151  -12.99050 1.000 45.32667 ? 70  GLN A OE1 1 
ATOM   431  N NE2 . GLN A 1 70  ? 6.48267   -4.93781  -14.25850 1.000 41.82553 ? 70  GLN A NE2 1 
ATOM   432  N N   . GLN A 1 71  ? 3.46553   -0.68440  -16.54754 1.000 28.98979 ? 71  GLN A N   1 
ATOM   433  C CA  . GLN A 1 71  ? 2.31064   -0.57734  -17.42868 1.000 29.11763 ? 71  GLN A CA  1 
ATOM   434  C C   . GLN A 1 71  ? 2.12504   0.83643   -17.95414 1.000 27.13040 ? 71  GLN A C   1 
ATOM   435  O O   . GLN A 1 71  ? 1.03743   1.16994   -18.43528 1.000 30.61178 ? 71  GLN A O   1 
ATOM   436  C CB  . GLN A 1 71  ? 1.03737   -1.02776  -16.70493 1.000 31.39868 ? 71  GLN A CB  1 
ATOM   437  C CG  . GLN A 1 71  ? 1.03576   -2.47650  -16.23745 1.000 30.95055 ? 71  GLN A CG  1 
ATOM   438  C CD  . GLN A 1 71  ? 0.88157   -3.46020  -17.38158 1.000 41.83201 ? 71  GLN A CD  1 
ATOM   439  O OE1 . GLN A 1 71  ? 0.08494   -3.24820  -18.30337 1.000 40.94532 ? 71  GLN A OE1 1 
ATOM   440  N NE2 . GLN A 1 71  ? 1.65070   -4.54510  -17.33257 1.000 42.10351 ? 71  GLN A NE2 1 
ATOM   441  N N   . ASP A 1 72  ? 3.15896   1.67415   -17.85464 1.000 29.19842 ? 72  ASP A N   1 
ATOM   442  C CA  . ASP A 1 72  ? 3.08454   3.08397   -18.24186 1.000 28.85196 ? 72  ASP A CA  1 
ATOM   443  C C   . ASP A 1 72  ? 1.96584   3.80878   -17.49399 1.000 30.68063 ? 72  ASP A C   1 
ATOM   444  O O   . ASP A 1 72  ? 1.25427   4.64718   -18.05364 1.000 28.83775 ? 72  ASP A O   1 
ATOM   445  C CB  . ASP A 1 72  ? 2.92030   3.24460   -19.75541 1.000 35.00832 ? 72  ASP A CB  1 
ATOM   446  C CG  . ASP A 1 72  ? 4.18872   2.91136   -20.52284 1.000 41.27431 ? 72  ASP A CG  1 
ATOM   447  O OD1 . ASP A 1 72  ? 5.28928   2.94784   -19.92246 1.000 37.99222 ? 72  ASP A OD1 1 
ATOM   448  O OD2 . ASP A 1 72  ? 4.08040   2.62671   -21.73467 1.000 43.41377 ? 72  ASP A OD2 1 
ATOM   449  N N   . LEU A 1 73  ? 1.81002   3.48145   -16.21566 1.000 25.10625 ? 73  LEU A N   1 
ATOM   450  C CA  . LEU A 1 73  ? 0.89980   4.17261   -15.31646 1.000 23.15242 ? 73  LEU A CA  1 
ATOM   451  C C   . LEU A 1 73  ? 1.68300   4.56972   -14.07049 1.000 21.60152 ? 73  LEU A C   1 
ATOM   452  O O   . LEU A 1 73  ? 2.88327   4.31618   -13.96582 1.000 21.91747 ? 73  LEU A O   1 
ATOM   453  C CB  . LEU A 1 73  ? -0.30515  3.28826   -14.97311 1.000 23.47092 ? 73  LEU A CB  1 
ATOM   454  C CG  . LEU A 1 73  ? -1.20190  2.85529   -16.14308 1.000 23.96152 ? 73  LEU A CG  1 
ATOM   455  C CD1 . LEU A 1 73  ? -2.06582  1.67706   -15.72972 1.000 28.11927 ? 73  LEU A CD1 1 
ATOM   456  C CD2 . LEU A 1 73  ? -2.08171  3.99321   -16.63970 1.000 23.92368 ? 73  LEU A CD2 1 
ATOM   457  N N   . ASP A 1 74  ? 1.01084   5.19679   -13.11090 1.000 21.73475 ? 74  ASP A N   1 
ATOM   458  C CA  . ASP A 1 74  ? 1.67379   5.59104   -11.87826 1.000 21.13407 ? 74  ASP A CA  1 
ATOM   459  C C   . ASP A 1 74  ? 0.63809   5.63101   -10.75978 1.000 19.60835 ? 74  ASP A C   1 
ATOM   460  O O   . ASP A 1 74  ? -0.54876  5.38742   -10.98231 1.000 18.88567 ? 74  ASP A O   1 
ATOM   461  C CB  . ASP A 1 74  ? 2.39060   6.93746   -12.05297 1.000 24.74520 ? 74  ASP A CB  1 
ATOM   462  C CG  . ASP A 1 74  ? 3.57620   7.10101   -11.11248 1.000 28.41430 ? 74  ASP A CG  1 
ATOM   463  O OD1 . ASP A 1 74  ? 3.52228   6.59465   -9.97170  1.000 26.15071 ? 74  ASP A OD1 1 
ATOM   464  O OD2 . ASP A 1 74  ? 4.57153   7.74464   -11.51976 1.000 35.40259 ? 74  ASP A OD2 1 
ATOM   465  N N   . LEU A 1 75  ? 1.09365   5.97532   -9.55084  1.000 21.03626 ? 75  LEU A N   1 
ATOM   466  C CA  . LEU A 1 75  ? 0.22800   5.87597   -8.37432  1.000 19.30709 ? 75  LEU A CA  1 
ATOM   467  C C   . LEU A 1 75  ? -1.02622  6.73366   -8.49908  1.000 21.12842 ? 75  LEU A C   1 
ATOM   468  O O   . LEU A 1 75  ? -2.04664  6.41911   -7.87569  1.000 18.16004 ? 75  LEU A O   1 
ATOM   469  C CB  . LEU A 1 75  ? 1.00322   6.25344   -7.10600  1.000 21.30566 ? 75  LEU A CB  1 
ATOM   470  C CG  . LEU A 1 75  ? 2.14511   5.32791   -6.66696  1.000 19.35648 ? 75  LEU A CG  1 
ATOM   471  C CD1 . LEU A 1 75  ? 2.73027   5.78181   -5.32588  1.000 23.36648 ? 75  LEU A CD1 1 
ATOM   472  C CD2 . LEU A 1 75  ? 1.70671   3.86577   -6.58518  1.000 22.11367 ? 75  LEU A CD2 1 
ATOM   473  N N   . GLY A 1 76  ? -0.98424  7.80493   -9.29991  1.000 17.57575 ? 76  GLY A N   1 
ATOM   474  C CA  . GLY A 1 76  ? -2.15741  8.64942   -9.46823  1.000 16.24397 ? 76  GLY A CA  1 
ATOM   475  C C   . GLY A 1 76  ? -3.28113  7.99889   -10.25166 1.000 15.14613 ? 76  GLY A C   1 
ATOM   476  O O   . GLY A 1 76  ? -4.41151  8.50098   -10.23091 1.000 17.26139 ? 76  GLY A O   1 
ATOM   477  N N   . ASP A 1 77  ? -2.98889  6.91096   -10.96078 1.000 16.24121 ? 77  ASP A N   1 
ATOM   478  C CA  . ASP A 1 77  ? -4.00274  6.16112   -11.68716 1.000 18.67588 ? 77  ASP A CA  1 
ATOM   479  C C   . ASP A 1 77  ? -4.75275  5.17125   -10.80562 1.000 16.60177 ? 77  ASP A C   1 
ATOM   480  O O   . ASP A 1 77  ? -5.73974  4.58612   -11.26402 1.000 16.48377 ? 77  ASP A O   1 
ATOM   481  C CB  . ASP A 1 77  ? -3.34850  5.43203   -12.85743 1.000 19.69576 ? 77  ASP A CB  1 
ATOM   482  C CG  . ASP A 1 77  ? -2.66804  6.39007   -13.81177 1.000 22.10168 ? 77  ASP A CG  1 
ATOM   483  O OD1 . ASP A 1 77  ? -3.37500  7.29428   -14.30022 1.000 19.58851 ? 77  ASP A OD1 1 
ATOM   484  O OD2 . ASP A 1 77  ? -1.44020  6.26184   -14.02971 1.000 17.84405 ? 77  ASP A OD2 1 
ATOM   485  N N   . ILE A 1 78  ? -4.32998  4.98064   -9.55744  1.000 14.72024 ? 78  ILE A N   1 
ATOM   486  C CA  . ILE A 1 78  ? -5.06535  4.09833   -8.65344  1.000 13.60596 ? 78  ILE A CA  1 
ATOM   487  C C   . ILE A 1 78  ? -6.40814  4.72936   -8.29734  1.000 14.99636 ? 78  ILE A C   1 
ATOM   488  O O   . ILE A 1 78  ? -6.48827  5.89715   -7.89050  1.000 14.71470 ? 78  ILE A O   1 
ATOM   489  C CB  . ILE A 1 78  ? -4.23040  3.79402   -7.39972  1.000 15.89408 ? 78  ILE A CB  1 
ATOM   490  C CG1 . ILE A 1 78  ? -2.96212  3.01932   -7.77541  1.000 15.42532 ? 78  ILE A CG1 1 
ATOM   491  C CG2 . ILE A 1 78  ? -5.05807  3.00024   -6.35378  1.000 13.93225 ? 78  ILE A CG2 1 
ATOM   492  C CD1 . ILE A 1 78  ? -1.99864  2.84681   -6.63621  1.000 15.45258 ? 78  ILE A CD1 1 
ATOM   493  N N   . VAL A 1 79  ? -7.47845  3.95989   -8.45655  1.000 12.49283 ? 79  VAL A N   1 
ATOM   494  C CA  . VAL A 1 79  ? -8.79984  4.41960   -8.08208  1.000 13.17008 ? 79  VAL A CA  1 
ATOM   495  C C   . VAL A 1 79  ? -9.29520  3.76897   -6.79856  1.000 12.63395 ? 79  VAL A C   1 
ATOM   496  O O   . VAL A 1 79  ? -10.09147 4.38818   -6.08548  1.000 15.14352 ? 79  VAL A O   1 
ATOM   497  C CB  . VAL A 1 79  ? -9.82145  4.22721   -9.22456  1.000 18.79731 ? 79  VAL A CB  1 
ATOM   498  C CG1 . VAL A 1 79  ? -9.39603  5.02436   -10.46290 1.000 16.86003 ? 79  VAL A CG1 1 
ATOM   499  C CG2 . VAL A 1 79  ? -9.99204  2.77269   -9.55962  1.000 19.07453 ? 79  VAL A CG2 1 
ATOM   500  N N   . GLN A 1 80  ? -8.82170  2.56324   -6.45589  1.000 14.79557 ? 80  GLN A N   1 
ATOM   501  C CA  . GLN A 1 80  ? -9.21820  1.95281   -5.19004  1.000 15.32527 ? 80  GLN A CA  1 
ATOM   502  C C   . GLN A 1 80  ? -8.03739  1.22065   -4.56125  1.000 14.73862 ? 80  GLN A C   1 
ATOM   503  O O   . GLN A 1 80  ? -7.29797  0.51598   -5.24965  1.000 12.76456 ? 80  GLN A O   1 
ATOM   504  C CB  . GLN A 1 80  ? -10.39203 0.98625   -5.40792  1.000 19.80971 ? 80  GLN A CB  1 
ATOM   505  C CG  . GLN A 1 80  ? -10.69625 0.08386   -4.22284  1.000 23.58437 ? 80  GLN A CG  1 
ATOM   506  C CD  . GLN A 1 80  ? -11.80124 -0.88684  -4.54065  1.000 30.25296 ? 80  GLN A CD  1 
ATOM   507  O OE1 . GLN A 1 80  ? -11.57854 -1.91575  -5.19288  1.000 34.99424 ? 80  GLN A OE1 1 
ATOM   508  N NE2 . GLN A 1 80  ? -13.01240 -0.56478  -4.09203  1.000 32.28279 ? 80  GLN A NE2 1 
ATOM   509  N N   . LEU A 1 81  ? -7.87325  1.38968   -3.25068  1.000 12.61139 ? 81  LEU A N   1 
ATOM   510  C CA  . LEU A 1 81  ? -6.79695  0.77652   -2.48740  1.000 13.05037 ? 81  LEU A CA  1 
ATOM   511  C C   . LEU A 1 81  ? -7.39813  0.02521   -1.32331  1.000 12.63213 ? 81  LEU A C   1 
ATOM   512  O O   . LEU A 1 81  ? -8.26919  0.55097   -0.62840  1.000 15.30199 ? 81  LEU A O   1 
ATOM   513  C CB  . LEU A 1 81  ? -5.82710  1.81194   -1.90457  1.000 15.14329 ? 81  LEU A CB  1 
ATOM   514  C CG  . LEU A 1 81  ? -4.62775  2.29037   -2.69590  1.000 23.36172 ? 81  LEU A CG  1 
ATOM   515  C CD1 . LEU A 1 81  ? -3.85569  3.27138   -1.81652  1.000 21.80514 ? 81  LEU A CD1 1 
ATOM   516  C CD2 . LEU A 1 81  ? -3.77000  1.10181   -3.08529  1.000 26.37037 ? 81  LEU A CD2 1 
ATOM   517  N N   . ARG A 1 82  ? -6.91981  -1.18563  -1.08674  1.000 12.13515 ? 82  ARG A N   1 
ATOM   518  C CA  . ARG A 1 82  ? -7.34367  -1.93857  0.08552   1.000 10.76564 ? 82  ARG A CA  1 
ATOM   519  C C   . ARG A 1 82  ? -6.10170  -2.33371  0.86830   1.000 13.16723 ? 82  ARG A C   1 
ATOM   520  O O   . ARG A 1 82  ? -5.19302  -2.94409  0.30425   1.000 11.78858 ? 82  ARG A O   1 
ATOM   521  C CB  . ARG A 1 82  ? -8.15207  -3.17138  -0.32128  1.000 14.80789 ? 82  ARG A CB  1 
ATOM   522  C CG  . ARG A 1 82  ? -8.83886  -3.86448  0.82647   1.000 14.72514 ? 82  ARG A CG  1 
ATOM   523  C CD  . ARG A 1 82  ? -9.88143  -4.84872  0.31327   1.000 14.94878 ? 82  ARG A CD  1 
ATOM   524  N NE  . ARG A 1 82  ? -10.86984 -4.15427  -0.49891  1.000 19.46329 ? 82  ARG A NE  1 
ATOM   525  C CZ  . ARG A 1 82  ? -10.85119 -4.12773  -1.82219  1.000 19.22231 ? 82  ARG A CZ  1 
ATOM   526  N NH1 . ARG A 1 82  ? -9.96891  -4.83385  -2.51096  1.000 18.82512 ? 82  ARG A NH1 1 
ATOM   527  N NH2 . ARG A 1 82  ? -11.72640 -3.36273  -2.46664  1.000 22.09291 ? 82  ARG A NH2 1 
ATOM   528  N N   . VAL A 1 83  ? -6.06146  -1.98627  2.15589   1.000 9.82791  ? 83  VAL A N   1 
ATOM   529  C CA  . VAL A 1 83  ? -4.87371  -2.15937  2.99040   1.000 7.80618  ? 83  VAL A CA  1 
ATOM   530  C C   . VAL A 1 83  ? -5.20505  -3.13729  4.10375   1.000 10.28789 ? 83  VAL A C   1 
ATOM   531  O O   . VAL A 1 83  ? -6.10243  -2.87443  4.90772   1.000 7.86854  ? 83  VAL A O   1 
ATOM   532  C CB  . VAL A 1 83  ? -4.39506  -0.83075  3.59322   1.000 8.33702  ? 83  VAL A CB  1 
ATOM   533  C CG1 . VAL A 1 83  ? -3.17785  -1.08044  4.52706   1.000 10.61031 ? 83  VAL A CG1 1 
ATOM   534  C CG2 . VAL A 1 83  ? -4.05662  0.14664   2.49786   1.000 13.27261 ? 83  VAL A CG2 1 
ATOM   535  N N   . PHE A 1 84  ? -4.46932  -4.24811  4.16928   1.000 8.38881  ? 84  PHE A N   1 
ATOM   536  C CA  . PHE A 1 84  ? -4.63588  -5.24299  5.21739   1.000 8.28914  ? 84  PHE A CA  1 
ATOM   537  C C   . PHE A 1 84  ? -3.41457  -5.17063  6.11649   1.000 8.92453  ? 84  PHE A C   1 
ATOM   538  O O   . PHE A 1 84  ? -2.29102  -5.39133  5.65216   1.000 11.75612 ? 84  PHE A O   1 
ATOM   539  C CB  . PHE A 1 84  ? -4.77651  -6.65152  4.63595   1.000 9.42896  ? 84  PHE A CB  1 
ATOM   540  C CG  . PHE A 1 84  ? -5.90377  -6.80193  3.63572   1.000 13.16285 ? 84  PHE A CG  1 
ATOM   541  C CD1 . PHE A 1 84  ? -7.21806  -6.91330  4.06155   1.000 10.25663 ? 84  PHE A CD1 1 
ATOM   542  C CD2 . PHE A 1 84  ? -5.64224  -6.86765  2.27654   1.000 11.38329 ? 84  PHE A CD2 1 
ATOM   543  C CE1 . PHE A 1 84  ? -8.25774  -7.07682  3.13813   1.000 14.46933 ? 84  PHE A CE1 1 
ATOM   544  C CE2 . PHE A 1 84  ? -6.67071  -7.01293  1.35225   1.000 14.28565 ? 84  PHE A CE2 1 
ATOM   545  C CZ  . PHE A 1 84  ? -7.97313  -7.13672  1.78049   1.000 11.85149 ? 84  PHE A CZ  1 
ATOM   546  N N   . LEU A 1 85  ? -3.63675  -4.86655  7.38887   1.000 9.16846  ? 85  LEU A N   1 
ATOM   547  C CA  . LEU A 1 85  ? -2.58600  -4.76231  8.39826   1.000 8.78376  ? 85  LEU A CA  1 
ATOM   548  C C   . LEU A 1 85  ? -2.67047  -5.91801  9.38886   1.000 11.15540 ? 85  LEU A C   1 
ATOM   549  O O   . LEU A 1 85  ? -3.75199  -6.43604  9.67566   1.000 9.79635  ? 85  LEU A O   1 
ATOM   550  C CB  . LEU A 1 85  ? -2.70809  -3.44347  9.17775   1.000 8.63598  ? 85  LEU A CB  1 
ATOM   551  C CG  . LEU A 1 85  ? -2.58127  -2.16633  8.35330   1.000 11.91698 ? 85  LEU A CG  1 
ATOM   552  C CD1 . LEU A 1 85  ? -2.65082  -0.95130  9.28122   1.000 15.80945 ? 85  LEU A CD1 1 
ATOM   553  C CD2 . LEU A 1 85  ? -1.25901  -2.17806  7.60969   1.000 11.18830 ? 85  LEU A CD2 1 
ATOM   554  N N   . VAL A 1 86  ? -1.52196  -6.29626  9.93989   1.000 10.75268 ? 86  VAL A N   1 
ATOM   555  C CA  . VAL A 1 86  ? -1.48175  -7.20363  11.07443  1.000 11.97259 ? 86  VAL A CA  1 
ATOM   556  C C   . VAL A 1 86  ? -0.94697  -6.43179  12.27966  1.000 12.13096 ? 86  VAL A C   1 
ATOM   557  O O   . VAL A 1 86  ? -0.30751  -5.38033  12.15138  1.000 14.39347 ? 86  VAL A O   1 
ATOM   558  C CB  . VAL A 1 86  ? -0.63956  -8.46637  10.78126  1.000 16.54983 ? 86  VAL A CB  1 
ATOM   559  C CG1 . VAL A 1 86  ? -1.07898  -9.10182  9.46987   1.000 11.98261 ? 86  VAL A CG1 1 
ATOM   560  C CG2 . VAL A 1 86  ? 0.78511   -8.12702  10.70367  1.000 21.46046 ? 86  VAL A CG2 1 
ATOM   561  N N   . GLY A 1 87  ? -1.22851  -6.95465  13.46496  1.000 13.78351 ? 87  GLY A N   1 
ATOM   562  C CA  . GLY A 1 87  ? -0.88363  -6.23784  14.67474  1.000 12.30276 ? 87  GLY A CA  1 
ATOM   563  C C   . GLY A 1 87  ? 0.61615   -6.08725  14.84734  1.000 13.98649 ? 87  GLY A C   1 
ATOM   564  O O   . GLY A 1 87  ? 1.40653   -6.93504  14.43566  1.000 12.36141 ? 87  GLY A O   1 
ATOM   565  N N   . ALA A 1 88  ? 1.00465   -4.97515  15.46356  1.000 14.13596 ? 88  ALA A N   1 
ATOM   566  C CA  . ALA A 1 88  ? 2.39816   -4.59937  15.63651  1.000 14.99260 ? 88  ALA A CA  1 
ATOM   567  C C   . ALA A 1 88  ? 2.73055   -4.47255  17.11787  1.000 13.90803 ? 88  ALA A C   1 
ATOM   568  O O   . ALA A 1 88  ? 1.87765   -4.10204  17.93044  1.000 12.35086 ? 88  ALA A O   1 
ATOM   569  C CB  . ALA A 1 88  ? 2.70602   -3.26543  14.94184  1.000 15.63931 ? 88  ALA A CB  1 
ATOM   570  N N   . GLU A 1 89  ? 3.99732   -4.73355  17.45200  1.000 16.02544 ? 89  GLU A N   1 
ATOM   571  C CA  . GLU A 1 89  ? 4.43440   -4.62731  18.84410  1.000 15.89348 ? 89  GLU A CA  1 
ATOM   572  C C   . GLU A 1 89  ? 4.33591   -3.19424  19.37607  1.000 15.37540 ? 89  GLU A C   1 
ATOM   573  O O   . GLU A 1 89  ? 4.03526   -2.99821  20.56267  1.000 15.83200 ? 89  GLU A O   1 
ATOM   574  C CB  . GLU A 1 89  ? 5.86858   -5.16318  18.97659  1.000 18.26604 ? 89  GLU A CB  1 
ATOM   575  C CG  . GLU A 1 89  ? 6.92341   -4.36754  18.20801  1.000 22.14746 ? 89  GLU A CG  1 
ATOM   576  C CD  . GLU A 1 89  ? 8.32232   -4.95011  18.35411  1.000 25.16824 ? 89  GLU A CD  1 
ATOM   577  O OE1 . GLU A 1 89  ? 8.44926   -6.07157  18.88206  1.000 29.39352 ? 89  GLU A OE1 1 
ATOM   578  O OE2 . GLU A 1 89  ? 9.29539   -4.27971  17.93731  1.000 28.56735 ? 89  GLU A OE2 1 
ATOM   579  N N   . GLU A 1 90  ? 4.58986   -2.18853  18.52589  1.000 17.32925 ? 90  GLU A N   1 
ATOM   580  C CA  . GLU A 1 90  ? 4.51256   -0.78879  18.95330  1.000 13.81420 ? 90  GLU A CA  1 
ATOM   581  C C   . GLU A 1 90  ? 3.12034   -0.42242  19.43672  1.000 14.51918 ? 90  GLU A C   1 
ATOM   582  O O   . GLU A 1 90  ? 2.96016   0.49304   20.25316  1.000 14.56718 ? 90  GLU A O   1 
ATOM   583  C CB  . GLU A 1 90  ? 4.88635   0.15237   17.80670  1.000 17.37801 ? 90  GLU A CB  1 
ATOM   584  C CG  . GLU A 1 90  ? 6.33100   0.07133   17.34785  1.000 22.39530 ? 90  GLU A CG  1 
ATOM   585  C CD  . GLU A 1 90  ? 6.57101   -1.05401  16.35170  1.000 26.21060 ? 90  GLU A CD  1 
ATOM   586  O OE1 . GLU A 1 90  ? 5.64658   -1.86940  16.11618  1.000 17.07043 ? 90  GLU A OE1 1 
ATOM   587  O OE2 . GLU A 1 90  ? 7.70128   -1.12260  15.81036  1.000 26.88792 ? 90  GLU A OE2 1 
ATOM   588  N N   . THR A 1 91  ? 2.10175   -1.10431  18.93329  1.000 16.46721 ? 91  THR A N   1 
ATOM   589  C CA  . THR A 1 91  ? 0.72404   -0.76879  19.25217  1.000 15.76125 ? 91  THR A CA  1 
ATOM   590  C C   . THR A 1 91  ? 0.01790   -1.93107  19.94311  1.000 16.53868 ? 91  THR A C   1 
ATOM   591  O O   . THR A 1 91  ? -1.20412  -2.08282  19.84685  1.000 17.37416 ? 91  THR A O   1 
ATOM   592  C CB  . THR A 1 91  ? -0.00018  -0.32058  17.98457  1.000 13.12681 ? 91  THR A CB  1 
ATOM   593  O OG1 . THR A 1 91  ? 0.39448   -1.16611  16.89518  1.000 12.50816 ? 91  THR A OG1 1 
ATOM   594  C CG2 . THR A 1 91  ? 0.39763   1.10405   17.67265  1.000 15.11158 ? 91  THR A CG2 1 
ATOM   595  N N   . GLY A 1 92  ? 0.78433   -2.75109  20.65542  1.000 15.67871 ? 92  GLY A N   1 
ATOM   596  C CA  . GLY A 1 92  ? 0.21001   -3.77136  21.51814  1.000 19.00956 ? 92  GLY A CA  1 
ATOM   597  C C   . GLY A 1 92  ? -0.60507  -4.83519  20.81720  1.000 19.26815 ? 92  GLY A C   1 
ATOM   598  O O   . GLY A 1 92  ? -1.57486  -5.33622  21.39207  1.000 22.79650 ? 92  GLY A O   1 
ATOM   599  N N   . GLY A 1 93  ? -0.24877  -5.19648  19.58977  1.000 16.75880 ? 93  GLY A N   1 
ATOM   600  C CA  . GLY A 1 93  ? -0.99876  -6.20196  18.86846  1.000 15.22245 ? 93  GLY A CA  1 
ATOM   601  C C   . GLY A 1 93  ? -2.18783  -5.66847  18.10091  1.000 15.65019 ? 93  GLY A C   1 
ATOM   602  O O   . GLY A 1 93  ? -2.83092  -6.43682  17.36862  1.000 13.15515 ? 93  GLY A O   1 
ATOM   603  N N   . LYS A 1 94  ? -2.50072  -4.38587  18.24120  1.000 16.72571 ? 94  LYS A N   1 
ATOM   604  C CA  . LYS A 1 94  ? -3.42483  -3.71676  17.33661  1.000 17.93346 ? 94  LYS A CA  1 
ATOM   605  C C   . LYS A 1 94  ? -2.67451  -3.25835  16.09288  1.000 13.53236 ? 94  LYS A C   1 
ATOM   606  O O   . LYS A 1 94  ? -1.45137  -3.10862  16.10297  1.000 13.92273 ? 94  LYS A O   1 
ATOM   607  C CB  . LYS A 1 94  ? -4.06811  -2.50543  18.00462  1.000 18.93723 ? 94  LYS A CB  1 
ATOM   608  C CG  . LYS A 1 94  ? -4.78171  -2.78981  19.32225  1.000 20.21865 ? 94  LYS A CG  1 
ATOM   609  C CD  . LYS A 1 94  ? -5.16739  -1.47286  19.98990  1.000 35.74351 ? 94  LYS A CD  1 
ATOM   610  C CE  . LYS A 1 94  ? -6.05588  -1.69046  21.21514  1.000 42.34466 ? 94  LYS A CE  1 
ATOM   611  N NZ  . LYS A 1 94  ? -6.54374  -3.08879  21.32416  1.000 40.55295 ? 94  LYS A NZ  1 
ATOM   612  N N   . LEU A 1 95  ? -3.42405  -3.02424  15.01697  1.000 12.20780 ? 95  LEU A N   1 
ATOM   613  C CA  . LEU A 1 95  ? -2.82317  -2.45567  13.81867  1.000 11.36591 ? 95  LEU A CA  1 
ATOM   614  C C   . LEU A 1 95  ? -2.15742  -1.12972  14.16752  1.000 12.55661 ? 95  LEU A C   1 
ATOM   615  O O   . LEU A 1 95  ? -2.60997  -0.39928  15.05550  1.000 13.96072 ? 95  LEU A O   1 
ATOM   616  C CB  . LEU A 1 95  ? -3.87482  -2.27198  12.71199  1.000 7.91234  ? 95  LEU A CB  1 
ATOM   617  C CG  . LEU A 1 95  ? -4.93082  -1.16452  12.80685  1.000 10.90565 ? 95  LEU A CG  1 
ATOM   618  C CD1 . LEU A 1 95  ? -5.76567  -1.13986  11.52884  1.000 13.11523 ? 95  LEU A CD1 1 
ATOM   619  C CD2 . LEU A 1 95  ? -5.82129  -1.27373  14.02708  1.000 14.56201 ? 95  LEU A CD2 1 
ATOM   620  N N   . ASP A 1 96  ? -1.03896  -0.84400  13.49835  1.000 10.03927 ? 96  ASP A N   1 
ATOM   621  C CA  . ASP A 1 96  ? -0.30713  0.41435   13.70918  1.000 12.96364 ? 96  ASP A CA  1 
ATOM   622  C C   . ASP A 1 96  ? -0.79716  1.40927   12.66569  1.000 15.70508 ? 96  ASP A C   1 
ATOM   623  O O   . ASP A 1 96  ? -0.17668  1.64221   11.62758  1.000 14.49992 ? 96  ASP A O   1 
ATOM   624  C CB  . ASP A 1 96  ? 1.19886   0.18870   13.63704  1.000 13.13035 ? 96  ASP A CB  1 
ATOM   625  C CG  . ASP A 1 96  ? 2.00195   1.47130   13.86260  1.000 15.39864 ? 96  ASP A CG  1 
ATOM   626  O OD1 . ASP A 1 96  ? 1.40634   2.54320   14.11439  1.000 14.31659 ? 96  ASP A OD1 1 
ATOM   627  O OD2 . ASP A 1 96  ? 3.23290   1.40511   13.78092  1.000 14.46459 ? 96  ASP A OD2 1 
ATOM   628  N N   . PHE A 1 97  ? -1.96432  1.98515   12.94988  1.000 13.80627 ? 97  PHE A N   1 
ATOM   629  C CA  . PHE A 1 97  ? -2.60350  2.86205   11.98244  1.000 14.32976 ? 97  PHE A CA  1 
ATOM   630  C C   . PHE A 1 97  ? -1.79150  4.13269   11.77876  1.000 12.53082 ? 97  PHE A C   1 
ATOM   631  O O   . PHE A 1 97  ? -1.71972  4.65222   10.66357  1.000 13.80864 ? 97  PHE A O   1 
ATOM   632  C CB  . PHE A 1 97  ? -4.03337  3.16861   12.43792  1.000 15.48960 ? 97  PHE A CB  1 
ATOM   633  C CG  . PHE A 1 97  ? -4.85494  3.90352   11.40927  1.000 14.55243 ? 97  PHE A CG  1 
ATOM   634  C CD1 . PHE A 1 97  ? -5.40683  3.23511   10.32934  1.000 18.73607 ? 97  PHE A CD1 1 
ATOM   635  C CD2 . PHE A 1 97  ? -5.06921  5.26368   11.52622  1.000 21.89854 ? 97  PHE A CD2 1 
ATOM   636  C CE1 . PHE A 1 97  ? -6.15680  3.92432   9.37580   1.000 18.63896 ? 97  PHE A CE1 1 
ATOM   637  C CE2 . PHE A 1 97  ? -5.82050  5.94982   10.58492  1.000 25.24414 ? 97  PHE A CE2 1 
ATOM   638  C CZ  . PHE A 1 97  ? -6.36346  5.27731   9.51204   1.000 24.32562 ? 97  PHE A CZ  1 
ATOM   639  N N   . ALA A 1 98  ? -1.14636  4.62388   12.83436  1.000 14.24117 ? 98  ALA A N   1 
ATOM   640  C CA  . ALA A 1 98  ? -0.30108  5.80478   12.70960  1.000 18.77016 ? 98  ALA A CA  1 
ATOM   641  C C   . ALA A 1 98  ? 0.85407   5.56419   11.74957  1.000 15.85253 ? 98  ALA A C   1 
ATOM   642  O O   . ALA A 1 98  ? 1.19818   6.43842   10.94633  1.000 14.57430 ? 98  ALA A O   1 
ATOM   643  C CB  . ALA A 1 98  ? 0.22589   6.20464   14.08155  1.000 20.29993 ? 98  ALA A CB  1 
ATOM   644  N N   . GLY A 1 99  ? 1.48464   4.39282   11.83784  1.000 14.88613 ? 99  GLY A N   1 
ATOM   645  C CA  . GLY A 1 99  ? 2.59776   4.10188   10.95007  1.000 15.63291 ? 99  GLY A CA  1 
ATOM   646  C C   . GLY A 1 99  ? 2.14459   3.94991   9.51047   1.000 13.91261 ? 99  GLY A C   1 
ATOM   647  O O   . GLY A 1 99  ? 2.81474   4.42077   8.57646   1.000 12.97688 ? 99  GLY A O   1 
ATOM   648  N N   . LEU A 1 100 ? 1.00558   3.28377   9.30862   1.000 10.09404 ? 100 LEU A N   1 
ATOM   649  C CA  . LEU A 1 100 ? 0.41427   3.23158   7.97778   1.000 11.55515 ? 100 LEU A CA  1 
ATOM   650  C C   . LEU A 1 100 ? 0.21524   4.63274   7.42486   1.000 12.79965 ? 100 LEU A C   1 
ATOM   651  O O   . LEU A 1 100 ? 0.55451   4.90797   6.27299   1.000 11.91693 ? 100 LEU A O   1 
ATOM   652  C CB  . LEU A 1 100 ? -0.92157  2.48533   8.00409   1.000 13.08105 ? 100 LEU A CB  1 
ATOM   653  C CG  . LEU A 1 100 ? -1.75515  2.70935   6.73457   1.000 12.95685 ? 100 LEU A CG  1 
ATOM   654  C CD1 . LEU A 1 100 ? -1.11649  2.03667   5.50629   1.000 11.33436 ? 100 LEU A CD1 1 
ATOM   655  C CD2 . LEU A 1 100 ? -3.19400  2.23186   6.92360   1.000 14.97940 ? 100 LEU A CD2 1 
ATOM   656  N N   . GLN A 1 101 ? -0.35397  5.52943   8.22939   1.000 13.81669 ? 101 GLN A N   1 
ATOM   657  C CA  . GLN A 1 101 ? -0.64812  6.86149   7.71253   1.000 12.99356 ? 101 GLN A CA  1 
ATOM   658  C C   . GLN A 1 101 ? 0.63820   7.62303   7.42543   1.000 14.50412 ? 101 GLN A C   1 
ATOM   659  O O   . GLN A 1 101 ? 0.72763   8.35025   6.42852   1.000 14.50751 ? 101 GLN A O   1 
ATOM   660  C CB  . GLN A 1 101 ? -1.53215  7.62095   8.70082   1.000 11.74640 ? 101 GLN A CB  1 
ATOM   661  C CG  . GLN A 1 101 ? -2.97331  7.12356   8.74166   1.000 18.37501 ? 101 GLN A CG  1 
ATOM   662  C CD  . GLN A 1 101 ? -3.67126  7.29803   7.40120   1.000 25.48086 ? 101 GLN A CD  1 
ATOM   663  O OE1 . GLN A 1 101 ? -3.78326  6.35428   6.62307   1.000 29.68974 ? 101 GLN A OE1 1 
ATOM   664  N NE2 . GLN A 1 101 ? -4.12137  8.51071   7.11993   1.000 30.21483 ? 101 GLN A NE2 1 
ATOM   665  N N   . ALA A 1 102 ? 1.65657   7.43316   8.26737   1.000 14.80563 ? 102 ALA A N   1 
ATOM   666  C CA  . ALA A 1 102 ? 2.93335   8.11431   8.06242   1.000 13.85926 ? 102 ALA A CA  1 
ATOM   667  C C   . ALA A 1 102 ? 3.59013   7.67449   6.76126   1.000 20.01532 ? 102 ALA A C   1 
ATOM   668  O O   . ALA A 1 102 ? 4.25530   8.47798   6.09633   1.000 18.75174 ? 102 ALA A O   1 
ATOM   669  C CB  . ALA A 1 102 ? 3.86941   7.83804   9.23996   1.000 16.47407 ? 102 ALA A CB  1 
ATOM   670  N N   . GLY A 1 103 ? 3.42191   6.40933   6.38349   1.000 13.21003 ? 103 GLY A N   1 
ATOM   671  C CA  . GLY A 1 103 ? 3.95475   5.98139   5.10086   1.000 12.13044 ? 103 GLY A CA  1 
ATOM   672  C C   . GLY A 1 103 ? 3.07422   6.40996   3.94533   1.000 13.11329 ? 103 GLY A C   1 
ATOM   673  O O   . GLY A 1 103 ? 3.54222   6.85752   2.89954   1.000 14.45101 ? 103 GLY A O   1 
ATOM   674  N N   . TYR A 1 104 ? 1.76931   6.28048   4.15750   1.000 15.11533 ? 104 TYR A N   1 
ATOM   675  C CA  . TYR A 1 104 ? 0.78075   6.50935   3.11764   1.000 14.67897 ? 104 TYR A CA  1 
ATOM   676  C C   . TYR A 1 104 ? 0.77717   7.95447   2.64658   1.000 14.95872 ? 104 TYR A C   1 
ATOM   677  O O   . TYR A 1 104 ? 0.68110   8.22773   1.44484   1.000 14.30555 ? 104 TYR A O   1 
ATOM   678  C CB  . TYR A 1 104 ? -0.58132  6.13966   3.67696   1.000 15.57492 ? 104 TYR A CB  1 
ATOM   679  C CG  . TYR A 1 104 ? -1.68182  6.24573   2.67699   1.000 15.82128 ? 104 TYR A CG  1 
ATOM   680  C CD1 . TYR A 1 104 ? -1.98772  5.17198   1.84746   1.000 23.42362 ? 104 TYR A CD1 1 
ATOM   681  C CD2 . TYR A 1 104 ? -2.44567  7.39933   2.58040   1.000 19.77555 ? 104 TYR A CD2 1 
ATOM   682  C CE1 . TYR A 1 104 ? -3.01353  5.25018   0.93879   1.000 22.46549 ? 104 TYR A CE1 1 
ATOM   683  C CE2 . TYR A 1 104 ? -3.46328  7.48583   1.66901   1.000 25.09594 ? 104 TYR A CE2 1 
ATOM   684  C CZ  . TYR A 1 104 ? -3.74082  6.41077   0.85351   1.000 23.84682 ? 104 TYR A CZ  1 
ATOM   685  O OH  . TYR A 1 104 ? -4.75613  6.44837   -0.06126  1.000 33.14293 ? 104 TYR A OH  1 
ATOM   686  N N   . THR A 1 105 ? 0.87296   8.89405   3.58039   1.000 15.71992 ? 105 THR A N   1 
ATOM   687  C CA  . THR A 1 105 ? 0.82229   10.29638  3.20172   1.000 15.30502 ? 105 THR A CA  1 
ATOM   688  C C   . THR A 1 105 ? 2.04643   10.72844  2.40921   1.000 17.30868 ? 105 THR A C   1 
ATOM   689  O O   . THR A 1 105 ? 2.07545   11.86676  1.93478   1.000 20.18169 ? 105 THR A O   1 
ATOM   690  C CB  . THR A 1 105 ? 0.66441   11.17635  4.44373   1.000 15.77668 ? 105 THR A CB  1 
ATOM   691  O OG1 . THR A 1 105 ? 1.72161   10.90677  5.37000   1.000 19.36292 ? 105 THR A OG1 1 
ATOM   692  C CG2 . THR A 1 105 ? -0.67174  10.92472  5.11951   1.000 22.98109 ? 105 THR A CG2 1 
ATOM   693  N N   . GLN A 1 106 ? 3.04596   9.85913   2.24668   1.000 17.72637 ? 106 GLN A N   1 
ATOM   694  C CA  . GLN A 1 106 ? 4.18927   10.17955  1.40127   1.000 14.51130 ? 106 GLN A CA  1 
ATOM   695  C C   . GLN A 1 106 ? 3.94238   9.86874   -0.06798  1.000 17.48129 ? 106 GLN A C   1 
ATOM   696  O O   . GLN A 1 106 ? 4.74534   10.28621  -0.90891  1.000 17.32613 ? 106 GLN A O   1 
ATOM   697  C CB  . GLN A 1 106 ? 5.43828   9.42094   1.87130   1.000 15.45073 ? 106 GLN A CB  1 
ATOM   698  C CG  . GLN A 1 106 ? 5.80823   9.64280   3.32396   1.000 19.65351 ? 106 GLN A CG  1 
ATOM   699  C CD  . GLN A 1 106 ? 7.09272   8.93493   3.70475   1.000 18.35510 ? 106 GLN A CD  1 
ATOM   700  O OE1 . GLN A 1 106 ? 8.08865   8.97551   2.96610   1.000 21.15141 ? 106 GLN A OE1 1 
ATOM   701  N NE2 . GLN A 1 106 ? 7.08696   8.28695   4.86054   1.000 15.23492 ? 106 GLN A NE2 1 
ATOM   702  N N   . PHE A 1 107 ? 2.85923   9.15151   -0.39763  1.000 14.16908 ? 107 PHE A N   1 
ATOM   703  C CA  . PHE A 1 107 ? 2.58644   8.73031   -1.76758  1.000 14.12240 ? 107 PHE A CA  1 
ATOM   704  C C   . PHE A 1 107 ? 1.28304   9.25726   -2.35132  1.000 12.45393 ? 107 PHE A C   1 
ATOM   705  O O   . PHE A 1 107 ? 1.10147   9.16467   -3.57156  1.000 15.12138 ? 107 PHE A O   1 
ATOM   706  C CB  . PHE A 1 107 ? 2.57023   7.19391   -1.86424  1.000 16.79145 ? 107 PHE A CB  1 
ATOM   707  C CG  . PHE A 1 107 ? 3.88372   6.55903   -1.53325  1.000 15.64955 ? 107 PHE A CG  1 
ATOM   708  C CD1 . PHE A 1 107 ? 4.22313   6.28953   -0.22172  1.000 13.67108 ? 107 PHE A CD1 1 
ATOM   709  C CD2 . PHE A 1 107 ? 4.78911   6.24906   -2.53413  1.000 17.57243 ? 107 PHE A CD2 1 
ATOM   710  C CE1 . PHE A 1 107 ? 5.43803   5.72031   0.08966   1.000 16.76250 ? 107 PHE A CE1 1 
ATOM   711  C CE2 . PHE A 1 107 ? 6.00291   5.67647   -2.23093  1.000 20.65918 ? 107 PHE A CE2 1 
ATOM   712  C CZ  . PHE A 1 107 ? 6.32913   5.41072   -0.91721  1.000 19.50379 ? 107 PHE A CZ  1 
ATOM   713  N N   . PHE A 1 108 ? 0.35954   9.77156   -1.53273  1.000 13.16433 ? 108 PHE A N   1 
ATOM   714  C CA  . PHE A 1 108 ? -0.94276  10.19867  -2.02695  1.000 11.47965 ? 108 PHE A CA  1 
ATOM   715  C C   . PHE A 1 108 ? -1.30284  11.55107  -1.43563  1.000 12.71706 ? 108 PHE A C   1 
ATOM   716  O O   . PHE A 1 108 ? -1.08546  11.79626  -0.24691  1.000 16.34506 ? 108 PHE A O   1 
ATOM   717  C CB  . PHE A 1 108 ? -2.01807  9.14429   -1.69586  1.000 15.63595 ? 108 PHE A CB  1 
ATOM   718  C CG  . PHE A 1 108 ? -1.71334  7.78269   -2.26553  1.000 17.49869 ? 108 PHE A CG  1 
ATOM   719  C CD1 . PHE A 1 108 ? -2.09551  7.45655   -3.55221  1.000 15.37722 ? 108 PHE A CD1 1 
ATOM   720  C CD2 . PHE A 1 108 ? -1.02194  6.84350   -1.52471  1.000 14.45914 ? 108 PHE A CD2 1 
ATOM   721  C CE1 . PHE A 1 108 ? -1.79721  6.21952   -4.08938  1.000 12.08607 ? 108 PHE A CE1 1 
ATOM   722  C CE2 . PHE A 1 108 ? -0.71282  5.59510   -2.05935  1.000 13.82556 ? 108 PHE A CE2 1 
ATOM   723  C CZ  . PHE A 1 108 ? -1.10403  5.28548   -3.34292  1.000 17.18439 ? 108 PHE A CZ  1 
ATOM   724  N N   . GLY A 1 109 ? -1.86244  12.42975  -2.26000  1.000 14.29128 ? 109 GLY A N   1 
ATOM   725  C CA  . GLY A 1 109 ? -2.15174  13.76481  -1.77240  1.000 13.82576 ? 109 GLY A CA  1 
ATOM   726  C C   . GLY A 1 109 ? -0.93042  14.62702  -1.53225  1.000 17.70478 ? 109 GLY A C   1 
ATOM   727  O O   . GLY A 1 109 ? -0.99253  15.57586  -0.74331  1.000 17.98716 ? 109 GLY A O   1 
ATOM   728  N N   . THR A 1 110 ? 0.18001   14.31654  -2.17491  1.000 16.74463 ? 110 THR A N   1 
ATOM   729  C CA  . THR A 1 110 ? 1.42429   15.06366  -2.05444  1.000 19.22071 ? 110 THR A CA  1 
ATOM   730  C C   . THR A 1 110 ? 1.57559   16.01890  -3.22426  1.000 21.44924 ? 110 THR A C   1 
ATOM   731  O O   . THR A 1 110 ? 0.87322   15.90898  -4.23230  1.000 18.93212 ? 110 THR A O   1 
ATOM   732  C CB  . THR A 1 110 ? 2.61792   14.10972  -2.03007  1.000 17.39726 ? 110 THR A CB  1 
ATOM   733  O OG1 . THR A 1 110 ? 2.71894   13.45403  -3.29738  1.000 15.55900 ? 110 THR A OG1 1 
ATOM   734  C CG2 . THR A 1 110 ? 2.47695   13.08330  -0.92925  1.000 19.41128 ? 110 THR A CG2 1 
ATOM   735  N N   . PRO A 1 111 ? 2.51147   16.96756  -3.13634  1.000 19.42037 ? 111 PRO A N   1 
ATOM   736  C CA  . PRO A 1 111 ? 2.78675   17.81282  -4.31010  1.000 18.63386 ? 111 PRO A CA  1 
ATOM   737  C C   . PRO A 1 111 ? 3.16535   17.00436  -5.54299  1.000 20.63078 ? 111 PRO A C   1 
ATOM   738  O O   . PRO A 1 111 ? 2.69578   17.29803  -6.64789  1.000 18.74341 ? 111 PRO A O   1 
ATOM   739  C CB  . PRO A 1 111 ? 3.93832   18.70066  -3.82066  1.000 22.22538 ? 111 PRO A CB  1 
ATOM   740  C CG  . PRO A 1 111 ? 3.69202   18.83316  -2.36366  1.000 21.36505 ? 111 PRO A CG  1 
ATOM   741  C CD  . PRO A 1 111 ? 3.16580   17.48178  -1.91926  1.000 18.44579 ? 111 PRO A CD  1 
ATOM   742  N N   . GLU A 1 112 ? 3.97494   15.95853  -5.36574  1.000 19.75978 ? 112 GLU A N   1 
ATOM   743  C CA  . GLU A 1 112 ? 4.41491   15.12169  -6.47316  1.000 18.71183 ? 112 GLU A CA  1 
ATOM   744  C C   . GLU A 1 112 ? 3.31320   14.19109  -6.96313  1.000 19.61043 ? 112 GLU A C   1 
ATOM   745  O O   . GLU A 1 112 ? 3.30022   13.82049  -8.14328  1.000 19.81389 ? 112 GLU A O   1 
ATOM   746  C CB  . GLU A 1 112 ? 5.63609   14.29216  -6.05519  1.000 25.33425 ? 112 GLU A CB  1 
ATOM   747  C CG  . GLU A 1 112 ? 6.78563   15.08693  -5.41548  1.000 32.84118 ? 112 GLU A CG  1 
ATOM   748  C CD  . GLU A 1 112 ? 6.51253   15.50462  -3.96848  1.000 35.53593 ? 112 GLU A CD  1 
ATOM   749  O OE1 . GLU A 1 112 ? 5.54427   14.99463  -3.37354  1.000 30.36620 ? 112 GLU A OE1 1 
ATOM   750  O OE2 . GLU A 1 112 ? 7.25923   16.36024  -3.43313  1.000 45.64020 ? 112 GLU A OE2 1 
ATOM   751  N N   . GLN A 1 113 ? 2.39697   13.79259  -6.08371  1.000 19.83252 ? 113 GLN A N   1 
ATOM   752  C CA  . GLN A 1 113 ? 1.34993   12.82622  -6.42106  1.000 19.01534 ? 113 GLN A CA  1 
ATOM   753  C C   . GLN A 1 113 ? 0.07826   13.24998  -5.70701  1.000 17.25023 ? 113 GLN A C   1 
ATOM   754  O O   . GLN A 1 113 ? -0.29503  12.69167  -4.66676  1.000 15.17708 ? 113 GLN A O   1 
ATOM   755  C CB  . GLN A 1 113 ? 1.76190   11.39766  -6.04255  1.000 18.07501 ? 113 GLN A CB  1 
ATOM   756  C CG  . GLN A 1 113 ? 1.01907   10.30821  -6.82139  1.000 19.90678 ? 113 GLN A CG  1 
ATOM   757  C CD  . GLN A 1 113 ? -0.49145  10.43832  -6.71553  1.000 18.63044 ? 113 GLN A CD  1 
ATOM   758  O OE1 . GLN A 1 113 ? -1.12386  11.19195  -7.46699  1.000 19.75167 ? 113 GLN A OE1 1 
ATOM   759  N NE2 . GLN A 1 113 ? -1.07772  9.71721   -5.77068  1.000 16.32552 ? 113 GLN A NE2 1 
ATOM   760  N N   . PRO A 1 114 ? -0.64116  14.22188  -6.26791  1.000 13.88192 ? 114 PRO A N   1 
ATOM   761  C CA  . PRO A 1 114 ? -1.77174  14.82671  -5.55353  1.000 16.86669 ? 114 PRO A CA  1 
ATOM   762  C C   . PRO A 1 114 ? -3.03553  13.98840  -5.50038  1.000 16.57710 ? 114 PRO A C   1 
ATOM   763  O O   . PRO A 1 114 ? -3.95062  14.35029  -4.75188  1.000 17.11153 ? 114 PRO A O   1 
ATOM   764  C CB  . PRO A 1 114 ? -2.02865  16.10929  -6.35885  1.000 18.48582 ? 114 PRO A CB  1 
ATOM   765  C CG  . PRO A 1 114 ? -1.62837  15.72346  -7.76134  1.000 16.95950 ? 114 PRO A CG  1 
ATOM   766  C CD  . PRO A 1 114 ? -0.40188  14.86068  -7.57870  1.000 17.84731 ? 114 PRO A CD  1 
ATOM   767  N N   . LEU A 1 115 ? -3.14649  12.91576  -6.27254  1.000 17.00265 ? 115 LEU A N   1 
ATOM   768  C CA  . LEU A 1 115 ? -4.42340  12.23076  -6.36678  1.000 18.64666 ? 115 LEU A CA  1 
ATOM   769  C C   . LEU A 1 115 ? -4.59031  11.26488  -5.19912  1.000 20.18154 ? 115 LEU A C   1 
ATOM   770  O O   . LEU A 1 115 ? -3.62158  10.71726  -4.67530  1.000 15.68972 ? 115 LEU A O   1 
ATOM   771  C CB  . LEU A 1 115 ? -4.55001  11.49854  -7.70300  1.000 17.00184 ? 115 LEU A CB  1 
ATOM   772  C CG  . LEU A 1 115 ? -4.50995  12.38959  -8.95830  1.000 21.64250 ? 115 LEU A CG  1 
ATOM   773  C CD1 . LEU A 1 115 ? -4.97738  11.62295  -10.18871 1.000 25.78056 ? 115 LEU A CD1 1 
ATOM   774  C CD2 . LEU A 1 115 ? -5.33760  13.65265  -8.77879  1.000 22.09006 ? 115 LEU A CD2 1 
ATOM   775  N N   . LYS A 1 116 ? -5.83603  11.09019  -4.76755  1.000 16.47682 ? 116 LYS A N   1 
ATOM   776  C CA  . LYS A 1 116 ? -6.13870  10.27786  -3.59354  1.000 18.88336 ? 116 LYS A CA  1 
ATOM   777  C C   . LYS A 1 116 ? -7.19314  9.24601   -3.96678  1.000 16.92522 ? 116 LYS A C   1 
ATOM   778  O O   . LYS A 1 116 ? -8.32913  9.62762   -4.31407  1.000 17.30389 ? 116 LYS A O   1 
ATOM   779  C CB  . LYS A 1 116 ? -6.61742  11.15953  -2.44001  1.000 22.85053 ? 116 LYS A CB  1 
ATOM   780  C CG  . LYS A 1 116 ? -5.57233  12.14755  -1.96107  1.000 20.43900 ? 116 LYS A CG  1 
ATOM   781  C CD  . LYS A 1 116 ? -6.08376  12.97577  -0.78470  1.000 34.53857 ? 116 LYS A CD  1 
ATOM   782  C CE  . LYS A 1 116 ? -6.81597  14.22820  -1.23820  1.000 35.05839 ? 116 LYS A CE  1 
ATOM   783  N NZ  . LYS A 1 116 ? -6.43232  15.40943  -0.39819  1.000 39.21771 ? 116 LYS A NZ  1 
ATOM   784  N N   . PRO A 1 117 ? -6.87710  7.95518   -3.93033  1.000 16.42669 ? 117 PRO A N   1 
ATOM   785  C CA  . PRO A 1 117 ? -7.87602  6.93523   -4.26181  1.000 14.92517 ? 117 PRO A CA  1 
ATOM   786  C C   . PRO A 1 117 ? -8.85360  6.73711   -3.11382  1.000 14.58580 ? 117 PRO A C   1 
ATOM   787  O O   . PRO A 1 117 ? -8.65468  7.21585   -1.99192  1.000 13.27069 ? 117 PRO A O   1 
ATOM   788  C CB  . PRO A 1 117 ? -7.03587  5.67425   -4.47759  1.000 14.81129 ? 117 PRO A CB  1 
ATOM   789  C CG  . PRO A 1 117 ? -5.89985  5.85902   -3.52802  1.000 20.62466 ? 117 PRO A CG  1 
ATOM   790  C CD  . PRO A 1 117 ? -5.58491  7.35142   -3.56039  1.000 16.79857 ? 117 PRO A CD  1 
ATOM   791  N N   . ALA A 1 118 ? -9.95006  6.05642   -3.43932  1.000 15.03963 ? 118 ALA A N   1 
ATOM   792  C CA  . ALA A 1 118 ? -10.78884 5.47144   -2.41102  1.000 14.32250 ? 118 ALA A CA  1 
ATOM   793  C C   . ALA A 1 118 ? -9.97997  4.40251   -1.68875  1.000 15.22725 ? 118 ALA A C   1 
ATOM   794  O O   . ALA A 1 118 ? -9.15825  3.71008   -2.29601  1.000 12.96739 ? 118 ALA A O   1 
ATOM   795  C CB  . ALA A 1 118 ? -12.05037 4.87256   -3.02964  1.000 14.54618 ? 118 ALA A CB  1 
ATOM   796  N N   . ARG A 1 119 ? -10.18913 4.27981   -0.38441  1.000 10.04746 ? 119 ARG A N   1 
ATOM   797  C CA  . ARG A 1 119 ? -9.37072  3.37461   0.40057   1.000 12.76423 ? 119 ARG A CA  1 
ATOM   798  C C   . ARG A 1 119 ? -10.20817 2.68274   1.46808   1.000 12.25461 ? 119 ARG A C   1 
ATOM   799  O O   . ARG A 1 119 ? -11.16544 3.25060   1.99891   1.000 12.41598 ? 119 ARG A O   1 
ATOM   800  C CB  . ARG A 1 119 ? -8.21159  4.12549   1.06378   1.000 12.35624 ? 119 ARG A CB  1 
ATOM   801  C CG  . ARG A 1 119 ? -7.17362  3.21028   1.70939   1.000 15.97802 ? 119 ARG A CG  1 
ATOM   802  C CD  . ARG A 1 119 ? -6.10613  4.01373   2.41353   1.000 18.17324 ? 119 ARG A CD  1 
ATOM   803  N NE  . ARG A 1 119 ? -6.52347  4.40703   3.75440   1.000 20.27792 ? 119 ARG A NE  1 
ATOM   804  C CZ  . ARG A 1 119 ? -5.72584  4.99769   4.63194   1.000 25.39445 ? 119 ARG A CZ  1 
ATOM   805  N NH1 . ARG A 1 119 ? -4.46438  5.27268   4.34155   1.000 24.73811 ? 119 ARG A NH1 1 
ATOM   806  N NH2 . ARG A 1 119 ? -6.20234  5.31712   5.83196   1.000 28.53401 ? 119 ARG A NH2 1 
ATOM   807  N N   . THR A 1 120 ? -9.82466  1.44750   1.77567   1.000 11.08234 ? 120 THR A N   1 
ATOM   808  C CA  . THR A 1 120 ? -10.30019 0.71877   2.94548   1.000 12.62143 ? 120 THR A CA  1 
ATOM   809  C C   . THR A 1 120 ? -9.07830  0.13669   3.63477   1.000 12.99075 ? 120 THR A C   1 
ATOM   810  O O   . THR A 1 120 ? -8.17517  -0.36662  2.95910   1.000 10.92775 ? 120 THR A O   1 
ATOM   811  C CB  . THR A 1 120 ? -11.28318 -0.41123  2.56755   1.000 15.78746 ? 120 THR A CB  1 
ATOM   812  O OG1 . THR A 1 120 ? -12.43892 0.14334   1.91561   1.000 13.67253 ? 120 THR A OG1 1 
ATOM   813  C CG2 . THR A 1 120 ? -11.73683 -1.14871  3.81570   1.000 13.46409 ? 120 THR A CG2 1 
ATOM   814  N N   . ALA A 1 121 ? -9.04568  0.21527   4.97249   1.000 11.68979 ? 121 ALA A N   1 
ATOM   815  C CA  . ALA A 1 121 ? -7.90928  -0.25749  5.75544   1.000 12.06585 ? 121 ALA A CA  1 
ATOM   816  C C   . ALA A 1 121 ? -8.42200  -0.96165  7.00049   1.000 15.44404 ? 121 ALA A C   1 
ATOM   817  O O   . ALA A 1 121 ? -9.33603  -0.45568  7.66140   1.000 17.25969 ? 121 ALA A O   1 
ATOM   818  C CB  . ALA A 1 121 ? -6.97932  0.90292   6.13758   1.000 15.70353 ? 121 ALA A CB  1 
ATOM   819  N N   . LEU A 1 122 ? -7.86265  -2.13314  7.30974   1.000 9.09369  ? 122 LEU A N   1 
ATOM   820  C CA  . LEU A 1 122 ? -8.35703  -2.90329  8.44790   1.000 12.72209 ? 122 LEU A CA  1 
ATOM   821  C C   . LEU A 1 122 ? -7.30572  -3.91210  8.88706   1.000 7.18336  ? 122 LEU A C   1 
ATOM   822  O O   . LEU A 1 122 ? -6.34016  -4.18861  8.17405   1.000 10.03800 ? 122 LEU A O   1 
ATOM   823  C CB  . LEU A 1 122 ? -9.66766  -3.61534  8.10934   1.000 14.48302 ? 122 LEU A CB  1 
ATOM   824  C CG  . LEU A 1 122 ? -9.64442  -4.43109  6.82294   1.000 15.85474 ? 122 LEU A CG  1 
ATOM   825  C CD1 . LEU A 1 122 ? -9.41756  -5.89427  7.09932   1.000 12.86667 ? 122 LEU A CD1 1 
ATOM   826  C CD2 . LEU A 1 122 ? -10.94606 -4.21864  6.09059   1.000 25.31936 ? 122 LEU A CD2 1 
ATOM   827  N N   . GLN A 1 123 ? -7.53140  -4.49418  10.05801  1.000 8.29606  ? 123 GLN A N   1 
ATOM   828  C CA  . GLN A 1 123 ? -6.60500  -5.45826  10.63724  1.000 7.03343  ? 123 GLN A CA  1 
ATOM   829  C C   . GLN A 1 123 ? -7.09212  -6.87891  10.40414  1.000 8.66380  ? 123 GLN A C   1 
ATOM   830  O O   . GLN A 1 123 ? -8.22909  -7.21167  10.74839  1.000 9.64648  ? 123 GLN A O   1 
ATOM   831  C CB  . GLN A 1 123 ? -6.42583  -5.21744  12.14338  1.000 7.90392  ? 123 GLN A CB  1 
ATOM   832  C CG  . GLN A 1 123 ? -5.29968  -6.07827  12.74894  1.000 9.97351  ? 123 GLN A CG  1 
ATOM   833  C CD  . GLN A 1 123 ? -5.05742  -5.78390  14.22499  1.000 10.97336 ? 123 GLN A CD  1 
ATOM   834  O OE1 . GLN A 1 123 ? -5.54188  -4.78636  14.75038  1.000 11.57811 ? 123 GLN A OE1 1 
ATOM   835  N NE2 . GLN A 1 123 ? -4.33400  -6.67625  14.90371  1.000 9.04407  ? 123 GLN A NE2 1 
ATOM   836  N N   . VAL A 1 124 ? -6.22066  -7.71460  9.83728   1.000 7.28788  ? 124 VAL A N   1 
ATOM   837  C CA  . VAL A 1 124 ? -6.50324  -9.13312  9.64803   1.000 8.75295  ? 124 VAL A CA  1 
ATOM   838  C C   . VAL A 1 124 ? -5.62183  -9.94752  10.58645  1.000 10.07008 ? 124 VAL A C   1 
ATOM   839  O O   . VAL A 1 124 ? -4.82018  -9.38877  11.35223  1.000 10.27387 ? 124 VAL A O   1 
ATOM   840  C CB  . VAL A 1 124 ? -6.29848  -9.56655  8.18228   1.000 9.69807  ? 124 VAL A CB  1 
ATOM   841  C CG1 . VAL A 1 124 ? -7.18534  -8.74588  7.26150   1.000 11.52459 ? 124 VAL A CG1 1 
ATOM   842  C CG2 . VAL A 1 124 ? -4.84416  -9.41331  7.79224   1.000 10.16634 ? 124 VAL A CG2 1 
ATOM   843  N N   . VAL A 1 125 ? -5.76630  -11.27633 10.53428  1.000 7.82515  ? 125 VAL A N   1 
ATOM   844  C CA  . VAL A 1 125 ? -5.03270  -12.14219 11.45531  1.000 9.21626  ? 125 VAL A CA  1 
ATOM   845  C C   . VAL A 1 125 ? -3.59096  -12.30535 11.01010  1.000 12.08277 ? 125 VAL A C   1 
ATOM   846  O O   . VAL A 1 125 ? -2.65700  -12.17943 11.81378  1.000 11.67019 ? 125 VAL A O   1 
ATOM   847  C CB  . VAL A 1 125 ? -5.72972  -13.51036 11.58312  1.000 9.38198  ? 125 VAL A CB  1 
ATOM   848  C CG1 . VAL A 1 125 ? -4.86326  -14.45716 12.39143  1.000 9.91691  ? 125 VAL A CG1 1 
ATOM   849  C CG2 . VAL A 1 125 ? -7.10643  -13.34417 12.24135  1.000 9.49643  ? 125 VAL A CG2 1 
ATOM   850  N N   . ALA A 1 126 ? -3.38449  -12.58610 9.72775   1.000 10.28281 ? 126 ALA A N   1 
ATOM   851  C CA  . ALA A 1 126 ? -2.06904  -12.97386 9.24898   1.000 12.59030 ? 126 ALA A CA  1 
ATOM   852  C C   . ALA A 1 126 ? -2.02809  -12.78555 7.74924   1.000 12.30581 ? 126 ALA A C   1 
ATOM   853  O O   . ALA A 1 126 ? -3.05943  -12.85084 7.07512   1.000 9.67764  ? 126 ALA A O   1 
ATOM   854  C CB  . ALA A 1 126 ? -1.74246  -14.43499 9.60983   1.000 9.76117  ? 126 ALA A CB  1 
ATOM   855  N N   . LEU A 1 127 ? -0.83407  -12.56344 7.24637   1.000 12.07943 ? 127 LEU A N   1 
ATOM   856  C CA  . LEU A 1 127 ? -0.52174  -12.44294 5.83488   1.000 12.47697 ? 127 LEU A CA  1 
ATOM   857  C C   . LEU A 1 127 ? 0.31443   -13.64557 5.41608   1.000 13.34266 ? 127 LEU A C   1 
ATOM   858  O O   . LEU A 1 127 ? 0.97045   -14.26112 6.26338   1.000 12.78352 ? 127 LEU A O   1 
ATOM   859  C CB  . LEU A 1 127 ? 0.23375   -11.13341 5.55964   1.000 11.22494 ? 127 LEU A CB  1 
ATOM   860  C CG  . LEU A 1 127 ? -0.57304  -9.88656  5.96014   1.000 9.01288  ? 127 LEU A CG  1 
ATOM   861  C CD1 . LEU A 1 127 ? 0.22407   -8.61122  5.76137   1.000 12.83140 ? 127 LEU A CD1 1 
ATOM   862  C CD2 . LEU A 1 127 ? -1.88229  -9.79886  5.18901   1.000 9.85675  ? 127 LEU A CD2 1 
ATOM   863  N N   . PRO A 1 128 ? 0.28898   -14.05033 4.14516   1.000 13.34210 ? 128 PRO A N   1 
ATOM   864  C CA  . PRO A 1 128 ? 0.99180   -15.29644 3.78712   1.000 14.41030 ? 128 PRO A CA  1 
ATOM   865  C C   . PRO A 1 128 ? 2.51327   -15.20758 3.92245   1.000 19.66090 ? 128 PRO A C   1 
ATOM   866  O O   . PRO A 1 128 ? 3.17054   -16.24717 4.07216   1.000 18.20086 ? 128 PRO A O   1 
ATOM   867  C CB  . PRO A 1 128 ? 0.55554   -15.56084 2.33856   1.000 18.77277 ? 128 PRO A CB  1 
ATOM   868  C CG  . PRO A 1 128 ? -0.15108  -14.37510 1.87138   1.000 16.87011 ? 128 PRO A CG  1 
ATOM   869  C CD  . PRO A 1 128 ? -0.56097  -13.54102 3.05047   1.000 13.03979 ? 128 PRO A CD  1 
ATOM   870  N N   . LEU A 1 129 ? 3.07802   -14.01105 3.92302   1.000 17.74530 ? 129 LEU A N   1 
ATOM   871  C CA  . LEU A 1 129 ? 4.52323   -13.81780 3.99110   1.000 18.74899 ? 129 LEU A CA  1 
ATOM   872  C C   . LEU A 1 129 ? 4.94607   -13.59024 5.44164   1.000 21.86665 ? 129 LEU A C   1 
ATOM   873  O O   . LEU A 1 129 ? 4.47608   -12.62476 6.06519   1.000 17.55311 ? 129 LEU A O   1 
ATOM   874  C CB  . LEU A 1 129 ? 4.92452   -12.62470 3.12331   1.000 15.98620 ? 129 LEU A CB  1 
ATOM   875  C CG  . LEU A 1 129 ? 6.38667   -12.19466 3.01508   1.000 18.78639 ? 129 LEU A CG  1 
ATOM   876  C CD1 . LEU A 1 129 ? 7.22506   -13.35597 2.52195   1.000 25.91189 ? 129 LEU A CD1 1 
ATOM   877  C CD2 . LEU A 1 129 ? 6.53946   -10.97978 2.09374   1.000 17.63375 ? 129 LEU A CD2 1 
ATOM   878  N N   . PRO A 1 130 ? 5.80058   -14.44300 6.01788   1.000 18.72112 ? 130 PRO A N   1 
ATOM   879  C CA  . PRO A 1 130 ? 6.25926   -14.20902 7.39282   1.000 20.88595 ? 130 PRO A CA  1 
ATOM   880  C C   . PRO A 1 130 ? 7.00551   -12.89019 7.50997   1.000 15.33804 ? 130 PRO A C   1 
ATOM   881  O O   . PRO A 1 130 ? 7.83909   -12.55423 6.67117   1.000 16.40859 ? 130 PRO A O   1 
ATOM   882  C CB  . PRO A 1 130 ? 7.19416   -15.39788 7.66364   1.000 22.05675 ? 130 PRO A CB  1 
ATOM   883  C CG  . PRO A 1 130 ? 6.81627   -16.41505 6.68347   1.000 22.59824 ? 130 PRO A CG  1 
ATOM   884  C CD  . PRO A 1 130 ? 6.35625   -15.68684 5.46002   1.000 22.20851 ? 130 PRO A CD  1 
ATOM   885  N N   . GLY A 1 131 ? 6.70212   -12.14342 8.56471   1.000 15.73064 ? 131 GLY A N   1 
ATOM   886  C CA  . GLY A 1 131 ? 7.34837   -10.86824 8.81603   1.000 19.32384 ? 131 GLY A CA  1 
ATOM   887  C C   . GLY A 1 131 ? 6.61910   -9.66630  8.24554   1.000 15.01358 ? 131 GLY A C   1 
ATOM   888  O O   . GLY A 1 131 ? 6.89123   -8.53058  8.65977   1.000 14.20710 ? 131 GLY A O   1 
ATOM   889  N N   . ALA A 1 132 ? 5.69581   -9.88624  7.31934   1.000 13.72944 ? 132 ALA A N   1 
ATOM   890  C CA  . ALA A 1 132 ? 4.96571   -8.79486  6.69121   1.000 14.35797 ? 132 ALA A CA  1 
ATOM   891  C C   . ALA A 1 132 ? 3.88554   -8.25781  7.62854   1.000 13.27729 ? 132 ALA A C   1 
ATOM   892  O O   . ALA A 1 132 ? 3.13936   -9.02625  8.23950   1.000 14.72182 ? 132 ALA A O   1 
ATOM   893  C CB  . ALA A 1 132 ? 4.35331   -9.27236  5.37588   1.000 13.94021 ? 132 ALA A CB  1 
ATOM   894  N N   . LEU A 1 133 ? 3.79979   -6.92879  7.73034   1.000 10.42450 ? 133 LEU A N   1 
ATOM   895  C CA  . LEU A 1 133 ? 2.78536   -6.26540  8.53100   1.000 11.06206 ? 133 LEU A CA  1 
ATOM   896  C C   . LEU A 1 133 ? 1.70207   -5.61383  7.68754   1.000 12.96412 ? 133 LEU A C   1 
ATOM   897  O O   . LEU A 1 133 ? 0.67848   -5.20231  8.24157   1.000 11.25692 ? 133 LEU A O   1 
ATOM   898  C CB  . LEU A 1 133 ? 3.42344   -5.20491  9.44249   1.000 11.54461 ? 133 LEU A CB  1 
ATOM   899  C CG  . LEU A 1 133 ? 4.41203   -5.71350  10.49935  1.000 14.71454 ? 133 LEU A CG  1 
ATOM   900  C CD1 . LEU A 1 133 ? 5.16418   -4.54274  11.12944  1.000 12.00053 ? 133 LEU A CD1 1 
ATOM   901  C CD2 . LEU A 1 133 ? 3.70666   -6.50535  11.58864  1.000 15.59886 ? 133 LEU A CD2 1 
ATOM   902  N N   . ILE A 1 134 ? 1.87712   -5.55452  6.37204   1.000 9.71504  ? 134 ILE A N   1 
ATOM   903  C CA  . ILE A 1 134 ? 0.91982   -4.89738  5.48620   1.000 10.82754 ? 134 ILE A CA  1 
ATOM   904  C C   . ILE A 1 134 ? 0.91882   -5.63438  4.15848   1.000 11.13397 ? 134 ILE A C   1 
ATOM   905  O O   . ILE A 1 134 ? 1.95856   -6.12723  3.70048   1.000 11.43959 ? 134 ILE A O   1 
ATOM   906  C CB  . ILE A 1 134 ? 1.26526   -3.39367  5.32206   1.000 9.72032  ? 134 ILE A CB  1 
ATOM   907  C CG1 . ILE A 1 134 ? 0.34692   -2.69301  4.33132   1.000 9.92554  ? 134 ILE A CG1 1 
ATOM   908  C CG2 . ILE A 1 134 ? 2.75038   -3.19366  4.90518   1.000 12.50716 ? 134 ILE A CG2 1 
ATOM   909  C CD1 . ILE A 1 134 ? 0.63046   -1.18661  4.25627   1.000 11.81624 ? 134 ILE A CD1 1 
ATOM   910  N N   . GLU A 1 135 ? -0.26731  -5.74899  3.56544   1.000 10.10377 ? 135 GLU A N   1 
ATOM   911  C CA  . GLU A 1 135 ? -0.43484  -6.15770  2.17589   1.000 9.62155  ? 135 GLU A CA  1 
ATOM   912  C C   . GLU A 1 135 ? -1.44462  -5.21427  1.53852   1.000 11.51182 ? 135 GLU A C   1 
ATOM   913  O O   . GLU A 1 135 ? -2.45788  -4.88236  2.15937   1.000 10.96943 ? 135 GLU A O   1 
ATOM   914  C CB  . GLU A 1 135 ? -0.93204  -7.60887  2.07411   1.000 11.97399 ? 135 GLU A CB  1 
ATOM   915  C CG  . GLU A 1 135 ? -1.12261  -8.08267  0.64686   1.000 11.98032 ? 135 GLU A CG  1 
ATOM   916  C CD  . GLU A 1 135 ? -1.25580  -9.58810  0.53061   1.000 15.77828 ? 135 GLU A CD  1 
ATOM   917  O OE1 . GLU A 1 135 ? -1.16529  -10.28385 1.55502   1.000 14.40085 ? 135 GLU A OE1 1 
ATOM   918  O OE2 . GLU A 1 135 ? -1.43777  -10.07712 -0.60104  1.000 19.45980 ? 135 GLU A OE2 1 
ATOM   919  N N   . VAL A 1 136 ? -1.18071  -4.77086  0.30925   1.000 11.11609 ? 136 VAL A N   1 
ATOM   920  C CA  . VAL A 1 136 ? -2.02327  -3.76095  -0.32752  1.000 10.25406 ? 136 VAL A CA  1 
ATOM   921  C C   . VAL A 1 136 ? -2.50402  -4.29505  -1.66933  1.000 14.11534 ? 136 VAL A C   1 
ATOM   922  O O   . VAL A 1 136 ? -1.71342  -4.83374  -2.44732  1.000 13.89371 ? 136 VAL A O   1 
ATOM   923  C CB  . VAL A 1 136 ? -1.28533  -2.41697  -0.49506  1.000 11.27777 ? 136 VAL A CB  1 
ATOM   924  C CG1 . VAL A 1 136 ? -2.14458  -1.43102  -1.25796  1.000 15.45185 ? 136 VAL A CG1 1 
ATOM   925  C CG2 . VAL A 1 136 ? -0.94627  -1.83382  0.88343   1.000 10.83146 ? 136 VAL A CG2 1 
ATOM   926  N N   . GLU A 1 137 ? -3.79733  -4.14251  -1.92747  1.000 11.25559 ? 137 GLU A N   1 
ATOM   927  C CA  . GLU A 1 137 ? -4.47002  -4.54259  -3.15206  1.000 16.31547 ? 137 GLU A CA  1 
ATOM   928  C C   . GLU A 1 137 ? -4.92696  -3.27435  -3.86989  1.000 16.31422 ? 137 GLU A C   1 
ATOM   929  O O   . GLU A 1 137 ? -5.27486  -2.28734  -3.22188  1.000 14.70417 ? 137 GLU A O   1 
ATOM   930  C CB  . GLU A 1 137 ? -5.67211  -5.43754  -2.78282  1.000 16.10488 ? 137 GLU A CB  1 
ATOM   931  C CG  . GLU A 1 137 ? -6.27963  -6.22579  -3.87809  1.000 28.21841 ? 137 GLU A CG  1 
ATOM   932  C CD  . GLU A 1 137 ? -7.42888  -7.05819  -3.35676  1.000 19.35395 ? 137 GLU A CD  1 
ATOM   933  O OE1 . GLU A 1 137 ? -7.80309  -6.88091  -2.15970  1.000 23.23709 ? 137 GLU A OE1 1 
ATOM   934  O OE2 . GLU A 1 137 ? -7.95309  -7.88451  -4.12249  1.000 31.19301 ? 137 GLU A OE2 1 
ATOM   935  N N   . ALA A 1 138 ? -4.92800  -3.26524  -5.20369  1.000 12.25276 ? 138 ALA A N   1 
ATOM   936  C CA  . ALA A 1 138 ? -5.31225  -2.00950  -5.84103  1.000 13.02728 ? 138 ALA A CA  1 
ATOM   937  C C   . ALA A 1 138 ? -6.03402  -2.24241  -7.16293  1.000 16.11788 ? 138 ALA A C   1 
ATOM   938  O O   . ALA A 1 138 ? -5.86611  -3.27142  -7.82507  1.000 13.99364 ? 138 ALA A O   1 
ATOM   939  C CB  . ALA A 1 138 ? -4.10325  -1.10243  -6.06270  1.000 14.66233 ? 138 ALA A CB  1 
ATOM   940  N N   . VAL A 1 139 ? -6.85124  -1.25421  -7.53376  1.000 12.73282 ? 139 VAL A N   1 
ATOM   941  C CA  . VAL A 1 139 ? -7.40096  -1.14894  -8.87985  1.000 13.36713 ? 139 VAL A CA  1 
ATOM   942  C C   . VAL A 1 139 ? -7.02907  0.22192   -9.42134  1.000 12.29865 ? 139 VAL A C   1 
ATOM   943  O O   . VAL A 1 139 ? -7.16597  1.23737   -8.72105  1.000 14.41290 ? 139 VAL A O   1 
ATOM   944  C CB  . VAL A 1 139 ? -8.92846  -1.34820  -8.93367  1.000 17.63149 ? 139 VAL A CB  1 
ATOM   945  C CG1 . VAL A 1 139 ? -9.39314  -1.25739  -10.37126 1.000 18.41970 ? 139 VAL A CG1 1 
ATOM   946  C CG2 . VAL A 1 139 ? -9.31124  -2.69642  -8.35571  1.000 20.06495 ? 139 VAL A CG2 1 
ATOM   947  N N   . ALA A 1 140 ? -6.54913  0.23270   -10.66878 1.000 15.85792 ? 140 ALA A N   1 
ATOM   948  C CA  . ALA A 1 140 ? -6.10618  1.42772   -11.36840 1.000 12.92594 ? 140 ALA A CA  1 
ATOM   949  C C   . ALA A 1 140 ? -6.92357  1.56710   -12.64477 1.000 18.65589 ? 140 ALA A C   1 
ATOM   950  O O   . ALA A 1 140 ? -7.57699  0.62127   -13.08324 1.000 16.62973 ? 140 ALA A O   1 
ATOM   951  C CB  . ALA A 1 140 ? -4.60885  1.35405   -11.69122 1.000 15.58998 ? 140 ALA A CB  1 
ATOM   952  N N   . ALA A 1 141 ? -6.91038  2.75870   -13.23674 1.000 17.83573 ? 141 ALA A N   1 
ATOM   953  C CA  . ALA A 1 141 ? -7.66095  2.98857   -14.46187 1.000 17.94870 ? 141 ALA A CA  1 
ATOM   954  C C   . ALA A 1 141 ? -6.77554  3.68323   -15.48514 1.000 20.04113 ? 141 ALA A C   1 
ATOM   955  O O   . ALA A 1 141 ? -5.97483  4.55693   -15.14157 1.000 21.78151 ? 141 ALA A O   1 
ATOM   956  C CB  . ALA A 1 141 ? -8.92467  3.82419   -14.20388 1.000 19.17514 ? 141 ALA A CB  1 
ATOM   957  N N   . ARG A 1 142 ? -6.93102  3.27875   -16.74036 1.000 21.76289 ? 142 ARG A N   1 
ATOM   958  C CA  . ARG A 1 142 ? -6.24153  3.86642   -17.88087 1.000 27.46232 ? 142 ARG A CA  1 
ATOM   959  C C   . ARG A 1 142 ? -7.28023  4.57038   -18.74523 1.000 30.41299 ? 142 ARG A C   1 
ATOM   960  O O   . ARG A 1 142 ? -8.18552  3.92063   -19.28721 1.000 29.58828 ? 142 ARG A O   1 
ATOM   961  C CB  . ARG A 1 142 ? -5.50492  2.78824   -18.67808 1.000 24.66633 ? 142 ARG A CB  1 
ATOM   962  C CG  . ARG A 1 142 ? -5.17939  3.17512   -20.09744 1.000 31.05591 ? 142 ARG A CG  1 
ATOM   963  C CD  . ARG A 1 142 ? -3.69244  3.13468   -20.31519 1.000 31.31693 ? 142 ARG A CD  1 
ATOM   964  N NE  . ARG A 1 142 ? -3.10610  1.86368   -19.90589 1.000 34.87828 ? 142 ARG A NE  1 
ATOM   965  C CZ  . ARG A 1 142 ? -1.80624  1.68180   -19.71560 1.000 31.84083 ? 142 ARG A CZ  1 
ATOM   966  N NH1 . ARG A 1 142 ? -0.93852  2.66480   -19.90513 1.000 34.07704 ? 142 ARG A NH1 1 
ATOM   967  N NH2 . ARG A 1 142 ? -1.36668  0.49560   -19.30210 1.000 31.89733 ? 142 ARG A NH2 1 
ATOM   968  N N   . SER A 1 143 ? -7.16194  5.89045   -18.85363 1.000 29.64907 ? 143 SER A N   1 
ATOM   969  C CA  . SER A 1 143 ? -8.13536  6.67866   -19.59358 1.000 38.87317 ? 143 SER A CA  1 
ATOM   970  C C   . SER A 1 143 ? -8.05341  6.38951   -21.09225 1.000 39.36432 ? 143 SER A C   1 
ATOM   971  O O   . SER A 1 143 ? -7.06573  5.85166   -21.60085 1.000 35.97174 ? 143 SER A O   1 
ATOM   972  C CB  . SER A 1 143 ? -7.91794  8.16538   -19.33079 1.000 43.74851 ? 143 SER A CB  1 
ATOM   973  O OG  . SER A 1 143 ? -6.53533  8.46142   -19.28440 1.000 45.83850 ? 143 SER A OG  1 
ATOM   974  N N   . ALA A 1 144 ? -9.11373  6.76317   -21.80252 1.000 43.24371 ? 144 ALA A N   1 
ATOM   975  C CA  . ALA A 1 144 ? -9.21693  6.47937   -23.23370 1.000 47.49011 ? 144 ALA A CA  1 
ATOM   976  C C   . ALA A 1 144 ? -8.19389  7.26087   -24.06428 1.000 46.57980 ? 144 ALA A C   1 
ATOM   977  O O   . ALA A 1 144 ? -7.47038  8.11457   -23.54771 1.000 47.09437 ? 144 ALA A O   1 
ATOM   978  C CB  . ALA A 1 144 ? -10.62545 6.77614   -23.72195 1.000 44.28715 ? 144 ALA A CB  1 
HETATM 979  O O   . HOH B 2 .   ? -20.06601 11.79818  -2.13760  1.000 38.79947 ? 201 HOH A O   1 
HETATM 980  O O   . HOH B 2 .   ? 16.60885  -4.69251  10.83745  1.000 25.91533 ? 202 HOH A O   1 
HETATM 981  O O   . HOH B 2 .   ? -16.37162 0.10617   -19.47479 0.33  18.61864 ? 203 HOH A O   1 
HETATM 982  O O   . HOH B 2 .   ? -1.91966  -12.55070 -0.72701  1.000 16.89330 ? 204 HOH A O   1 
HETATM 983  O O   . HOH B 2 .   ? -6.41544  -8.50158  -6.04934  1.000 30.11390 ? 205 HOH A O   1 
HETATM 984  O O   . HOH B 2 .   ? 10.93708  -6.51589  19.30306  1.000 32.92746 ? 206 HOH A O   1 
HETATM 985  O O   . HOH B 2 .   ? 9.32734   0.84259   15.39813  1.000 24.21739 ? 207 HOH A O   1 
HETATM 986  O O   . HOH B 2 .   ? 6.21272   15.06784  -0.87361  1.000 43.49824 ? 208 HOH A O   1 
HETATM 987  O O   . HOH B 2 .   ? -11.31814 7.34418   -20.57319 1.000 35.57094 ? 209 HOH A O   1 
HETATM 988  O O   . HOH B 2 .   ? -3.77019  -0.66050  -19.87748 1.000 43.04751 ? 210 HOH A O   1 
HETATM 989  O O   . HOH B 2 .   ? 5.03244   14.62664  -9.92490  1.000 37.21392 ? 211 HOH A O   1 
HETATM 990  O O   . HOH B 2 .   ? 20.38330  -6.09795  10.88183  1.000 26.73034 ? 212 HOH A O   1 
HETATM 991  O O   . HOH B 2 .   ? -19.77013 10.31984  -10.47851 1.000 42.99100 ? 213 HOH A O   1 
HETATM 992  O O   . HOH B 2 .   ? 3.10764   -11.77184 8.14987   1.000 20.56699 ? 214 HOH A O   1 
HETATM 993  O O   . HOH B 2 .   ? -3.25536  1.92062   16.17307  1.000 29.68289 ? 215 HOH A O   1 
HETATM 994  O O   . HOH B 2 .   ? 16.93023  -10.62379 5.68985   1.000 25.50194 ? 216 HOH A O   1 
HETATM 995  O O   . HOH B 2 .   ? 10.42342  -3.02046  3.45323   1.000 20.52104 ? 217 HOH A O   1 
HETATM 996  O O   . HOH B 2 .   ? 4.62272   -1.11796  13.31745  1.000 14.99956 ? 218 HOH A O   1 
HETATM 997  O O   . HOH B 2 .   ? -14.55891 0.85015   -17.35228 1.000 25.54332 ? 219 HOH A O   1 
HETATM 998  O O   . HOH B 2 .   ? -0.25848  11.99714  -9.88233  1.000 23.75757 ? 220 HOH A O   1 
HETATM 999  O O   . HOH B 2 .   ? -3.29249  -9.10029  13.56180  1.000 10.47493 ? 221 HOH A O   1 
HETATM 1000 O O   . HOH B 2 .   ? -6.05965  7.32985   -14.69398 1.000 25.80012 ? 222 HOH A O   1 
HETATM 1001 O O   . HOH B 2 .   ? 0.05567   13.68533  1.77634   1.000 21.01620 ? 223 HOH A O   1 
HETATM 1002 O O   . HOH B 2 .   ? 9.49159   -13.48845 4.66474   1.000 22.53893 ? 224 HOH A O   1 
HETATM 1003 O O   . HOH B 2 .   ? -2.00076  -4.95068  24.07066  1.000 33.78749 ? 225 HOH A O   1 
HETATM 1004 O O   . HOH B 2 .   ? 4.51951   11.32733  -3.43377  1.000 23.12537 ? 226 HOH A O   1 
HETATM 1005 O O   . HOH B 2 .   ? 12.29324  -8.30900  -1.49086  1.000 34.26241 ? 227 HOH A O   1 
HETATM 1006 O O   . HOH B 2 .   ? 6.64935   8.64270   11.95657  1.000 38.18160 ? 228 HOH A O   1 
HETATM 1007 O O   . HOH B 2 .   ? -16.51485 10.37154  -7.53218  1.000 28.42515 ? 229 HOH A O   1 
HETATM 1008 O O   . HOH B 2 .   ? -10.08472 -0.33835  -23.77498 1.000 32.94060 ? 230 HOH A O   1 
HETATM 1009 O O   . HOH B 2 .   ? 6.87245   11.97211  -0.21558  1.000 33.45627 ? 231 HOH A O   1 
HETATM 1010 O O   . HOH B 2 .   ? 17.90441  -15.93857 8.27755   1.000 26.10973 ? 232 HOH A O   1 
HETATM 1011 O O   . HOH B 2 .   ? 1.13658   -12.65982 9.24193   1.000 25.93801 ? 233 HOH A O   1 
HETATM 1012 O O   . HOH B 2 .   ? 5.23197   2.93404   15.03373  1.000 26.54483 ? 234 HOH A O   1 
HETATM 1013 O O   . HOH B 2 .   ? -17.56272 11.82965  -3.02079  1.000 35.62242 ? 235 HOH A O   1 
HETATM 1014 O O   . HOH B 2 .   ? 5.34024   2.21425   12.08835  1.000 18.01915 ? 236 HOH A O   1 
HETATM 1015 O O   . HOH B 2 .   ? 0.31179   -2.66643  11.67259  1.000 11.93555 ? 237 HOH A O   1 
HETATM 1016 O O   . HOH B 2 .   ? 9.86722   -1.28273  -2.78242  1.000 23.70032 ? 238 HOH A O   1 
HETATM 1017 O O   . HOH B 2 .   ? 8.16500   -9.56780  -1.15170  1.000 33.87838 ? 239 HOH A O   1 
HETATM 1018 O O   . HOH B 2 .   ? 12.75521  -12.72395 4.76539   1.000 26.60762 ? 240 HOH A O   1 
HETATM 1019 O O   . HOH B 2 .   ? -9.23769  3.91204   4.49744   1.000 23.32969 ? 241 HOH A O   1 
HETATM 1020 O O   . HOH B 2 .   ? 25.30963  -9.90054  8.78587   1.000 27.79814 ? 242 HOH A O   1 
HETATM 1021 O O   . HOH B 2 .   ? -0.50106  -11.69970 -3.98971  1.000 26.83562 ? 243 HOH A O   1 
HETATM 1022 O O   . HOH B 2 .   ? -4.25703  7.85466   -6.73977  1.000 23.31110 ? 244 HOH A O   1 
HETATM 1023 O O   . HOH B 2 .   ? 11.97162  -1.49298  0.31652   1.000 35.62756 ? 245 HOH A O   1 
HETATM 1024 O O   . HOH B 2 .   ? 4.20777   -8.75167  -3.39970  1.000 19.77307 ? 246 HOH A O   1 
HETATM 1025 O O   . HOH B 2 .   ? 7.11614   -3.40486  14.11027  1.000 25.51967 ? 247 HOH A O   1 
HETATM 1026 O O   . HOH B 2 .   ? 11.73655  -0.08958  10.72328  1.000 19.99727 ? 248 HOH A O   1 
HETATM 1027 O O   . HOH B 2 .   ? 21.40148  -4.14871  9.12910   1.000 27.02115 ? 249 HOH A O   1 
HETATM 1028 O O   . HOH B 2 .   ? -4.62723  7.23909   -17.36609 1.000 30.81916 ? 250 HOH A O   1 
HETATM 1029 O O   . HOH B 2 .   ? 3.74876   3.97113   15.27792  1.000 59.06881 ? 251 HOH A O   1 
HETATM 1030 O O   . HOH B 2 .   ? 9.02053   9.45154   10.14741  1.000 23.75422 ? 252 HOH A O   1 
HETATM 1031 O O   . HOH B 2 .   ? 10.14615  -6.31687  -6.09996  1.000 43.64356 ? 253 HOH A O   1 
HETATM 1032 O O   . HOH B 2 .   ? -1.13353  18.17250  -2.23049  1.000 49.91089 ? 254 HOH A O   1 
HETATM 1033 O O   . HOH B 2 .   ? -14.03452 10.98317  -9.05242  1.000 25.75038 ? 255 HOH A O   1 
HETATM 1034 O O   . HOH B 2 .   ? 2.34278   -16.10302 8.20653   1.000 35.57941 ? 256 HOH A O   1 
HETATM 1035 O O   . HOH B 2 .   ? -1.85819  3.78258   15.64281  1.000 24.03218 ? 257 HOH A O   1 
HETATM 1036 O O   . HOH B 2 .   ? 5.81824   -5.49048  15.16525  1.000 23.21382 ? 258 HOH A O   1 
HETATM 1037 O O   . HOH B 2 .   ? 3.90515   9.50831   -4.65094  1.000 31.41370 ? 259 HOH A O   1 
HETATM 1038 O O   . HOH B 2 .   ? 14.64377  -2.85435  9.05612   1.000 32.94414 ? 260 HOH A O   1 
HETATM 1039 O O   . HOH B 2 .   ? 11.62315  0.30799   -1.73093  1.000 34.41768 ? 261 HOH A O   1 
HETATM 1040 O O   . HOH B 2 .   ? 11.86063  -8.70505  14.13810  1.000 16.64233 ? 262 HOH A O   1 
HETATM 1041 O O   . HOH B 2 .   ? 0.42347   9.70386   -11.24088 1.000 28.57272 ? 263 HOH A O   1 
HETATM 1042 O O   . HOH B 2 .   ? 7.59759   -13.29426 12.00313  1.000 29.89741 ? 264 HOH A O   1 
HETATM 1043 O O   . HOH B 2 .   ? -9.42138  -4.29881  -5.48363  1.000 37.20481 ? 265 HOH A O   1 
HETATM 1044 O O   . HOH B 2 .   ? 11.14669  1.78917   -6.16888  1.000 33.02279 ? 266 HOH A O   1 
HETATM 1045 O O   . HOH B 2 .   ? 1.88623   4.96333   15.94761  1.000 46.63503 ? 267 HOH A O   1 
HETATM 1046 O O   . HOH B 2 .   ? 14.49336  -17.01650 10.92780  1.000 29.50504 ? 268 HOH A O   1 
HETATM 1047 O O   . HOH B 2 .   ? -7.20280  8.85557   -8.38234  1.000 36.23509 ? 269 HOH A O   1 
HETATM 1048 O O   . HOH B 2 .   ? 10.08585  -1.79555  -12.71148 1.000 39.28558 ? 270 HOH A O   1 
HETATM 1049 O O   . HOH B 2 .   ? 9.15532   3.29900   -7.17956  1.000 30.53851 ? 271 HOH A O   1 
HETATM 1050 O O   . HOH B 2 .   ? -13.36438 13.07215  -0.39232  1.000 40.23605 ? 272 HOH A O   1 
HETATM 1051 O O   . HOH B 2 .   ? 22.04876  -12.58629 6.40687   1.000 35.62579 ? 273 HOH A O   1 
HETATM 1052 O O   . HOH B 2 .   ? -17.10261 7.18507   -20.76602 1.000 33.58728 ? 274 HOH A O   1 
HETATM 1053 O O   . HOH B 2 .   ? 5.33000   11.10049  7.42724   1.000 25.83654 ? 275 HOH A O   1 
HETATM 1054 O O   . HOH B 2 .   ? -9.44979  2.58394   -22.86119 1.000 36.31004 ? 276 HOH A O   1 
HETATM 1055 O O   . HOH B 2 .   ? -15.77251 2.24566   -15.37309 1.000 30.32038 ? 277 HOH A O   1 
HETATM 1056 O O   . HOH B 2 .   ? 2.59208   11.49367  -10.20680 1.000 46.47533 ? 278 HOH A O   1 
HETATM 1057 O O   . HOH B 2 .   ? -7.83915  13.49610  -5.46585  1.000 28.38538 ? 279 HOH A O   1 
HETATM 1058 O O   . HOH B 2 .   ? 8.55887   8.96075   -3.05661  1.000 33.00330 ? 280 HOH A O   1 
HETATM 1059 O O   . HOH B 2 .   ? 4.22772   8.87678   -7.80356  1.000 40.38993 ? 281 HOH A O   1 
HETATM 1060 O O   . HOH B 2 .   ? -15.44236 12.19029  -2.99411  1.000 47.45128 ? 282 HOH A O   1 
HETATM 1061 O O   . HOH B 2 .   ? 6.28573   3.57787   13.44946  1.000 41.24256 ? 283 HOH A O   1 
HETATM 1062 O O   . HOH B 2 .   ? -9.15955  4.29764   7.15953   1.000 27.62890 ? 284 HOH A O   1 
HETATM 1063 O O   . HOH B 2 .   ? 4.58633   -7.90240  15.20440  1.000 34.15869 ? 285 HOH A O   1 
HETATM 1064 O O   . HOH B 2 .   ? 18.46637  -3.33076  0.92111   1.000 42.12269 ? 286 HOH A O   1 
HETATM 1065 O O   . HOH B 2 .   ? 9.76126   5.22712   12.04071  1.000 28.54204 ? 287 HOH A O   1 
HETATM 1066 O O   . HOH B 2 .   ? 9.14305   6.62846   12.95579  1.000 40.53795 ? 288 HOH A O   1 
HETATM 1067 O O   . HOH B 2 .   ? -8.61855  10.18372  -7.83333  1.000 34.82194 ? 289 HOH A O   1 
HETATM 1068 O O   . HOH B 2 .   ? 1.60939   16.12442  1.67531   1.000 43.69966 ? 290 HOH A O   1 
HETATM 1069 O O   . HOH B 2 .   ? 10.56042  -8.14398  16.74956  1.000 35.35819 ? 291 HOH A O   1 
HETATM 1070 O O   . HOH B 2 .   ? 23.56356  -12.09885 7.76458   1.000 40.79993 ? 292 HOH A O   1 
HETATM 1071 O O   . HOH B 2 .   ? 8.40396   8.89822   -1.36255  1.000 32.03816 ? 293 HOH A O   1 
HETATM 1072 O O   . HOH B 2 .   ? 4.41745   7.71645   13.35948  1.000 38.93409 ? 294 HOH A O   1 
HETATM 1073 O O   . HOH B 2 .   ? -15.90233 -0.59535  -17.56862 0.33  32.66830 ? 295 HOH A O   1 
HETATM 1074 O O   . HOH B 2 .   ? 11.23221  -7.13530  15.80495  1.000 35.67058 ? 296 HOH A O   1 
HETATM 1075 O O   . HOH B 2 .   ? 19.59941  -7.38414  12.60901  1.000 55.16416 ? 297 HOH A O   1 
HETATM 1076 O O   . HOH B 2 .   ? 15.98629  -12.15550 4.37048   1.000 43.88764 ? 298 HOH A O   1 
HETATM 1077 O O   . HOH B 2 .   ? 12.13182  -0.29997  2.53533   1.000 28.50213 ? 299 HOH A O   1 
HETATM 1078 O O   . HOH B 2 .   ? 18.15590  -6.16889  -0.13410  1.000 52.09335 ? 300 HOH A O   1 
HETATM 1079 O O   . HOH B 2 .   ? 10.78397  0.17972   -12.78324 1.000 38.10062 ? 301 HOH A O   1 
HETATM 1080 O O   . HOH B 2 .   ? -8.19637  -1.37691  17.77736  1.000 30.27217 ? 302 HOH A O   1 
HETATM 1081 O O   . HOH B 2 .   ? 2.63288   -14.11279 10.44830  1.000 37.64420 ? 303 HOH A O   1 
HETATM 1082 O O   . HOH B 2 .   ? 1.72653   -13.36444 -3.28865  1.000 43.77285 ? 304 HOH A O   1 
HETATM 1083 O O   . HOH B 2 .   ? -15.36008 14.66442  1.33865   1.000 52.84306 ? 305 HOH A O   1 
HETATM 1084 O O   . HOH B 2 .   ? -10.29618 5.63107   9.05934   1.000 35.86709 ? 306 HOH A O   1 
# 
